data_2MKK
#
_entry.id   2MKK
#
loop_
_entity.id
_entity.type
_entity.pdbx_description
1 polymer 'Cytoplasmic polyadenylation element-binding protein 1'
2 polymer "RNA (5'-R(*UP*UP*UP*UP*A)-3')"
#
loop_
_entity_poly.entity_id
_entity_poly.type
_entity_poly.pdbx_seq_one_letter_code
_entity_poly.pdbx_strand_id
1 'polypeptide(L)'
;MTWSGQLPPRNYKNPIYSCKVFLGGVPWDITEAGLVNTFRVFGSLSVEWPGKDGKHPRCPPKGYVYLVFELEKSVRSLLQ
ACSHDPLSPDGLSEYYFKMSSRRMRCKEVQVIPWVLADSNFVRSPSQRLDPSRTVFVGALHGMLNAEALAAILNDLFGGV
VYAGIDTDKHKYPIGSGRVTFNNQRSYLKAVSAAFVEIKTTKFTKKVQIDPYL
;
A
2 'polyribonucleotide' UUUUA B
#
# COMPACT_ATOMS: atom_id res chain seq x y z
N MET A 1 7.41 24.06 -3.94
CA MET A 1 6.27 23.45 -4.66
C MET A 1 5.76 22.22 -3.89
N THR A 2 4.99 22.45 -2.84
CA THR A 2 4.43 21.38 -2.01
C THR A 2 3.02 21.75 -1.56
N TRP A 3 2.18 20.73 -1.32
CA TRP A 3 0.83 20.94 -0.82
C TRP A 3 0.35 19.73 -0.02
N SER A 4 -0.69 19.92 0.79
CA SER A 4 -1.24 18.85 1.61
C SER A 4 -2.75 19.04 1.85
N GLY A 5 -3.46 17.94 2.09
CA GLY A 5 -4.87 17.99 2.43
C GLY A 5 -5.79 18.36 1.25
N GLN A 6 -5.25 18.45 0.04
CA GLN A 6 -6.03 18.84 -1.14
C GLN A 6 -6.57 17.62 -1.88
N LEU A 7 -6.61 16.45 -1.21
CA LEU A 7 -7.11 15.24 -1.81
C LEU A 7 -8.61 15.35 -2.06
N PRO A 8 -9.18 14.56 -2.99
CA PRO A 8 -10.58 14.60 -3.34
C PRO A 8 -11.49 14.43 -2.12
N PRO A 9 -12.68 15.06 -2.13
CA PRO A 9 -13.64 15.01 -1.05
C PRO A 9 -14.44 13.71 -1.03
N ARG A 10 -14.22 12.83 -2.02
CA ARG A 10 -14.96 11.58 -2.13
C ARG A 10 -14.51 10.59 -1.06
N ASN A 11 -15.47 9.95 -0.40
CA ASN A 11 -15.23 8.94 0.62
C ASN A 11 -16.33 7.88 0.55
N TYR A 12 -16.08 6.71 1.14
CA TYR A 12 -17.06 5.63 1.21
C TYR A 12 -16.85 4.80 2.47
N LYS A 13 -17.92 4.19 2.97
CA LYS A 13 -17.88 3.42 4.22
C LYS A 13 -18.78 2.17 4.15
N ASN A 14 -19.37 1.90 2.98
CA ASN A 14 -20.31 0.80 2.82
C ASN A 14 -19.68 -0.56 2.47
N PRO A 15 -18.53 -0.64 1.77
CA PRO A 15 -17.95 -1.91 1.37
C PRO A 15 -17.23 -2.60 2.53
N ILE A 16 -16.65 -3.77 2.24
CA ILE A 16 -15.96 -4.60 3.21
C ILE A 16 -14.54 -4.88 2.72
N TYR A 17 -13.72 -5.51 3.55
CA TYR A 17 -12.33 -5.75 3.21
C TYR A 17 -12.15 -6.97 2.32
N SER A 18 -11.00 -7.01 1.63
CA SER A 18 -10.62 -8.07 0.72
C SER A 18 -9.84 -9.16 1.46
N CYS A 19 -9.37 -10.17 0.74
CA CYS A 19 -8.70 -11.32 1.30
C CYS A 19 -7.22 -11.04 1.65
N LYS A 20 -6.73 -9.83 1.37
CA LYS A 20 -5.31 -9.51 1.60
C LYS A 20 -5.15 -8.40 2.62
N VAL A 21 -4.12 -8.54 3.48
CA VAL A 21 -3.75 -7.57 4.50
C VAL A 21 -2.23 -7.55 4.69
N PHE A 22 -1.73 -6.42 5.22
CA PHE A 22 -0.32 -6.22 5.53
C PHE A 22 -0.10 -6.33 7.03
N LEU A 23 1.13 -6.67 7.43
CA LEU A 23 1.51 -6.80 8.83
C LEU A 23 2.92 -6.23 9.02
N GLY A 24 3.00 -4.95 9.36
CA GLY A 24 4.26 -4.24 9.56
C GLY A 24 4.86 -4.51 10.93
N GLY A 25 6.01 -3.88 11.21
CA GLY A 25 6.69 -4.07 12.48
C GLY A 25 7.58 -5.30 12.42
N VAL A 26 7.32 -6.27 13.31
CA VAL A 26 8.02 -7.54 13.37
C VAL A 26 9.53 -7.44 13.23
N PRO A 27 10.20 -6.53 13.97
CA PRO A 27 11.64 -6.33 13.92
C PRO A 27 12.40 -7.41 14.69
N TRP A 28 11.70 -8.45 15.12
CA TRP A 28 12.24 -9.47 16.01
C TRP A 28 12.73 -10.71 15.25
N ASP A 29 13.23 -10.48 14.03
CA ASP A 29 13.85 -11.50 13.18
C ASP A 29 12.94 -12.71 12.91
N ILE A 30 11.62 -12.53 13.00
CA ILE A 30 10.68 -13.60 12.69
C ILE A 30 10.50 -13.72 11.17
N THR A 31 9.82 -14.78 10.75
CA THR A 31 9.53 -15.04 9.34
C THR A 31 8.03 -15.10 9.14
N GLU A 32 7.59 -15.44 7.92
CA GLU A 32 6.18 -15.62 7.60
C GLU A 32 5.54 -16.71 8.47
N ALA A 33 6.33 -17.47 9.23
CA ALA A 33 5.79 -18.46 10.15
C ALA A 33 5.09 -17.78 11.33
N GLY A 34 5.47 -16.53 11.62
CA GLY A 34 4.86 -15.79 12.70
C GLY A 34 3.39 -15.51 12.39
N LEU A 35 3.07 -15.27 11.11
CA LEU A 35 1.69 -15.00 10.73
C LEU A 35 0.93 -16.26 10.33
N VAL A 36 1.63 -17.38 10.08
CA VAL A 36 0.93 -18.62 9.74
C VAL A 36 0.39 -19.28 11.01
N ASN A 37 0.92 -18.88 12.18
CA ASN A 37 0.38 -19.33 13.45
C ASN A 37 -0.49 -18.26 14.12
N THR A 38 -0.27 -16.99 13.80
CA THR A 38 -1.06 -15.90 14.37
C THR A 38 -2.47 -15.88 13.76
N PHE A 39 -2.61 -16.39 12.53
CA PHE A 39 -3.87 -16.35 11.80
C PHE A 39 -4.35 -17.76 11.48
N ARG A 40 -3.89 -18.75 12.27
CA ARG A 40 -4.31 -20.13 12.09
C ARG A 40 -5.80 -20.24 12.35
N VAL A 41 -6.55 -20.71 11.34
CA VAL A 41 -7.99 -20.87 11.40
C VAL A 41 -8.38 -22.20 10.76
N PHE A 42 -9.63 -22.63 10.96
CA PHE A 42 -10.13 -23.87 10.39
C PHE A 42 -10.32 -23.75 8.87
N GLY A 43 -10.36 -22.51 8.36
CA GLY A 43 -10.44 -22.25 6.94
C GLY A 43 -9.05 -22.13 6.32
N SER A 44 -8.96 -21.44 5.18
CA SER A 44 -7.69 -21.24 4.50
C SER A 44 -6.83 -20.18 5.19
N LEU A 45 -5.51 -20.29 5.05
CA LEU A 45 -4.55 -19.28 5.46
C LEU A 45 -3.30 -19.51 4.64
N SER A 46 -2.94 -18.55 3.77
CA SER A 46 -1.77 -18.66 2.93
C SER A 46 -0.81 -17.52 3.21
N VAL A 47 0.49 -17.85 3.23
CA VAL A 47 1.53 -16.87 3.51
C VAL A 47 1.87 -16.08 2.26
N GLU A 48 2.40 -14.87 2.43
CA GLU A 48 2.83 -14.04 1.32
C GLU A 48 4.10 -13.28 1.72
N TRP A 49 5.17 -13.46 0.94
CA TRP A 49 6.45 -12.85 1.20
C TRP A 49 7.18 -12.66 -0.13
N PRO A 50 7.73 -11.47 -0.40
CA PRO A 50 8.35 -11.14 -1.67
C PRO A 50 9.72 -11.80 -1.85
N GLY A 51 10.30 -12.35 -0.77
CA GLY A 51 11.55 -13.09 -0.85
C GLY A 51 12.71 -12.24 -1.33
N LYS A 52 12.61 -10.90 -1.18
CA LYS A 52 13.62 -9.97 -1.66
C LYS A 52 13.95 -10.19 -3.14
N ASP A 53 12.93 -10.61 -3.91
CA ASP A 53 13.05 -10.89 -5.33
C ASP A 53 14.16 -11.92 -5.65
N GLY A 54 14.57 -12.70 -4.64
CA GLY A 54 15.60 -13.72 -4.80
C GLY A 54 17.00 -13.12 -4.93
N LYS A 55 17.14 -11.80 -4.79
CA LYS A 55 18.41 -11.12 -4.90
C LYS A 55 19.09 -10.98 -3.53
N HIS A 56 18.29 -10.89 -2.46
CA HIS A 56 18.77 -10.79 -1.09
C HIS A 56 19.98 -9.86 -0.95
N PRO A 57 19.88 -8.60 -1.42
CA PRO A 57 20.99 -7.67 -1.41
C PRO A 57 21.31 -7.20 0.02
N ARG A 58 20.37 -7.38 0.95
CA ARG A 58 20.53 -7.01 2.35
C ARG A 58 19.79 -8.01 3.23
N CYS A 59 20.14 -8.07 4.51
CA CYS A 59 19.50 -8.98 5.46
C CYS A 59 19.40 -8.35 6.86
N PRO A 60 18.71 -7.20 7.01
CA PRO A 60 18.53 -6.55 8.30
C PRO A 60 17.75 -7.45 9.28
N PRO A 61 17.83 -7.17 10.58
CA PRO A 61 17.09 -7.89 11.60
C PRO A 61 15.60 -7.52 11.58
N LYS A 62 15.25 -6.48 10.81
CA LYS A 62 13.88 -6.02 10.66
C LYS A 62 13.38 -6.30 9.24
N GLY A 63 12.06 -6.32 9.09
CA GLY A 63 11.43 -6.61 7.80
C GLY A 63 9.92 -6.45 7.92
N TYR A 64 9.19 -6.75 6.84
CA TYR A 64 7.74 -6.61 6.81
C TYR A 64 7.15 -7.82 6.09
N VAL A 65 5.97 -8.29 6.54
CA VAL A 65 5.40 -9.55 6.06
C VAL A 65 3.93 -9.36 5.66
N TYR A 66 3.37 -10.31 4.91
CA TYR A 66 2.02 -10.22 4.38
C TYR A 66 1.33 -11.58 4.40
N LEU A 67 0.03 -11.58 4.12
CA LEU A 67 -0.73 -12.82 3.98
C LEU A 67 -2.01 -12.61 3.18
N VAL A 68 -2.60 -13.72 2.72
CA VAL A 68 -3.85 -13.69 1.97
C VAL A 68 -4.67 -14.93 2.33
N PHE A 69 -5.97 -14.73 2.59
CA PHE A 69 -6.85 -15.82 2.97
C PHE A 69 -8.31 -15.47 2.75
N GLU A 70 -9.14 -16.49 2.48
CA GLU A 70 -10.52 -16.32 2.05
C GLU A 70 -11.48 -16.03 3.20
N LEU A 71 -10.99 -15.90 4.43
CA LEU A 71 -11.85 -15.67 5.58
C LEU A 71 -12.12 -14.19 5.76
N GLU A 72 -13.10 -13.65 5.04
CA GLU A 72 -13.50 -12.25 5.22
C GLU A 72 -14.02 -12.06 6.65
N LYS A 73 -14.51 -13.14 7.26
CA LYS A 73 -15.00 -13.10 8.63
C LYS A 73 -13.85 -13.08 9.64
N SER A 74 -12.69 -13.64 9.27
CA SER A 74 -11.54 -13.61 10.17
C SER A 74 -10.76 -12.31 9.96
N VAL A 75 -10.84 -11.74 8.75
CA VAL A 75 -10.22 -10.45 8.47
C VAL A 75 -10.84 -9.39 9.35
N ARG A 76 -12.17 -9.43 9.56
CA ARG A 76 -12.82 -8.48 10.45
C ARG A 76 -12.67 -8.88 11.91
N SER A 77 -12.42 -10.17 12.18
CA SER A 77 -12.22 -10.65 13.55
C SER A 77 -10.86 -10.20 14.08
N LEU A 78 -9.84 -10.10 13.21
CA LEU A 78 -8.53 -9.66 13.64
C LEU A 78 -8.42 -8.14 13.60
N LEU A 79 -9.22 -7.49 12.75
CA LEU A 79 -9.25 -6.04 12.70
C LEU A 79 -10.05 -5.48 13.87
N GLN A 80 -10.83 -6.31 14.57
CA GLN A 80 -11.47 -5.89 15.81
C GLN A 80 -10.70 -6.40 17.02
N ALA A 81 -9.77 -7.35 16.82
CA ALA A 81 -8.86 -7.76 17.89
C ALA A 81 -7.72 -6.76 17.99
N CYS A 82 -7.29 -6.21 16.84
CA CYS A 82 -6.32 -5.13 16.78
C CYS A 82 -7.05 -3.80 16.86
N SER A 83 -6.38 -2.73 17.29
CA SER A 83 -7.01 -1.41 17.39
C SER A 83 -5.99 -0.28 17.32
N HIS A 84 -6.39 0.83 16.70
CA HIS A 84 -5.60 2.07 16.68
C HIS A 84 -6.45 3.23 16.18
N ASP A 85 -7.07 3.08 15.01
CA ASP A 85 -7.94 4.07 14.39
C ASP A 85 -8.95 3.35 13.49
N PRO A 86 -10.16 3.05 14.00
CA PRO A 86 -11.21 2.33 13.28
C PRO A 86 -11.94 3.23 12.28
N LEU A 87 -11.21 4.19 11.70
CA LEU A 87 -11.76 5.17 10.77
C LEU A 87 -12.13 4.52 9.43
N SER A 88 -12.49 5.35 8.45
CA SER A 88 -13.01 4.91 7.16
C SER A 88 -12.04 3.99 6.40
N PRO A 89 -12.59 3.05 5.61
CA PRO A 89 -11.81 2.08 4.84
C PRO A 89 -11.13 2.74 3.63
N ASP A 90 -11.33 4.04 3.44
CA ASP A 90 -10.71 4.80 2.35
C ASP A 90 -9.24 5.09 2.64
N GLY A 91 -8.56 4.15 3.30
CA GLY A 91 -7.16 4.28 3.69
C GLY A 91 -7.00 5.12 4.96
N LEU A 92 -8.11 5.50 5.60
CA LEU A 92 -8.07 6.30 6.81
C LEU A 92 -8.02 5.41 8.06
N SER A 93 -8.42 4.14 7.92
CA SER A 93 -8.43 3.17 9.00
C SER A 93 -7.00 2.68 9.28
N GLU A 94 -6.72 2.27 10.52
CA GLU A 94 -5.43 1.71 10.90
C GLU A 94 -5.58 0.89 12.19
N TYR A 95 -4.74 -0.13 12.39
CA TYR A 95 -4.83 -0.99 13.56
C TYR A 95 -3.44 -1.42 14.03
N TYR A 96 -3.33 -1.79 15.32
CA TYR A 96 -2.08 -2.27 15.91
C TYR A 96 -2.33 -3.36 16.95
N PHE A 97 -1.31 -4.19 17.17
CA PHE A 97 -1.28 -5.24 18.19
C PHE A 97 0.20 -5.53 18.50
N LYS A 98 0.51 -6.57 19.28
CA LYS A 98 1.91 -6.93 19.54
C LYS A 98 2.09 -8.44 19.59
N MET A 99 3.35 -8.88 19.47
CA MET A 99 3.71 -10.29 19.43
C MET A 99 4.71 -10.66 20.53
N SER A 100 4.93 -9.76 21.49
CA SER A 100 5.82 -10.01 22.61
C SER A 100 5.30 -9.34 23.88
N SER A 101 5.71 -9.84 25.04
CA SER A 101 5.31 -9.30 26.33
C SER A 101 6.42 -9.46 27.37
N ARG A 102 7.63 -9.84 26.94
CA ARG A 102 8.75 -10.05 27.88
C ARG A 102 10.09 -9.51 27.37
N ARG A 103 10.18 -9.19 26.08
CA ARG A 103 11.39 -8.61 25.49
C ARG A 103 11.00 -7.61 24.41
N MET A 104 11.65 -6.45 24.39
CA MET A 104 11.37 -5.38 23.45
C MET A 104 9.87 -5.08 23.34
N ARG A 105 9.14 -5.26 24.45
CA ARG A 105 7.69 -5.12 24.52
C ARG A 105 7.24 -3.65 24.52
N CYS A 106 8.07 -2.76 23.97
CA CYS A 106 7.80 -1.33 23.96
C CYS A 106 7.26 -0.90 22.59
N LYS A 107 6.84 -1.86 21.76
CA LYS A 107 6.36 -1.60 20.41
C LYS A 107 5.14 -2.44 20.08
N GLU A 108 4.51 -2.10 18.95
CA GLU A 108 3.36 -2.81 18.42
C GLU A 108 3.56 -3.04 16.92
N VAL A 109 3.01 -4.13 16.40
CA VAL A 109 3.06 -4.44 14.97
C VAL A 109 1.93 -3.70 14.28
N GLN A 110 2.20 -3.22 13.06
CA GLN A 110 1.22 -2.45 12.31
C GLN A 110 0.30 -3.40 11.54
N VAL A 111 -1.00 -3.11 11.52
CA VAL A 111 -1.96 -3.97 10.84
C VAL A 111 -2.84 -3.11 9.94
N ILE A 112 -2.83 -3.40 8.64
CA ILE A 112 -3.55 -2.61 7.66
C ILE A 112 -4.16 -3.52 6.60
N PRO A 113 -5.47 -3.42 6.37
CA PRO A 113 -6.21 -4.25 5.43
C PRO A 113 -6.19 -3.66 4.02
N TRP A 114 -6.85 -4.36 3.09
CA TRP A 114 -7.14 -3.80 1.78
C TRP A 114 -8.63 -4.00 1.47
N VAL A 115 -9.19 -3.18 0.57
CA VAL A 115 -10.62 -3.17 0.29
C VAL A 115 -10.92 -3.94 -1.00
N LEU A 116 -12.19 -4.31 -1.19
CA LEU A 116 -12.65 -5.05 -2.36
C LEU A 116 -12.59 -4.24 -3.65
N ALA A 117 -12.12 -2.99 -3.58
CA ALA A 117 -12.08 -2.11 -4.74
C ALA A 117 -10.80 -2.33 -5.54
N ASP A 118 -10.81 -1.88 -6.79
CA ASP A 118 -9.65 -1.99 -7.66
C ASP A 118 -8.54 -1.06 -7.18
N SER A 119 -7.28 -1.42 -7.45
CA SER A 119 -6.14 -0.71 -6.90
C SER A 119 -5.66 0.44 -7.79
N ASN A 120 -6.18 0.57 -9.02
CA ASN A 120 -5.75 1.60 -9.95
C ASN A 120 -6.94 2.38 -10.51
N PHE A 121 -6.72 3.67 -10.78
CA PHE A 121 -7.74 4.59 -11.26
C PHE A 121 -7.10 5.92 -11.64
N VAL A 122 -7.82 6.75 -12.41
CA VAL A 122 -7.45 8.14 -12.67
C VAL A 122 -8.71 8.93 -12.99
N ARG A 123 -8.67 10.23 -12.71
CA ARG A 123 -9.83 11.12 -12.86
C ARG A 123 -9.92 11.69 -14.28
N SER A 124 -8.81 11.62 -15.02
CA SER A 124 -8.74 12.04 -16.41
C SER A 124 -9.45 11.03 -17.31
N PRO A 125 -9.79 11.41 -18.55
CA PRO A 125 -10.37 10.49 -19.51
C PRO A 125 -9.39 9.35 -19.80
N SER A 126 -9.92 8.19 -20.20
CA SER A 126 -9.12 6.99 -20.40
C SER A 126 -8.37 7.02 -21.74
N GLN A 127 -7.27 6.28 -21.79
CA GLN A 127 -6.45 6.13 -22.99
C GLN A 127 -5.73 4.78 -22.92
N ARG A 128 -5.33 4.23 -24.07
CA ARG A 128 -4.68 2.93 -24.11
C ARG A 128 -3.31 3.01 -23.43
N LEU A 129 -2.88 1.90 -22.83
CA LEU A 129 -1.65 1.85 -22.05
C LEU A 129 -0.56 1.09 -22.81
N ASP A 130 0.70 1.40 -22.49
CA ASP A 130 1.87 0.75 -23.06
C ASP A 130 2.99 0.69 -22.02
N PRO A 131 3.88 -0.30 -22.11
CA PRO A 131 5.01 -0.46 -21.22
C PRO A 131 6.09 0.61 -21.47
N SER A 132 5.92 1.42 -22.51
CA SER A 132 6.87 2.45 -22.90
C SER A 132 6.55 3.81 -22.29
N ARG A 133 5.43 3.90 -21.55
CA ARG A 133 5.01 5.15 -20.91
C ARG A 133 4.58 4.93 -19.48
N THR A 134 4.90 3.77 -18.90
CA THR A 134 4.53 3.43 -17.54
C THR A 134 5.78 3.24 -16.68
N VAL A 135 5.62 3.27 -15.36
CA VAL A 135 6.69 3.02 -14.42
C VAL A 135 6.14 2.33 -13.19
N PHE A 136 7.04 1.71 -12.43
CA PHE A 136 6.73 1.20 -11.11
C PHE A 136 7.31 2.20 -10.12
N VAL A 137 6.57 2.53 -9.07
CA VAL A 137 7.02 3.52 -8.12
C VAL A 137 6.96 2.98 -6.69
N GLY A 138 7.90 3.48 -5.88
CA GLY A 138 8.08 3.03 -4.51
C GLY A 138 8.41 4.21 -3.61
N ALA A 139 9.20 3.96 -2.56
CA ALA A 139 9.48 4.95 -1.52
C ALA A 139 8.20 5.47 -0.86
N LEU A 140 7.08 4.78 -1.10
CA LEU A 140 5.78 5.11 -0.54
C LEU A 140 5.32 4.02 0.43
N HIS A 141 4.15 4.19 1.04
CA HIS A 141 3.67 3.36 2.14
C HIS A 141 3.16 1.99 1.70
N GLY A 142 3.48 1.58 0.46
CA GLY A 142 3.01 0.33 -0.11
C GLY A 142 1.50 0.34 -0.36
N MET A 143 0.82 1.41 0.06
CA MET A 143 -0.61 1.56 -0.07
C MET A 143 -0.96 3.03 -0.14
N LEU A 144 -1.73 3.42 -1.16
CA LEU A 144 -2.26 4.77 -1.33
C LEU A 144 -3.50 4.69 -2.20
N ASN A 145 -4.36 5.70 -2.10
CA ASN A 145 -5.56 5.75 -2.92
C ASN A 145 -5.19 6.13 -4.34
N ALA A 146 -5.76 5.43 -5.33
CA ALA A 146 -5.44 5.70 -6.72
C ALA A 146 -5.95 7.06 -7.17
N GLU A 147 -6.99 7.58 -6.53
CA GLU A 147 -7.51 8.90 -6.85
C GLU A 147 -6.65 9.99 -6.23
N ALA A 148 -5.85 9.64 -5.21
CA ALA A 148 -4.92 10.58 -4.60
C ALA A 148 -3.64 10.62 -5.44
N LEU A 149 -3.18 9.46 -5.92
CA LEU A 149 -2.03 9.40 -6.79
C LEU A 149 -2.37 10.01 -8.16
N ALA A 150 -3.64 9.97 -8.55
CA ALA A 150 -4.09 10.61 -9.77
C ALA A 150 -3.95 12.13 -9.64
N ALA A 151 -4.35 12.70 -8.49
CA ALA A 151 -4.30 14.14 -8.28
C ALA A 151 -2.87 14.64 -8.17
N ILE A 152 -1.99 13.86 -7.53
CA ILE A 152 -0.61 14.27 -7.31
C ILE A 152 0.18 14.22 -8.62
N LEU A 153 -0.12 13.23 -9.48
CA LEU A 153 0.54 13.10 -10.77
C LEU A 153 -0.18 13.94 -11.83
N ASN A 154 -1.29 14.60 -11.45
CA ASN A 154 -2.02 15.50 -12.34
C ASN A 154 -1.78 16.96 -11.98
N ASP A 155 -1.17 17.25 -10.82
CA ASP A 155 -1.01 18.62 -10.36
C ASP A 155 0.45 19.10 -10.30
N LEU A 156 1.42 18.23 -10.06
CA LEU A 156 2.79 18.67 -9.79
C LEU A 156 3.57 19.06 -11.06
N PHE A 157 3.08 18.75 -12.26
CA PHE A 157 3.75 19.19 -13.47
C PHE A 157 2.84 19.17 -14.70
N GLY A 158 1.88 18.25 -14.74
CA GLY A 158 0.99 18.10 -15.89
C GLY A 158 -0.02 16.99 -15.62
N GLY A 159 -0.82 16.65 -16.64
CA GLY A 159 -1.88 15.67 -16.52
C GLY A 159 -1.36 14.26 -16.76
N VAL A 160 -2.17 13.28 -16.36
CA VAL A 160 -1.86 11.87 -16.43
C VAL A 160 -3.12 11.09 -16.81
N VAL A 161 -2.97 9.88 -17.36
CA VAL A 161 -4.13 9.10 -17.83
C VAL A 161 -4.37 7.84 -17.00
N TYR A 162 -3.41 7.43 -16.17
CA TYR A 162 -3.58 6.29 -15.29
C TYR A 162 -2.62 6.38 -14.11
N ALA A 163 -3.09 6.04 -12.90
CA ALA A 163 -2.28 6.07 -11.70
C ALA A 163 -2.79 5.05 -10.68
N GLY A 164 -2.04 4.83 -9.60
CA GLY A 164 -2.50 4.03 -8.50
C GLY A 164 -1.54 2.89 -8.16
N ILE A 165 -2.08 1.84 -7.54
CA ILE A 165 -1.31 0.67 -7.15
C ILE A 165 -1.72 -0.49 -8.06
N ASP A 166 -0.80 -1.41 -8.32
CA ASP A 166 -1.05 -2.54 -9.20
C ASP A 166 -1.01 -3.85 -8.40
N THR A 167 -1.70 -4.87 -8.89
CA THR A 167 -1.88 -6.12 -8.16
C THR A 167 -0.73 -7.08 -8.45
N ASP A 168 -0.21 -7.75 -7.43
CA ASP A 168 0.89 -8.69 -7.63
C ASP A 168 1.03 -9.68 -6.48
N LYS A 169 2.05 -10.54 -6.57
CA LYS A 169 2.41 -11.60 -5.62
C LYS A 169 1.34 -12.67 -5.41
N HIS A 170 0.09 -12.39 -5.78
CA HIS A 170 -1.00 -13.36 -5.65
C HIS A 170 -2.14 -12.94 -6.58
N LYS A 171 -3.24 -13.70 -6.56
CA LYS A 171 -4.40 -13.45 -7.40
C LYS A 171 -5.27 -12.31 -6.87
N TYR A 172 -4.99 -11.84 -5.66
CA TYR A 172 -5.73 -10.73 -5.06
C TYR A 172 -5.00 -9.41 -5.27
N PRO A 173 -5.69 -8.27 -5.13
CA PRO A 173 -5.20 -6.93 -5.46
C PRO A 173 -3.94 -6.49 -4.71
N ILE A 174 -3.51 -5.26 -5.02
CA ILE A 174 -2.38 -4.52 -4.45
C ILE A 174 -1.02 -5.22 -4.50
N GLY A 175 0.05 -4.43 -4.50
CA GLY A 175 1.42 -4.93 -4.49
C GLY A 175 2.46 -3.80 -4.59
N SER A 176 2.37 -2.95 -5.62
CA SER A 176 3.37 -1.92 -5.88
C SER A 176 2.75 -0.77 -6.69
N GLY A 177 3.33 0.44 -6.60
CA GLY A 177 2.74 1.61 -7.26
C GLY A 177 3.06 1.64 -8.75
N ARG A 178 2.18 2.26 -9.54
CA ARG A 178 2.38 2.45 -10.98
C ARG A 178 1.67 3.72 -11.46
N VAL A 179 2.16 4.27 -12.57
CA VAL A 179 1.54 5.42 -13.23
C VAL A 179 1.90 5.41 -14.72
N THR A 180 1.01 5.94 -15.57
CA THR A 180 1.20 5.92 -17.01
C THR A 180 0.72 7.23 -17.65
N PHE A 181 1.44 7.67 -18.68
CA PHE A 181 1.16 8.93 -19.38
C PHE A 181 1.06 8.71 -20.89
N ASN A 182 0.97 9.82 -21.63
CA ASN A 182 0.90 9.82 -23.09
C ASN A 182 1.96 10.75 -23.70
N ASN A 183 2.84 11.30 -22.87
CA ASN A 183 3.92 12.18 -23.31
C ASN A 183 5.13 11.92 -22.42
N GLN A 184 6.32 11.76 -23.03
CA GLN A 184 7.53 11.39 -22.31
C GLN A 184 8.00 12.51 -21.37
N ARG A 185 7.61 13.76 -21.65
CA ARG A 185 8.05 14.89 -20.84
C ARG A 185 7.26 14.93 -19.54
N SER A 186 5.93 14.80 -19.61
CA SER A 186 5.09 14.80 -18.42
C SER A 186 5.26 13.49 -17.65
N TYR A 187 5.66 12.44 -18.38
CA TYR A 187 5.89 11.11 -17.84
C TYR A 187 6.95 11.12 -16.75
N LEU A 188 8.23 11.27 -17.13
CA LEU A 188 9.29 11.15 -16.13
C LEU A 188 9.50 12.43 -15.32
N LYS A 189 8.95 13.58 -15.75
CA LYS A 189 9.16 14.80 -14.99
C LYS A 189 8.22 14.83 -13.79
N ALA A 190 7.01 14.30 -13.92
CA ALA A 190 6.07 14.33 -12.81
C ALA A 190 6.43 13.25 -11.79
N VAL A 191 6.65 12.01 -12.24
CA VAL A 191 6.85 10.91 -11.32
C VAL A 191 8.23 10.95 -10.66
N SER A 192 9.22 11.60 -11.28
CA SER A 192 10.55 11.69 -10.70
C SER A 192 10.78 13.00 -9.94
N ALA A 193 9.93 14.01 -10.16
CA ALA A 193 10.08 15.29 -9.47
C ALA A 193 9.05 15.44 -8.35
N ALA A 194 8.23 14.41 -8.14
CA ALA A 194 7.27 14.38 -7.04
C ALA A 194 7.96 14.18 -5.69
N PHE A 195 9.08 14.88 -5.46
CA PHE A 195 9.82 14.84 -4.19
C PHE A 195 9.02 15.48 -3.06
N VAL A 196 7.80 15.94 -3.35
CA VAL A 196 6.95 16.62 -2.38
C VAL A 196 6.64 15.72 -1.19
N GLU A 197 6.33 16.33 -0.05
CA GLU A 197 5.93 15.59 1.14
C GLU A 197 4.40 15.49 1.13
N ILE A 198 3.91 14.33 0.69
CA ILE A 198 2.48 14.10 0.53
C ILE A 198 1.84 13.91 1.89
N LYS A 199 0.71 14.58 2.14
CA LYS A 199 0.01 14.48 3.41
C LYS A 199 -1.48 14.58 3.25
N THR A 200 -2.19 13.92 4.18
CA THR A 200 -3.64 13.99 4.31
C THR A 200 -4.03 14.11 5.79
N THR A 201 -3.19 14.79 6.58
CA THR A 201 -3.39 15.06 8.00
C THR A 201 -3.51 13.80 8.87
N LYS A 202 -3.23 12.62 8.31
CA LYS A 202 -3.25 11.36 9.05
C LYS A 202 -2.25 10.36 8.46
N PHE A 203 -1.47 10.80 7.47
CA PHE A 203 -0.55 9.97 6.71
C PHE A 203 0.48 10.91 6.09
N THR A 204 1.74 10.48 6.03
CA THR A 204 2.82 11.29 5.45
C THR A 204 3.77 10.38 4.68
N LYS A 205 4.02 10.70 3.42
CA LYS A 205 4.92 9.88 2.61
C LYS A 205 5.52 10.65 1.42
N LYS A 206 6.37 9.95 0.65
CA LYS A 206 7.02 10.47 -0.56
C LYS A 206 6.87 9.44 -1.69
N VAL A 207 7.40 9.77 -2.87
CA VAL A 207 7.34 8.90 -4.04
C VAL A 207 8.58 9.06 -4.90
N GLN A 208 9.03 7.97 -5.53
CA GLN A 208 10.18 7.96 -6.42
C GLN A 208 9.93 7.05 -7.63
N ILE A 209 10.51 7.41 -8.77
CA ILE A 209 10.41 6.64 -10.01
C ILE A 209 11.37 5.46 -10.02
N ASP A 210 11.00 4.38 -10.71
CA ASP A 210 11.91 3.27 -10.99
C ASP A 210 11.50 2.62 -12.31
N PRO A 211 12.45 2.39 -13.23
CA PRO A 211 12.19 1.83 -14.55
C PRO A 211 11.89 0.34 -14.48
N TYR A 212 11.15 -0.17 -15.48
CA TYR A 212 10.81 -1.58 -15.56
C TYR A 212 11.96 -2.40 -16.15
N LEU A 213 12.98 -1.73 -16.69
CA LEU A 213 14.14 -2.38 -17.30
C LEU A 213 15.40 -1.54 -17.07
N MET A 1 1.06 23.11 -8.87
CA MET A 1 2.15 22.14 -8.69
C MET A 1 2.35 21.81 -7.20
N THR A 2 2.77 22.79 -6.40
CA THR A 2 3.00 22.57 -4.98
C THR A 2 1.79 23.05 -4.17
N TRP A 3 1.20 22.12 -3.39
CA TRP A 3 0.07 22.41 -2.53
C TRP A 3 -0.12 21.27 -1.53
N SER A 4 -0.94 21.52 -0.49
CA SER A 4 -1.22 20.53 0.53
C SER A 4 -2.60 20.77 1.15
N GLY A 5 -3.18 19.72 1.74
CA GLY A 5 -4.46 19.82 2.43
C GLY A 5 -5.65 19.96 1.49
N GLN A 6 -5.46 19.74 0.18
CA GLN A 6 -6.52 19.90 -0.81
C GLN A 6 -7.17 18.56 -1.13
N LEU A 7 -6.94 17.53 -0.31
CA LEU A 7 -7.50 16.21 -0.51
C LEU A 7 -8.33 15.80 0.71
N PRO A 8 -9.66 15.79 0.59
CA PRO A 8 -10.55 15.34 1.65
C PRO A 8 -10.61 13.81 1.68
N PRO A 9 -11.23 13.23 2.72
CA PRO A 9 -11.43 11.79 2.83
C PRO A 9 -12.19 11.22 1.63
N ARG A 10 -12.09 9.90 1.44
CA ARG A 10 -12.75 9.20 0.34
C ARG A 10 -13.39 7.92 0.85
N ASN A 11 -14.58 7.62 0.34
CA ASN A 11 -15.33 6.42 0.68
C ASN A 11 -16.33 6.09 -0.42
N TYR A 12 -16.94 4.91 -0.34
CA TYR A 12 -17.95 4.47 -1.28
C TYR A 12 -19.01 3.63 -0.58
N LYS A 13 -20.16 3.45 -1.23
CA LYS A 13 -21.28 2.72 -0.64
C LYS A 13 -20.93 1.24 -0.46
N ASN A 14 -21.45 0.63 0.61
CA ASN A 14 -21.18 -0.76 0.95
C ASN A 14 -19.69 -1.07 0.87
N PRO A 15 -18.86 -0.39 1.67
CA PRO A 15 -17.42 -0.52 1.64
C PRO A 15 -16.99 -1.89 2.18
N ILE A 16 -15.92 -2.45 1.59
CA ILE A 16 -15.39 -3.76 1.95
C ILE A 16 -13.88 -3.78 1.79
N TYR A 17 -13.23 -4.80 2.35
CA TYR A 17 -11.80 -4.99 2.22
C TYR A 17 -11.51 -6.09 1.21
N SER A 18 -10.27 -6.10 0.70
CA SER A 18 -9.80 -7.10 -0.27
C SER A 18 -9.19 -8.29 0.46
N CYS A 19 -8.67 -9.25 -0.32
CA CYS A 19 -8.05 -10.45 0.22
C CYS A 19 -6.64 -10.20 0.74
N LYS A 20 -6.19 -8.94 0.78
CA LYS A 20 -4.80 -8.62 1.11
C LYS A 20 -4.68 -7.76 2.37
N VAL A 21 -3.73 -8.14 3.23
CA VAL A 21 -3.40 -7.42 4.46
C VAL A 21 -1.92 -7.55 4.76
N PHE A 22 -1.39 -6.67 5.62
CA PHE A 22 0.00 -6.66 6.04
C PHE A 22 0.12 -6.66 7.56
N LEU A 23 1.24 -7.18 8.08
CA LEU A 23 1.57 -7.20 9.49
C LEU A 23 3.09 -7.07 9.64
N GLY A 24 3.56 -6.02 10.31
CA GLY A 24 4.99 -5.78 10.45
C GLY A 24 5.37 -5.42 11.87
N GLY A 25 6.65 -5.62 12.20
CA GLY A 25 7.13 -5.41 13.56
C GLY A 25 7.73 -6.69 14.14
N VAL A 26 8.19 -7.60 13.29
CA VAL A 26 8.67 -8.92 13.72
C VAL A 26 10.11 -9.19 13.26
N PRO A 27 11.08 -8.46 13.80
CA PRO A 27 12.50 -8.68 13.57
C PRO A 27 12.99 -9.88 14.39
N TRP A 28 12.07 -10.50 15.14
CA TRP A 28 12.35 -11.61 16.05
C TRP A 28 12.65 -12.90 15.29
N ASP A 29 13.01 -13.96 16.03
CA ASP A 29 13.44 -15.23 15.47
C ASP A 29 12.29 -16.00 14.82
N ILE A 30 11.08 -15.43 14.80
CA ILE A 30 9.93 -16.07 14.17
C ILE A 30 10.00 -15.97 12.65
N THR A 31 9.03 -16.60 11.98
CA THR A 31 8.88 -16.54 10.54
C THR A 31 7.42 -16.23 10.21
N GLU A 32 7.06 -16.25 8.93
CA GLU A 32 5.69 -16.01 8.50
C GLU A 32 4.76 -17.09 9.06
N ALA A 33 5.33 -18.15 9.64
CA ALA A 33 4.55 -19.24 10.22
C ALA A 33 3.74 -18.75 11.41
N GLY A 34 4.13 -17.61 12.00
CA GLY A 34 3.42 -17.07 13.14
C GLY A 34 2.00 -16.66 12.76
N LEU A 35 1.85 -15.98 11.61
CA LEU A 35 0.53 -15.52 11.21
C LEU A 35 -0.28 -16.61 10.50
N VAL A 36 0.38 -17.61 9.91
CA VAL A 36 -0.34 -18.67 9.20
C VAL A 36 -0.94 -19.67 10.19
N ASN A 37 -0.47 -19.68 11.44
CA ASN A 37 -1.03 -20.55 12.47
C ASN A 37 -1.89 -19.80 13.47
N THR A 38 -1.80 -18.47 13.54
CA THR A 38 -2.61 -17.70 14.47
C THR A 38 -3.89 -17.19 13.82
N PHE A 39 -4.00 -17.26 12.49
CA PHE A 39 -5.18 -16.77 11.77
C PHE A 39 -5.80 -17.84 10.89
N ARG A 40 -5.42 -19.10 11.08
CA ARG A 40 -5.95 -20.19 10.27
C ARG A 40 -7.41 -20.47 10.59
N VAL A 41 -8.20 -20.52 9.52
CA VAL A 41 -9.63 -20.84 9.56
C VAL A 41 -9.91 -21.81 8.42
N PHE A 42 -11.16 -22.32 8.34
CA PHE A 42 -11.53 -23.30 7.32
C PHE A 42 -11.52 -22.70 5.91
N GLY A 43 -11.24 -21.40 5.79
CA GLY A 43 -11.20 -20.69 4.52
C GLY A 43 -9.85 -20.81 3.80
N SER A 44 -9.66 -19.98 2.78
CA SER A 44 -8.48 -19.97 1.92
C SER A 44 -7.31 -19.21 2.56
N LEU A 45 -7.06 -19.41 3.85
CA LEU A 45 -5.94 -18.76 4.54
C LEU A 45 -4.63 -19.21 3.92
N SER A 46 -3.78 -18.25 3.55
CA SER A 46 -2.47 -18.52 2.95
C SER A 46 -1.44 -17.53 3.48
N VAL A 47 -0.16 -17.93 3.39
CA VAL A 47 0.97 -17.15 3.87
C VAL A 47 1.65 -16.42 2.72
N GLU A 48 2.33 -15.30 3.01
CA GLU A 48 3.04 -14.55 1.99
C GLU A 48 4.36 -13.99 2.52
N TRP A 49 5.38 -14.02 1.67
CA TRP A 49 6.74 -13.59 2.00
C TRP A 49 7.35 -12.86 0.80
N PRO A 50 8.34 -11.98 1.02
CA PRO A 50 8.95 -11.14 -0.01
C PRO A 50 9.86 -11.91 -0.96
N GLY A 51 9.77 -13.25 -0.98
CA GLY A 51 10.59 -14.06 -1.85
C GLY A 51 12.01 -14.22 -1.30
N LYS A 52 12.97 -14.49 -2.20
CA LYS A 52 14.35 -14.72 -1.85
C LYS A 52 15.32 -13.93 -2.73
N ASP A 53 14.83 -12.85 -3.34
CA ASP A 53 15.62 -12.03 -4.24
C ASP A 53 16.65 -11.18 -3.50
N GLY A 54 16.56 -11.10 -2.16
CA GLY A 54 17.51 -10.38 -1.35
C GLY A 54 18.84 -11.14 -1.22
N LYS A 55 19.77 -10.59 -0.44
CA LYS A 55 21.07 -11.22 -0.22
C LYS A 55 20.91 -12.53 0.56
N HIS A 56 19.86 -12.61 1.38
CA HIS A 56 19.50 -13.82 2.10
C HIS A 56 18.00 -13.74 2.46
N PRO A 57 17.24 -14.82 2.29
CA PRO A 57 15.81 -14.83 2.53
C PRO A 57 15.45 -14.78 4.01
N ARG A 58 16.40 -15.05 4.92
CA ARG A 58 16.14 -15.13 6.36
C ARG A 58 17.12 -14.24 7.14
N CYS A 59 16.87 -14.12 8.44
CA CYS A 59 17.70 -13.38 9.38
C CYS A 59 18.06 -11.95 8.92
N PRO A 60 17.09 -11.16 8.41
CA PRO A 60 17.33 -9.80 8.01
C PRO A 60 17.51 -8.91 9.25
N PRO A 61 18.12 -7.72 9.10
CA PRO A 61 18.33 -6.78 10.20
C PRO A 61 17.02 -6.38 10.89
N LYS A 62 15.93 -6.34 10.12
CA LYS A 62 14.58 -6.07 10.60
C LYS A 62 13.61 -6.94 9.80
N GLY A 63 12.45 -7.25 10.37
CA GLY A 63 11.53 -8.18 9.73
C GLY A 63 10.09 -7.72 9.78
N TYR A 64 9.36 -8.02 8.70
CA TYR A 64 7.95 -7.76 8.53
C TYR A 64 7.39 -8.91 7.68
N VAL A 65 6.10 -9.23 7.80
CA VAL A 65 5.52 -10.40 7.16
C VAL A 65 4.23 -10.04 6.43
N TYR A 66 3.72 -10.94 5.58
CA TYR A 66 2.55 -10.63 4.78
C TYR A 66 1.54 -11.77 4.80
N LEU A 67 0.29 -11.49 4.41
CA LEU A 67 -0.79 -12.47 4.51
C LEU A 67 -1.81 -12.23 3.41
N VAL A 68 -2.28 -13.31 2.78
CA VAL A 68 -3.31 -13.22 1.75
C VAL A 68 -4.33 -14.33 1.96
N PHE A 69 -5.62 -13.99 1.89
CA PHE A 69 -6.70 -14.93 2.12
C PHE A 69 -8.01 -14.44 1.54
N GLU A 70 -8.78 -15.37 0.96
CA GLU A 70 -10.01 -15.09 0.22
C GLU A 70 -11.19 -14.85 1.14
N LEU A 71 -10.95 -14.34 2.35
CA LEU A 71 -11.96 -14.31 3.39
C LEU A 71 -12.33 -12.88 3.80
N GLU A 72 -13.59 -12.50 3.57
CA GLU A 72 -14.08 -11.20 4.00
C GLU A 72 -14.52 -11.29 5.47
N LYS A 73 -14.92 -12.47 5.91
CA LYS A 73 -15.37 -12.68 7.29
C LYS A 73 -14.20 -12.90 8.24
N SER A 74 -13.04 -13.33 7.72
CA SER A 74 -11.86 -13.52 8.56
C SER A 74 -11.02 -12.25 8.57
N VAL A 75 -11.09 -11.42 7.53
CA VAL A 75 -10.45 -10.11 7.53
C VAL A 75 -11.11 -9.21 8.56
N ARG A 76 -12.44 -9.28 8.68
CA ARG A 76 -13.17 -8.44 9.63
C ARG A 76 -13.11 -9.03 11.04
N SER A 77 -12.95 -10.35 11.16
CA SER A 77 -12.76 -10.97 12.47
C SER A 77 -11.36 -10.67 12.98
N LEU A 78 -10.40 -10.55 12.05
CA LEU A 78 -9.03 -10.21 12.36
C LEU A 78 -8.92 -8.76 12.80
N LEU A 79 -9.42 -7.83 11.98
CA LEU A 79 -9.32 -6.41 12.29
C LEU A 79 -10.14 -6.05 13.52
N GLN A 80 -11.10 -6.90 13.91
CA GLN A 80 -11.87 -6.71 15.13
C GLN A 80 -11.16 -7.33 16.33
N ALA A 81 -10.26 -8.29 16.09
CA ALA A 81 -9.48 -8.90 17.17
C ALA A 81 -8.24 -8.07 17.49
N CYS A 82 -7.82 -7.21 16.55
CA CYS A 82 -6.70 -6.31 16.77
C CYS A 82 -7.12 -5.14 17.66
N SER A 83 -6.11 -4.46 18.24
CA SER A 83 -6.28 -3.31 19.11
C SER A 83 -6.24 -2.02 18.29
N HIS A 84 -6.09 -0.88 18.96
CA HIS A 84 -6.12 0.45 18.36
C HIS A 84 -7.49 0.77 17.78
N ASP A 85 -7.58 1.65 16.79
CA ASP A 85 -8.87 2.18 16.37
C ASP A 85 -9.03 2.15 14.84
N PRO A 86 -10.18 1.66 14.38
CA PRO A 86 -10.48 1.51 12.97
C PRO A 86 -10.59 2.86 12.26
N LEU A 87 -10.83 3.93 13.02
CA LEU A 87 -10.81 5.29 12.51
C LEU A 87 -10.67 6.31 13.63
N SER A 88 -10.43 7.58 13.26
CA SER A 88 -10.29 8.67 14.21
C SER A 88 -10.79 9.97 13.54
N PRO A 89 -11.28 10.94 14.31
CA PRO A 89 -11.76 12.22 13.80
C PRO A 89 -10.71 13.01 13.02
N ASP A 90 -9.44 12.56 13.04
CA ASP A 90 -8.36 13.22 12.33
C ASP A 90 -7.98 12.49 11.04
N GLY A 91 -8.74 11.45 10.67
CA GLY A 91 -8.55 10.70 9.44
C GLY A 91 -7.64 9.48 9.61
N LEU A 92 -7.09 9.26 10.81
CA LEU A 92 -6.27 8.10 11.08
C LEU A 92 -7.13 6.83 11.09
N SER A 93 -6.56 5.71 10.67
CA SER A 93 -7.18 4.40 10.69
C SER A 93 -6.10 3.32 10.73
N GLU A 94 -5.89 2.68 11.88
CA GLU A 94 -4.88 1.63 12.00
C GLU A 94 -5.15 0.68 13.16
N TYR A 95 -4.54 -0.51 13.09
CA TYR A 95 -4.73 -1.59 14.04
C TYR A 95 -3.38 -2.11 14.53
N TYR A 96 -3.37 -2.77 15.70
CA TYR A 96 -2.15 -3.35 16.25
C TYR A 96 -2.42 -4.68 16.94
N PHE A 97 -1.39 -5.52 17.00
CA PHE A 97 -1.42 -6.81 17.69
C PHE A 97 0.00 -7.13 18.17
N LYS A 98 0.32 -8.39 18.46
CA LYS A 98 1.70 -8.81 18.72
C LYS A 98 1.88 -10.27 18.32
N MET A 99 3.13 -10.65 18.03
CA MET A 99 3.45 -11.99 17.53
C MET A 99 4.47 -12.70 18.44
N SER A 100 4.80 -12.07 19.57
CA SER A 100 5.71 -12.65 20.55
C SER A 100 5.24 -12.30 21.96
N SER A 101 5.48 -13.20 22.91
CA SER A 101 5.03 -13.01 24.30
C SER A 101 5.92 -13.75 25.29
N ARG A 102 7.05 -14.29 24.84
CA ARG A 102 7.91 -15.11 25.68
C ARG A 102 9.38 -14.69 25.62
N ARG A 103 9.70 -13.58 24.93
CA ARG A 103 11.08 -13.11 24.83
C ARG A 103 11.16 -11.59 24.74
N MET A 104 10.21 -10.96 24.05
CA MET A 104 10.17 -9.51 23.88
C MET A 104 8.73 -9.01 23.91
N ARG A 105 8.02 -9.33 25.00
CA ARG A 105 6.62 -8.96 25.21
C ARG A 105 6.51 -7.47 25.61
N CYS A 106 7.26 -6.60 24.90
CA CYS A 106 7.28 -5.17 25.18
C CYS A 106 6.96 -4.37 23.92
N LYS A 107 6.51 -5.04 22.86
CA LYS A 107 6.20 -4.39 21.60
C LYS A 107 4.94 -4.97 20.96
N GLU A 108 4.50 -4.32 19.89
CA GLU A 108 3.35 -4.72 19.10
C GLU A 108 3.72 -4.66 17.60
N VAL A 109 2.84 -5.20 16.76
CA VAL A 109 3.00 -5.21 15.32
C VAL A 109 1.89 -4.38 14.70
N GLN A 110 2.21 -3.63 13.65
CA GLN A 110 1.20 -2.81 12.99
C GLN A 110 0.42 -3.67 12.01
N VAL A 111 -0.90 -3.46 11.95
CA VAL A 111 -1.78 -4.21 11.07
C VAL A 111 -2.56 -3.24 10.20
N ILE A 112 -2.52 -3.45 8.88
CA ILE A 112 -3.18 -2.57 7.92
C ILE A 112 -3.80 -3.41 6.81
N PRO A 113 -5.09 -3.20 6.52
CA PRO A 113 -5.82 -3.92 5.48
C PRO A 113 -5.65 -3.23 4.13
N TRP A 114 -6.27 -3.80 3.09
CA TRP A 114 -6.37 -3.14 1.80
C TRP A 114 -7.80 -3.15 1.29
N VAL A 115 -8.17 -2.12 0.51
CA VAL A 115 -9.52 -1.96 -0.01
C VAL A 115 -9.68 -2.61 -1.39
N LEU A 116 -10.92 -2.65 -1.86
CA LEU A 116 -11.30 -3.38 -3.07
C LEU A 116 -11.58 -2.45 -4.24
N ALA A 117 -12.20 -1.29 -3.99
CA ALA A 117 -12.71 -0.43 -5.05
C ALA A 117 -11.81 0.77 -5.35
N ASP A 118 -10.58 0.79 -4.84
CA ASP A 118 -9.69 1.94 -4.99
C ASP A 118 -8.32 1.54 -5.53
N SER A 119 -8.20 0.34 -6.10
CA SER A 119 -6.92 -0.18 -6.58
C SER A 119 -6.47 0.50 -7.87
N ASN A 120 -7.39 1.14 -8.60
CA ASN A 120 -7.05 1.86 -9.83
C ASN A 120 -8.10 2.94 -10.10
N PHE A 121 -7.66 4.08 -10.67
CA PHE A 121 -8.53 5.20 -10.95
C PHE A 121 -7.81 6.21 -11.85
N VAL A 122 -8.58 7.11 -12.47
CA VAL A 122 -8.01 8.24 -13.21
C VAL A 122 -8.90 9.45 -13.05
N ARG A 123 -8.28 10.64 -13.02
CA ARG A 123 -8.99 11.90 -12.98
C ARG A 123 -9.10 12.49 -14.39
N SER A 124 -8.84 11.62 -15.39
CA SER A 124 -8.78 11.99 -16.79
C SER A 124 -9.31 10.86 -17.66
N PRO A 125 -9.77 11.16 -18.88
CA PRO A 125 -10.21 10.16 -19.85
C PRO A 125 -8.99 9.43 -20.40
N SER A 126 -9.22 8.23 -20.95
CA SER A 126 -8.16 7.42 -21.53
C SER A 126 -8.71 6.48 -22.60
N GLN A 127 -7.84 6.06 -23.52
CA GLN A 127 -8.20 5.15 -24.60
C GLN A 127 -7.05 4.18 -24.91
N ARG A 128 -5.81 4.58 -24.59
CA ARG A 128 -4.61 3.83 -24.92
C ARG A 128 -3.55 4.02 -23.83
N LEU A 129 -2.62 3.07 -23.75
CA LEU A 129 -1.52 3.08 -22.80
C LEU A 129 -0.24 2.64 -23.52
N ASP A 130 0.93 2.97 -22.97
CA ASP A 130 2.21 2.63 -23.57
C ASP A 130 3.21 2.20 -22.50
N PRO A 131 4.03 1.18 -22.78
CA PRO A 131 5.04 0.67 -21.87
C PRO A 131 6.23 1.64 -21.78
N SER A 132 6.33 2.58 -22.73
CA SER A 132 7.38 3.58 -22.74
C SER A 132 6.94 4.86 -22.03
N ARG A 133 5.76 4.83 -21.43
CA ARG A 133 5.18 5.98 -20.73
C ARG A 133 4.61 5.54 -19.38
N THR A 134 5.02 4.38 -18.87
CA THR A 134 4.49 3.82 -17.64
C THR A 134 5.65 3.42 -16.73
N VAL A 135 5.52 3.72 -15.44
CA VAL A 135 6.57 3.45 -14.47
C VAL A 135 6.00 3.45 -13.05
N PHE A 136 6.78 2.97 -12.07
CA PHE A 136 6.37 2.99 -10.67
C PHE A 136 6.82 4.30 -10.02
N VAL A 137 6.08 4.73 -9.00
CA VAL A 137 6.36 5.96 -8.26
C VAL A 137 5.91 5.81 -6.81
N GLY A 138 6.41 6.70 -5.95
CA GLY A 138 5.99 6.75 -4.56
C GLY A 138 6.99 7.49 -3.68
N ALA A 139 6.65 7.61 -2.40
CA ALA A 139 7.53 8.14 -1.37
C ALA A 139 7.06 7.65 0.00
N LEU A 140 8.03 7.35 0.87
CA LEU A 140 7.90 6.81 2.23
C LEU A 140 7.04 5.55 2.38
N HIS A 141 6.13 5.28 1.44
CA HIS A 141 5.31 4.07 1.42
C HIS A 141 4.54 4.02 0.09
N GLY A 142 4.13 5.19 -0.41
CA GLY A 142 3.39 5.31 -1.67
C GLY A 142 1.93 4.85 -1.55
N MET A 143 1.52 4.37 -0.38
CA MET A 143 0.18 3.84 -0.16
C MET A 143 -0.84 4.96 -0.02
N LEU A 144 -1.45 5.32 -1.15
CA LEU A 144 -2.55 6.28 -1.19
C LEU A 144 -3.66 5.76 -2.09
N ASN A 145 -4.84 6.37 -2.00
CA ASN A 145 -5.95 6.02 -2.87
C ASN A 145 -5.63 6.48 -4.29
N ALA A 146 -6.18 5.79 -5.30
CA ALA A 146 -5.84 6.07 -6.68
C ALA A 146 -6.34 7.45 -7.13
N GLU A 147 -7.28 8.05 -6.41
CA GLU A 147 -7.76 9.39 -6.75
C GLU A 147 -6.73 10.43 -6.36
N ALA A 148 -5.96 10.16 -5.30
CA ALA A 148 -4.94 11.09 -4.85
C ALA A 148 -3.70 10.97 -5.73
N LEU A 149 -3.45 9.79 -6.30
CA LEU A 149 -2.30 9.58 -7.18
C LEU A 149 -2.56 10.15 -8.58
N ALA A 150 -3.81 10.11 -9.04
CA ALA A 150 -4.16 10.68 -10.33
C ALA A 150 -4.14 12.20 -10.28
N ALA A 151 -4.52 12.78 -9.15
CA ALA A 151 -4.62 14.23 -9.02
C ALA A 151 -3.25 14.90 -8.92
N ILE A 152 -2.31 14.27 -8.21
CA ILE A 152 -1.01 14.89 -8.01
C ILE A 152 -0.11 14.71 -9.23
N LEU A 153 -0.22 13.59 -9.96
CA LEU A 153 0.57 13.43 -11.18
C LEU A 153 -0.01 14.29 -12.29
N ASN A 154 -1.30 14.67 -12.19
CA ASN A 154 -1.93 15.50 -13.20
C ASN A 154 -1.75 16.99 -12.91
N ASP A 155 -1.33 17.36 -11.69
CA ASP A 155 -1.07 18.75 -11.36
C ASP A 155 0.42 19.08 -11.33
N LEU A 156 1.28 18.05 -11.28
CA LEU A 156 2.73 18.24 -11.26
C LEU A 156 3.27 18.46 -12.68
N PHE A 157 2.55 18.01 -13.71
CA PHE A 157 2.94 18.28 -15.08
C PHE A 157 1.76 18.12 -16.04
N GLY A 158 0.79 17.29 -15.67
CA GLY A 158 -0.40 17.04 -16.48
C GLY A 158 -0.13 16.04 -17.60
N GLY A 159 -1.19 15.64 -18.30
CA GLY A 159 -1.09 14.69 -19.40
C GLY A 159 -1.27 13.24 -18.94
N VAL A 160 -1.72 13.04 -17.69
CA VAL A 160 -1.94 11.71 -17.13
C VAL A 160 -3.11 11.04 -17.84
N VAL A 161 -3.03 9.70 -17.98
CA VAL A 161 -4.11 8.91 -18.53
C VAL A 161 -4.41 7.69 -17.65
N TYR A 162 -3.56 7.40 -16.66
CA TYR A 162 -3.81 6.33 -15.70
C TYR A 162 -2.97 6.50 -14.45
N ALA A 163 -3.53 6.15 -13.29
CA ALA A 163 -2.82 6.09 -12.02
C ALA A 163 -3.33 4.93 -11.19
N GLY A 164 -2.54 4.48 -10.22
CA GLY A 164 -2.94 3.38 -9.35
C GLY A 164 -1.78 2.86 -8.53
N ILE A 165 -1.97 1.68 -7.94
CA ILE A 165 -0.99 1.01 -7.10
C ILE A 165 -0.90 -0.46 -7.49
N ASP A 166 0.07 -1.18 -6.92
CA ASP A 166 0.29 -2.59 -7.19
C ASP A 166 0.82 -3.32 -5.96
N THR A 167 0.91 -4.65 -6.05
CA THR A 167 1.47 -5.52 -5.03
C THR A 167 2.09 -6.75 -5.70
N ASP A 168 2.78 -7.59 -4.93
CA ASP A 168 3.47 -8.74 -5.48
C ASP A 168 2.52 -9.94 -5.67
N LYS A 169 2.65 -10.61 -6.82
CA LYS A 169 1.93 -11.83 -7.19
C LYS A 169 0.40 -11.76 -7.04
N HIS A 170 -0.19 -10.57 -6.88
CA HIS A 170 -1.63 -10.44 -6.72
C HIS A 170 -2.14 -9.16 -7.38
N LYS A 171 -3.47 -9.11 -7.55
CA LYS A 171 -4.17 -8.01 -8.20
C LYS A 171 -4.86 -7.12 -7.17
N TYR A 172 -4.43 -7.20 -5.91
CA TYR A 172 -4.98 -6.40 -4.82
C TYR A 172 -3.83 -5.63 -4.14
N PRO A 173 -3.51 -4.44 -4.67
CA PRO A 173 -2.35 -3.61 -4.33
C PRO A 173 -2.05 -3.41 -2.85
N ILE A 174 -0.88 -2.82 -2.58
CA ILE A 174 -0.43 -2.54 -1.23
C ILE A 174 0.11 -1.12 -1.06
N GLY A 175 0.38 -0.43 -2.17
CA GLY A 175 0.86 0.93 -2.13
C GLY A 175 1.97 1.22 -3.13
N SER A 176 2.43 0.23 -3.90
CA SER A 176 3.46 0.47 -4.91
C SER A 176 2.84 1.28 -6.06
N GLY A 177 3.12 2.58 -6.13
CA GLY A 177 2.43 3.47 -7.05
C GLY A 177 2.86 3.25 -8.50
N ARG A 178 1.98 3.60 -9.44
CA ARG A 178 2.23 3.52 -10.87
C ARG A 178 1.51 4.66 -11.58
N VAL A 179 2.04 5.12 -12.72
CA VAL A 179 1.38 6.16 -13.49
C VAL A 179 1.68 6.03 -14.98
N THR A 180 0.77 6.52 -15.83
CA THR A 180 0.93 6.54 -17.28
C THR A 180 0.49 7.89 -17.84
N PHE A 181 1.14 8.35 -18.92
CA PHE A 181 0.84 9.61 -19.58
C PHE A 181 0.62 9.41 -21.07
N ASN A 182 0.10 10.44 -21.74
CA ASN A 182 -0.12 10.45 -23.18
C ASN A 182 1.10 11.00 -23.92
N ASN A 183 2.16 11.37 -23.18
CA ASN A 183 3.38 11.92 -23.75
C ASN A 183 4.58 11.40 -22.95
N GLN A 184 5.70 11.16 -23.62
CA GLN A 184 6.89 10.62 -22.97
C GLN A 184 7.65 11.71 -22.22
N ARG A 185 7.49 12.98 -22.62
CA ARG A 185 8.19 14.07 -21.98
C ARG A 185 7.49 14.46 -20.68
N SER A 186 6.15 14.43 -20.68
CA SER A 186 5.37 14.71 -19.48
C SER A 186 5.51 13.56 -18.49
N TYR A 187 5.77 12.37 -19.03
CA TYR A 187 5.92 11.15 -18.25
C TYR A 187 7.13 11.24 -17.32
N LEU A 188 8.34 11.38 -17.86
CA LEU A 188 9.51 11.31 -17.00
C LEU A 188 9.70 12.59 -16.19
N LYS A 189 9.15 13.72 -16.65
CA LYS A 189 9.33 14.98 -15.94
C LYS A 189 8.42 15.08 -14.73
N ALA A 190 7.29 14.36 -14.71
CA ALA A 190 6.44 14.38 -13.52
C ALA A 190 7.07 13.50 -12.46
N VAL A 191 7.43 12.28 -12.84
CA VAL A 191 7.88 11.26 -11.90
C VAL A 191 9.28 11.52 -11.35
N SER A 192 10.08 12.35 -12.02
CA SER A 192 11.49 12.48 -11.67
C SER A 192 11.95 13.92 -11.51
N ALA A 193 11.11 14.90 -11.87
CA ALA A 193 11.44 16.30 -11.69
C ALA A 193 10.42 16.97 -10.78
N ALA A 194 9.41 16.24 -10.30
CA ALA A 194 8.56 16.76 -9.26
C ALA A 194 9.27 16.62 -7.92
N PHE A 195 9.48 17.76 -7.24
CA PHE A 195 10.16 17.82 -5.94
C PHE A 195 9.24 18.48 -4.91
N VAL A 196 7.93 18.38 -5.13
CA VAL A 196 6.92 19.00 -4.29
C VAL A 196 6.80 18.32 -2.94
N GLU A 197 6.07 18.96 -2.02
CA GLU A 197 5.71 18.38 -0.74
C GLU A 197 4.18 18.43 -0.63
N ILE A 198 3.58 17.35 -0.11
CA ILE A 198 2.14 17.18 -0.09
C ILE A 198 1.70 16.65 1.28
N LYS A 199 0.49 17.02 1.69
CA LYS A 199 -0.14 16.50 2.90
C LYS A 199 -1.63 16.31 2.69
N THR A 200 -2.22 15.45 3.52
CA THR A 200 -3.64 15.13 3.53
C THR A 200 -4.10 15.06 4.98
N THR A 201 -5.13 14.26 5.27
CA THR A 201 -5.64 14.10 6.62
C THR A 201 -4.62 13.35 7.48
N LYS A 202 -3.69 14.10 8.07
CA LYS A 202 -2.71 13.60 9.03
C LYS A 202 -1.73 12.61 8.40
N PHE A 203 -1.26 12.96 7.21
CA PHE A 203 -0.33 12.16 6.43
C PHE A 203 0.46 13.07 5.49
N THR A 204 1.66 12.63 5.07
CA THR A 204 2.54 13.44 4.24
C THR A 204 3.06 12.63 3.06
N LYS A 205 3.36 13.30 1.93
CA LYS A 205 3.83 12.64 0.73
C LYS A 205 4.84 13.49 -0.06
N LYS A 206 5.69 12.79 -0.81
CA LYS A 206 6.61 13.33 -1.80
C LYS A 206 6.54 12.41 -3.03
N VAL A 207 7.38 12.60 -4.04
CA VAL A 207 7.33 11.71 -5.20
C VAL A 207 8.71 11.50 -5.82
N GLN A 208 8.98 10.25 -6.20
CA GLN A 208 10.19 9.86 -6.92
C GLN A 208 9.87 8.73 -7.88
N ILE A 209 10.61 8.64 -8.99
CA ILE A 209 10.48 7.56 -9.96
C ILE A 209 11.16 6.28 -9.45
N ASP A 210 10.58 5.14 -9.82
CA ASP A 210 11.16 3.83 -9.59
C ASP A 210 11.01 3.04 -10.89
N PRO A 211 12.11 2.76 -11.60
CA PRO A 211 12.07 2.10 -12.89
C PRO A 211 11.65 0.64 -12.74
N TYR A 212 10.84 0.16 -13.68
CA TYR A 212 10.36 -1.22 -13.69
C TYR A 212 11.39 -2.16 -14.33
N LEU A 213 12.41 -1.59 -14.98
CA LEU A 213 13.45 -2.34 -15.68
C LEU A 213 14.82 -1.79 -15.33
N MET A 1 5.38 25.46 -5.53
CA MET A 1 5.46 24.14 -6.19
C MET A 1 5.25 23.02 -5.17
N THR A 2 5.98 23.06 -4.05
CA THR A 2 5.80 22.10 -2.97
C THR A 2 4.47 22.33 -2.25
N TRP A 3 3.89 21.28 -1.66
CA TRP A 3 2.66 21.41 -0.90
C TRP A 3 2.51 20.27 0.12
N SER A 4 1.57 20.44 1.06
CA SER A 4 1.27 19.47 2.10
C SER A 4 -0.18 19.61 2.53
N GLY A 5 -0.79 18.50 2.98
CA GLY A 5 -2.14 18.50 3.51
C GLY A 5 -3.21 18.72 2.44
N GLN A 6 -2.86 18.63 1.15
CA GLN A 6 -3.81 18.86 0.07
C GLN A 6 -4.50 17.57 -0.37
N LEU A 7 -4.33 16.48 0.40
CA LEU A 7 -4.95 15.20 0.10
C LEU A 7 -6.05 14.91 1.12
N PRO A 8 -7.25 14.50 0.66
CA PRO A 8 -8.39 14.22 1.51
C PRO A 8 -8.27 12.85 2.18
N PRO A 9 -9.05 12.60 3.23
CA PRO A 9 -9.16 11.29 3.88
C PRO A 9 -9.60 10.22 2.88
N ARG A 10 -9.39 8.94 3.23
CA ARG A 10 -9.77 7.83 2.37
C ARG A 10 -11.19 7.40 2.72
N ASN A 11 -12.07 7.34 1.73
CA ASN A 11 -13.45 6.92 1.94
C ASN A 11 -14.08 6.43 0.63
N TYR A 12 -15.02 5.49 0.74
CA TYR A 12 -15.75 4.97 -0.41
C TYR A 12 -17.09 4.39 0.04
N LYS A 13 -18.05 4.30 -0.90
CA LYS A 13 -19.37 3.77 -0.61
C LYS A 13 -19.41 2.27 -0.93
N ASN A 14 -20.18 1.51 -0.14
CA ASN A 14 -20.30 0.06 -0.28
C ASN A 14 -18.95 -0.63 -0.53
N PRO A 15 -17.91 -0.30 0.25
CA PRO A 15 -16.56 -0.77 0.02
C PRO A 15 -16.42 -2.27 0.33
N ILE A 16 -15.40 -2.90 -0.28
CA ILE A 16 -15.07 -4.30 -0.05
C ILE A 16 -13.55 -4.43 0.05
N TYR A 17 -13.08 -5.40 0.83
CA TYR A 17 -11.65 -5.60 1.03
C TYR A 17 -11.08 -6.51 -0.06
N SER A 18 -9.77 -6.37 -0.32
CA SER A 18 -9.07 -7.18 -1.32
C SER A 18 -8.67 -8.53 -0.73
N CYS A 19 -9.20 -8.86 0.46
CA CYS A 19 -8.88 -10.08 1.19
C CYS A 19 -7.38 -10.22 1.45
N LYS A 20 -6.67 -9.08 1.61
CA LYS A 20 -5.25 -9.08 1.89
C LYS A 20 -4.94 -8.08 3.00
N VAL A 21 -3.87 -8.35 3.76
CA VAL A 21 -3.55 -7.59 4.95
C VAL A 21 -2.03 -7.59 5.19
N PHE A 22 -1.56 -6.55 5.89
CA PHE A 22 -0.16 -6.40 6.29
C PHE A 22 0.01 -6.60 7.79
N LEU A 23 1.18 -7.04 8.23
CA LEU A 23 1.51 -7.20 9.63
C LEU A 23 2.90 -6.62 9.90
N GLY A 24 2.95 -5.51 10.64
CA GLY A 24 4.17 -4.74 10.81
C GLY A 24 4.96 -5.06 12.07
N GLY A 25 6.29 -5.10 11.91
CA GLY A 25 7.26 -5.23 12.98
C GLY A 25 7.22 -6.60 13.65
N VAL A 26 8.07 -7.51 13.18
CA VAL A 26 8.23 -8.84 13.76
C VAL A 26 9.71 -9.24 13.72
N PRO A 27 10.52 -8.66 14.62
CA PRO A 27 11.95 -8.92 14.69
C PRO A 27 12.24 -10.30 15.29
N TRP A 28 11.19 -11.05 15.64
CA TRP A 28 11.31 -12.37 16.23
C TRP A 28 11.64 -13.42 15.15
N ASP A 29 11.80 -14.67 15.59
CA ASP A 29 12.15 -15.80 14.73
C ASP A 29 10.97 -16.29 13.90
N ILE A 30 10.20 -15.35 13.31
CA ILE A 30 9.01 -15.66 12.52
C ILE A 30 9.07 -14.92 11.19
N THR A 31 8.55 -15.55 10.12
CA THR A 31 8.52 -14.94 8.81
C THR A 31 7.22 -15.29 8.05
N GLU A 32 6.49 -16.32 8.49
CA GLU A 32 5.23 -16.72 7.85
C GLU A 32 4.39 -17.66 8.73
N ALA A 33 5.02 -18.40 9.64
CA ALA A 33 4.30 -19.39 10.42
C ALA A 33 3.40 -18.75 11.48
N GLY A 34 3.79 -17.57 11.98
CA GLY A 34 3.03 -16.93 13.05
C GLY A 34 1.68 -16.45 12.55
N LEU A 35 1.62 -15.93 11.31
CA LEU A 35 0.38 -15.44 10.76
C LEU A 35 -0.49 -16.60 10.25
N VAL A 36 0.12 -17.71 9.85
CA VAL A 36 -0.64 -18.84 9.32
C VAL A 36 -1.22 -19.70 10.45
N ASN A 37 -0.81 -19.44 11.70
CA ASN A 37 -1.38 -20.12 12.85
C ASN A 37 -2.21 -19.20 13.75
N THR A 38 -1.97 -17.88 13.72
CA THR A 38 -2.73 -16.97 14.57
C THR A 38 -4.00 -16.47 13.90
N PHE A 39 -4.09 -16.63 12.57
CA PHE A 39 -5.27 -16.24 11.81
C PHE A 39 -5.90 -17.47 11.17
N ARG A 40 -5.49 -18.66 11.63
CA ARG A 40 -5.94 -19.92 11.08
C ARG A 40 -7.40 -20.17 11.43
N VAL A 41 -8.21 -20.44 10.41
CA VAL A 41 -9.62 -20.74 10.54
C VAL A 41 -9.97 -21.91 9.62
N PHE A 42 -11.22 -22.39 9.69
CA PHE A 42 -11.66 -23.53 8.87
C PHE A 42 -11.71 -23.17 7.38
N GLY A 43 -11.59 -21.87 7.06
CA GLY A 43 -11.57 -21.40 5.69
C GLY A 43 -10.17 -21.39 5.10
N SER A 44 -10.06 -21.01 3.83
CA SER A 44 -8.81 -20.95 3.10
C SER A 44 -8.07 -19.62 3.33
N LEU A 45 -6.75 -19.72 3.53
CA LEU A 45 -5.85 -18.57 3.59
C LEU A 45 -4.47 -18.95 3.04
N SER A 46 -3.57 -17.99 2.94
CA SER A 46 -2.21 -18.24 2.45
C SER A 46 -1.22 -17.24 3.05
N VAL A 47 0.07 -17.57 2.97
CA VAL A 47 1.14 -16.70 3.45
C VAL A 47 1.67 -15.84 2.30
N GLU A 48 2.31 -14.72 2.62
CA GLU A 48 2.88 -13.85 1.61
C GLU A 48 4.22 -13.25 2.07
N TRP A 49 5.18 -13.23 1.14
CA TRP A 49 6.51 -12.69 1.33
C TRP A 49 7.08 -12.32 -0.05
N PRO A 50 7.74 -11.17 -0.18
CA PRO A 50 8.30 -10.71 -1.45
C PRO A 50 9.55 -11.48 -1.83
N GLY A 51 9.90 -11.47 -3.11
CA GLY A 51 11.09 -12.13 -3.61
C GLY A 51 12.35 -11.36 -3.21
N LYS A 52 13.48 -12.05 -3.12
CA LYS A 52 14.76 -11.43 -2.76
C LYS A 52 15.42 -10.73 -3.95
N ASP A 53 14.76 -10.73 -5.11
CA ASP A 53 15.30 -10.08 -6.30
C ASP A 53 15.08 -8.56 -6.25
N GLY A 54 14.15 -8.12 -5.40
CA GLY A 54 13.86 -6.70 -5.21
C GLY A 54 14.63 -6.11 -4.03
N LYS A 55 15.45 -6.91 -3.36
CA LYS A 55 16.19 -6.51 -2.16
C LYS A 55 17.62 -7.06 -2.21
N HIS A 56 18.41 -6.74 -1.18
CA HIS A 56 19.77 -7.24 -1.04
C HIS A 56 19.73 -8.72 -0.68
N PRO A 57 20.72 -9.53 -1.10
CA PRO A 57 20.78 -10.96 -0.82
C PRO A 57 20.77 -11.30 0.68
N ARG A 58 20.98 -10.31 1.55
CA ARG A 58 20.97 -10.48 2.99
C ARG A 58 20.14 -9.37 3.63
N CYS A 59 19.61 -9.63 4.83
CA CYS A 59 18.73 -8.69 5.51
C CYS A 59 19.11 -8.54 6.99
N PRO A 60 18.76 -7.41 7.61
CA PRO A 60 18.93 -7.15 9.02
C PRO A 60 18.00 -8.04 9.84
N PRO A 61 18.15 -8.06 11.17
CA PRO A 61 17.28 -8.80 12.07
C PRO A 61 15.87 -8.22 12.09
N LYS A 62 15.66 -7.07 11.46
CA LYS A 62 14.36 -6.45 11.33
C LYS A 62 13.54 -7.21 10.29
N GLY A 63 12.22 -7.12 10.34
CA GLY A 63 11.38 -7.81 9.37
C GLY A 63 9.90 -7.48 9.52
N TYR A 64 9.17 -7.67 8.41
CA TYR A 64 7.74 -7.41 8.31
C TYR A 64 7.15 -8.53 7.45
N VAL A 65 5.94 -9.01 7.76
CA VAL A 65 5.37 -10.20 7.13
C VAL A 65 3.97 -9.92 6.58
N TYR A 66 3.53 -10.73 5.62
CA TYR A 66 2.28 -10.46 4.91
C TYR A 66 1.39 -11.70 4.83
N LEU A 67 0.11 -11.49 4.50
CA LEU A 67 -0.86 -12.56 4.51
C LEU A 67 -1.96 -12.32 3.47
N VAL A 68 -2.56 -13.42 3.01
CA VAL A 68 -3.66 -13.41 2.05
C VAL A 68 -4.80 -14.28 2.59
N PHE A 69 -6.04 -13.85 2.39
CA PHE A 69 -7.24 -14.59 2.76
C PHE A 69 -8.07 -14.89 1.52
N GLU A 70 -8.93 -15.89 1.66
CA GLU A 70 -9.97 -16.22 0.70
C GLU A 70 -11.31 -16.07 1.42
N LEU A 71 -11.31 -15.22 2.46
CA LEU A 71 -12.37 -15.10 3.44
C LEU A 71 -12.76 -13.64 3.67
N GLU A 72 -13.97 -13.25 3.28
CA GLU A 72 -14.43 -11.89 3.59
C GLU A 72 -14.90 -11.83 5.04
N LYS A 73 -15.29 -12.97 5.62
CA LYS A 73 -15.81 -13.05 6.97
C LYS A 73 -14.69 -13.10 8.02
N SER A 74 -13.53 -13.68 7.67
CA SER A 74 -12.42 -13.74 8.61
C SER A 74 -11.61 -12.44 8.54
N VAL A 75 -11.64 -11.75 7.39
CA VAL A 75 -11.00 -10.45 7.27
C VAL A 75 -11.72 -9.44 8.15
N ARG A 76 -13.06 -9.43 8.15
CA ARG A 76 -13.79 -8.49 8.99
C ARG A 76 -13.75 -8.92 10.46
N SER A 77 -13.54 -10.21 10.72
CA SER A 77 -13.49 -10.72 12.08
C SER A 77 -12.30 -10.17 12.84
N LEU A 78 -11.12 -10.07 12.21
CA LEU A 78 -9.97 -9.54 12.90
C LEU A 78 -10.00 -8.01 12.89
N LEU A 79 -10.69 -7.41 11.90
CA LEU A 79 -10.88 -5.97 11.84
C LEU A 79 -11.83 -5.51 12.95
N GLN A 80 -12.54 -6.44 13.60
CA GLN A 80 -13.38 -6.11 14.75
C GLN A 80 -12.90 -6.78 16.04
N ALA A 81 -11.86 -7.62 15.97
CA ALA A 81 -11.33 -8.29 17.16
C ALA A 81 -9.97 -7.75 17.58
N CYS A 82 -9.26 -7.05 16.69
CA CYS A 82 -7.99 -6.44 17.05
C CYS A 82 -8.21 -5.13 17.81
N SER A 83 -7.15 -4.64 18.47
CA SER A 83 -7.21 -3.44 19.30
C SER A 83 -7.11 -2.17 18.46
N HIS A 84 -7.01 -1.02 19.14
CA HIS A 84 -6.97 0.31 18.54
C HIS A 84 -8.24 0.67 17.77
N ASP A 85 -8.17 1.51 16.74
CA ASP A 85 -9.36 2.09 16.14
C ASP A 85 -9.51 1.76 14.66
N PRO A 86 -10.74 1.43 14.23
CA PRO A 86 -11.03 1.04 12.86
C PRO A 86 -10.95 2.23 11.92
N LEU A 87 -11.14 3.45 12.42
CA LEU A 87 -11.03 4.65 11.61
C LEU A 87 -10.84 5.89 12.48
N SER A 88 -10.46 6.99 11.81
CA SER A 88 -10.28 8.31 12.41
C SER A 88 -10.60 9.38 11.36
N PRO A 89 -10.91 10.61 11.79
CA PRO A 89 -11.15 11.72 10.88
C PRO A 89 -9.94 12.04 10.00
N ASP A 90 -8.78 11.47 10.34
CA ASP A 90 -7.54 11.67 9.61
C ASP A 90 -7.39 10.69 8.44
N GLY A 91 -8.43 9.91 8.14
CA GLY A 91 -8.41 8.94 7.07
C GLY A 91 -7.62 7.69 7.45
N LEU A 92 -7.23 7.59 8.72
CA LEU A 92 -6.46 6.48 9.25
C LEU A 92 -7.37 5.28 9.54
N SER A 93 -6.80 4.07 9.46
CA SER A 93 -7.42 2.82 9.89
C SER A 93 -6.30 1.91 10.37
N GLU A 94 -6.27 1.56 11.66
CA GLU A 94 -5.13 0.84 12.22
C GLU A 94 -5.50 0.05 13.48
N TYR A 95 -5.03 -1.20 13.54
CA TYR A 95 -5.29 -2.07 14.68
C TYR A 95 -3.98 -2.65 15.22
N TYR A 96 -4.03 -3.22 16.43
CA TYR A 96 -2.86 -3.83 17.04
C TYR A 96 -3.21 -5.13 17.77
N PHE A 97 -2.21 -6.00 17.89
CA PHE A 97 -2.29 -7.29 18.56
C PHE A 97 -0.85 -7.72 18.89
N LYS A 98 -0.61 -8.98 19.28
CA LYS A 98 0.75 -9.49 19.42
C LYS A 98 0.80 -10.97 19.05
N MET A 99 2.00 -11.44 18.70
CA MET A 99 2.21 -12.77 18.14
C MET A 99 3.30 -13.54 18.88
N SER A 100 4.09 -12.87 19.73
CA SER A 100 5.22 -13.49 20.39
C SER A 100 4.85 -14.08 21.75
N SER A 101 5.61 -15.08 22.17
CA SER A 101 5.52 -15.72 23.47
C SER A 101 6.93 -15.88 24.06
N ARG A 102 7.92 -15.28 23.39
CA ARG A 102 9.32 -15.35 23.78
C ARG A 102 9.61 -14.25 24.81
N ARG A 103 10.82 -14.22 25.37
CA ARG A 103 11.22 -13.20 26.34
C ARG A 103 11.37 -11.81 25.71
N MET A 104 11.07 -11.71 24.41
CA MET A 104 11.15 -10.46 23.67
C MET A 104 9.74 -9.99 23.27
N ARG A 105 8.73 -10.44 24.04
CA ARG A 105 7.32 -10.12 23.82
C ARG A 105 6.98 -8.66 24.16
N CYS A 106 7.93 -7.74 23.95
CA CYS A 106 7.79 -6.36 24.37
C CYS A 106 7.21 -5.48 23.26
N LYS A 107 6.46 -6.08 22.34
CA LYS A 107 5.92 -5.40 21.18
C LYS A 107 4.51 -5.87 20.86
N GLU A 108 3.75 -5.01 20.17
CA GLU A 108 2.48 -5.36 19.58
C GLU A 108 2.61 -5.18 18.07
N VAL A 109 2.09 -6.13 17.30
CA VAL A 109 2.17 -6.09 15.85
C VAL A 109 1.12 -5.16 15.28
N GLN A 110 1.51 -4.39 14.27
CA GLN A 110 0.62 -3.49 13.56
C GLN A 110 -0.10 -4.30 12.49
N VAL A 111 -1.38 -4.03 12.24
CA VAL A 111 -2.09 -4.73 11.17
C VAL A 111 -2.93 -3.74 10.37
N ILE A 112 -2.85 -3.85 9.03
CA ILE A 112 -3.46 -2.90 8.11
C ILE A 112 -4.13 -3.67 6.97
N PRO A 113 -5.46 -3.51 6.79
CA PRO A 113 -6.19 -4.15 5.70
C PRO A 113 -5.98 -3.43 4.37
N TRP A 114 -6.48 -4.01 3.29
CA TRP A 114 -6.44 -3.38 1.98
C TRP A 114 -7.82 -3.42 1.30
N VAL A 115 -8.11 -2.39 0.50
CA VAL A 115 -9.41 -2.20 -0.14
C VAL A 115 -9.28 -2.20 -1.65
N LEU A 116 -10.31 -2.69 -2.33
CA LEU A 116 -10.31 -2.87 -3.79
C LEU A 116 -10.38 -1.54 -4.52
N ALA A 117 -11.16 -0.60 -3.99
CA ALA A 117 -11.46 0.66 -4.65
C ALA A 117 -10.31 1.68 -4.55
N ASP A 118 -9.09 1.21 -4.27
CA ASP A 118 -7.94 2.08 -4.07
C ASP A 118 -6.76 1.68 -4.97
N SER A 119 -6.94 0.67 -5.83
CA SER A 119 -5.86 0.17 -6.68
C SER A 119 -5.91 0.72 -8.11
N ASN A 120 -6.99 1.42 -8.49
CA ASN A 120 -7.13 1.97 -9.83
C ASN A 120 -8.04 3.21 -9.84
N PHE A 121 -7.47 4.37 -10.14
CA PHE A 121 -8.20 5.63 -10.20
C PHE A 121 -7.32 6.73 -10.78
N VAL A 122 -7.93 7.83 -11.22
CA VAL A 122 -7.19 9.04 -11.57
C VAL A 122 -8.07 10.28 -11.47
N ARG A 123 -7.42 11.43 -11.26
CA ARG A 123 -8.07 12.71 -11.00
C ARG A 123 -8.56 13.39 -12.28
N SER A 124 -8.05 12.95 -13.43
CA SER A 124 -8.40 13.50 -14.73
C SER A 124 -9.86 13.19 -15.06
N PRO A 125 -10.49 14.02 -15.92
CA PRO A 125 -11.89 13.87 -16.30
C PRO A 125 -12.13 12.66 -17.22
N SER A 126 -11.05 11.97 -17.60
CA SER A 126 -11.11 10.77 -18.42
C SER A 126 -10.01 9.81 -17.99
N GLN A 127 -10.13 8.53 -18.36
CA GLN A 127 -9.16 7.51 -17.98
C GLN A 127 -8.86 6.60 -19.17
N ARG A 128 -7.57 6.38 -19.43
CA ARG A 128 -7.08 5.52 -20.49
C ARG A 128 -5.66 5.08 -20.17
N LEU A 129 -5.02 4.36 -21.09
CA LEU A 129 -3.64 3.91 -20.93
C LEU A 129 -2.85 4.15 -22.22
N ASP A 130 -1.55 3.91 -22.15
CA ASP A 130 -0.63 4.11 -23.27
C ASP A 130 0.51 3.09 -23.17
N PRO A 131 0.80 2.35 -24.25
CA PRO A 131 1.77 1.27 -24.26
C PRO A 131 3.21 1.76 -24.27
N SER A 132 3.44 3.07 -24.27
CA SER A 132 4.78 3.64 -24.32
C SER A 132 4.98 4.76 -23.31
N ARG A 133 3.98 5.03 -22.47
CA ARG A 133 4.01 6.11 -21.49
C ARG A 133 3.56 5.60 -20.12
N THR A 134 3.82 4.33 -19.81
CA THR A 134 3.50 3.72 -18.53
C THR A 134 4.80 3.32 -17.86
N VAL A 135 4.92 3.56 -16.55
CA VAL A 135 6.17 3.36 -15.85
C VAL A 135 5.91 3.11 -14.37
N PHE A 136 6.92 2.61 -13.63
CA PHE A 136 6.78 2.42 -12.19
C PHE A 136 7.75 3.34 -11.46
N VAL A 137 7.41 3.72 -10.22
CA VAL A 137 8.19 4.71 -9.49
C VAL A 137 8.43 4.32 -8.04
N GLY A 138 9.58 4.74 -7.51
CA GLY A 138 9.99 4.52 -6.14
C GLY A 138 10.07 5.84 -5.37
N ALA A 139 10.88 5.85 -4.31
CA ALA A 139 11.03 6.99 -3.40
C ALA A 139 9.76 7.35 -2.65
N LEU A 140 9.02 6.33 -2.21
CA LEU A 140 7.79 6.50 -1.45
C LEU A 140 7.69 5.43 -0.35
N HIS A 141 6.62 5.47 0.43
CA HIS A 141 6.42 4.56 1.56
C HIS A 141 6.23 3.10 1.12
N GLY A 142 6.14 2.86 -0.20
CA GLY A 142 5.93 1.54 -0.75
C GLY A 142 4.47 1.12 -0.69
N MET A 143 3.61 1.95 -0.12
CA MET A 143 2.18 1.70 -0.02
C MET A 143 1.42 3.03 -0.09
N LEU A 144 0.50 3.12 -1.05
CA LEU A 144 -0.38 4.27 -1.25
C LEU A 144 -1.60 3.83 -2.05
N ASN A 145 -2.57 4.73 -2.18
CA ASN A 145 -3.75 4.48 -3.00
C ASN A 145 -3.71 5.35 -4.26
N ALA A 146 -4.48 4.96 -5.27
CA ALA A 146 -4.48 5.62 -6.57
C ALA A 146 -4.98 7.07 -6.49
N GLU A 147 -5.67 7.45 -5.41
CA GLU A 147 -6.19 8.80 -5.29
C GLU A 147 -5.05 9.79 -5.03
N ALA A 148 -4.02 9.36 -4.30
CA ALA A 148 -2.90 10.22 -3.99
C ALA A 148 -1.90 10.23 -5.14
N LEU A 149 -1.72 9.09 -5.82
CA LEU A 149 -0.78 8.99 -6.92
C LEU A 149 -1.31 9.77 -8.12
N ALA A 150 -2.64 9.86 -8.26
CA ALA A 150 -3.26 10.65 -9.30
C ALA A 150 -3.11 12.13 -9.02
N ALA A 151 -3.28 12.55 -7.76
CA ALA A 151 -3.24 13.95 -7.41
C ALA A 151 -1.83 14.53 -7.46
N ILE A 152 -0.81 13.71 -7.14
CA ILE A 152 0.56 14.19 -7.11
C ILE A 152 1.11 14.35 -8.53
N LEU A 153 0.90 13.34 -9.39
CA LEU A 153 1.46 13.38 -10.73
C LEU A 153 0.64 14.32 -11.63
N ASN A 154 -0.58 14.68 -11.20
CA ASN A 154 -1.44 15.57 -11.95
C ASN A 154 -1.30 17.03 -11.51
N ASP A 155 -0.75 17.29 -10.33
CA ASP A 155 -0.63 18.65 -9.82
C ASP A 155 0.72 19.28 -10.15
N LEU A 156 1.79 18.50 -10.18
CA LEU A 156 3.12 19.05 -10.44
C LEU A 156 3.39 19.24 -11.94
N PHE A 157 2.77 18.44 -12.82
CA PHE A 157 2.98 18.59 -14.26
C PHE A 157 1.74 18.24 -15.09
N GLY A 158 0.77 17.52 -14.54
CA GLY A 158 -0.45 17.17 -15.28
C GLY A 158 -0.17 16.15 -16.39
N GLY A 159 -1.16 15.95 -17.28
CA GLY A 159 -1.04 15.07 -18.42
C GLY A 159 -1.26 13.59 -18.07
N VAL A 160 -1.62 13.30 -16.82
CA VAL A 160 -1.87 11.95 -16.35
C VAL A 160 -3.16 11.40 -16.95
N VAL A 161 -3.23 10.09 -17.19
CA VAL A 161 -4.45 9.43 -17.63
C VAL A 161 -4.81 8.26 -16.74
N TYR A 162 -3.85 7.74 -15.96
CA TYR A 162 -4.11 6.68 -15.01
C TYR A 162 -3.04 6.67 -13.92
N ALA A 163 -3.42 6.25 -12.71
CA ALA A 163 -2.50 6.11 -11.61
C ALA A 163 -2.92 4.91 -10.76
N GLY A 164 -1.94 4.30 -10.07
CA GLY A 164 -2.19 3.14 -9.25
C GLY A 164 -0.87 2.57 -8.74
N ILE A 165 -0.92 1.32 -8.27
CA ILE A 165 0.24 0.65 -7.71
C ILE A 165 0.40 -0.73 -8.36
N ASP A 166 1.66 -1.18 -8.45
CA ASP A 166 1.97 -2.52 -8.90
C ASP A 166 1.83 -3.46 -7.71
N THR A 167 1.75 -4.76 -7.95
CA THR A 167 1.50 -5.71 -6.88
C THR A 167 2.35 -6.97 -7.05
N ASP A 168 2.85 -7.50 -5.94
CA ASP A 168 3.68 -8.69 -5.98
C ASP A 168 2.84 -9.97 -5.99
N LYS A 169 3.14 -10.86 -6.94
CA LYS A 169 2.48 -12.16 -7.12
C LYS A 169 0.95 -12.10 -7.13
N HIS A 170 0.37 -10.92 -7.37
CA HIS A 170 -1.07 -10.73 -7.40
C HIS A 170 -1.42 -9.65 -8.43
N LYS A 171 -2.63 -9.08 -8.34
CA LYS A 171 -3.11 -8.05 -9.23
C LYS A 171 -3.94 -6.99 -8.49
N TYR A 172 -3.97 -7.07 -7.15
CA TYR A 172 -4.86 -6.21 -6.36
C TYR A 172 -4.23 -5.55 -5.13
N PRO A 173 -3.23 -6.14 -4.44
CA PRO A 173 -2.65 -5.56 -3.24
C PRO A 173 -1.70 -4.39 -3.55
N ILE A 174 -0.40 -4.56 -3.28
CA ILE A 174 0.58 -3.48 -3.34
C ILE A 174 1.97 -4.04 -3.63
N GLY A 175 2.88 -3.17 -4.06
CA GLY A 175 4.28 -3.51 -4.26
C GLY A 175 5.11 -2.28 -4.61
N SER A 176 4.58 -1.41 -5.50
CA SER A 176 5.27 -0.19 -5.91
C SER A 176 4.30 0.76 -6.60
N GLY A 177 4.73 2.00 -6.91
CA GLY A 177 3.87 2.98 -7.55
C GLY A 177 3.94 2.88 -9.08
N ARG A 178 2.85 3.25 -9.76
CA ARG A 178 2.79 3.28 -11.23
C ARG A 178 1.92 4.43 -11.70
N VAL A 179 2.20 4.92 -12.92
CA VAL A 179 1.45 6.02 -13.51
C VAL A 179 1.53 5.96 -15.04
N THR A 180 0.54 6.56 -15.72
CA THR A 180 0.47 6.59 -17.18
C THR A 180 0.06 7.98 -17.66
N PHE A 181 0.59 8.38 -18.83
CA PHE A 181 0.37 9.69 -19.43
C PHE A 181 -0.01 9.56 -20.90
N ASN A 182 -0.34 10.68 -21.54
CA ASN A 182 -0.64 10.72 -22.98
C ASN A 182 0.31 11.66 -23.73
N ASN A 183 1.30 12.22 -23.03
CA ASN A 183 2.29 13.11 -23.62
C ASN A 183 3.66 12.74 -23.08
N GLN A 184 4.68 12.70 -23.95
CA GLN A 184 6.01 12.25 -23.56
C GLN A 184 6.74 13.28 -22.70
N ARG A 185 6.36 14.56 -22.82
CA ARG A 185 7.01 15.63 -22.07
C ARG A 185 6.51 15.64 -20.63
N SER A 186 5.19 15.50 -20.45
CA SER A 186 4.60 15.45 -19.11
C SER A 186 4.91 14.12 -18.45
N TYR A 187 5.17 13.08 -19.27
CA TYR A 187 5.51 11.75 -18.80
C TYR A 187 6.80 11.77 -18.00
N LEU A 188 7.94 12.10 -18.62
CA LEU A 188 9.20 11.96 -17.91
C LEU A 188 9.42 13.08 -16.89
N LYS A 189 8.81 14.25 -17.10
CA LYS A 189 9.02 15.37 -16.19
C LYS A 189 8.26 15.16 -14.88
N ALA A 190 7.18 14.39 -14.90
CA ALA A 190 6.44 14.15 -13.68
C ALA A 190 7.15 13.08 -12.85
N VAL A 191 7.63 12.02 -13.51
CA VAL A 191 8.22 10.88 -12.81
C VAL A 191 9.66 11.14 -12.39
N SER A 192 10.29 12.20 -12.91
CA SER A 192 11.71 12.44 -12.67
C SER A 192 12.01 13.87 -12.24
N ALA A 193 10.99 14.73 -12.18
CA ALA A 193 11.17 16.10 -11.71
C ALA A 193 10.06 16.51 -10.74
N ALA A 194 9.13 15.60 -10.40
CA ALA A 194 8.14 15.88 -9.37
C ALA A 194 8.64 15.41 -8.01
N PHE A 195 9.95 15.46 -7.79
CA PHE A 195 10.58 15.02 -6.55
C PHE A 195 10.37 16.05 -5.43
N VAL A 196 9.37 16.91 -5.59
CA VAL A 196 9.00 17.94 -4.64
C VAL A 196 8.69 17.32 -3.28
N GLU A 197 8.68 18.13 -2.22
CA GLU A 197 8.31 17.65 -0.90
C GLU A 197 6.82 17.35 -0.88
N ILE A 198 6.45 16.14 -0.47
CA ILE A 198 5.06 15.70 -0.43
C ILE A 198 4.72 15.14 0.95
N LYS A 199 3.46 15.30 1.34
CA LYS A 199 2.91 14.70 2.56
C LYS A 199 1.47 14.31 2.33
N THR A 200 1.06 13.23 3.00
CA THR A 200 -0.32 12.74 2.99
C THR A 200 -0.82 12.58 4.43
N THR A 201 -0.31 13.45 5.31
CA THR A 201 -0.58 13.47 6.74
C THR A 201 -0.25 12.15 7.44
N LYS A 202 0.63 11.34 6.83
CA LYS A 202 1.08 10.07 7.41
C LYS A 202 2.59 9.90 7.26
N PHE A 203 3.18 10.47 6.20
CA PHE A 203 4.60 10.36 5.90
C PHE A 203 4.98 11.37 4.81
N THR A 204 6.29 11.52 4.58
CA THR A 204 6.80 12.33 3.47
C THR A 204 7.04 11.46 2.25
N LYS A 205 6.98 12.05 1.06
CA LYS A 205 7.11 11.30 -0.18
C LYS A 205 7.83 12.12 -1.26
N LYS A 206 8.38 11.40 -2.24
CA LYS A 206 8.99 11.92 -3.46
C LYS A 206 8.68 10.94 -4.60
N VAL A 207 9.37 11.07 -5.74
CA VAL A 207 9.23 10.13 -6.85
C VAL A 207 10.58 9.89 -7.52
N GLN A 208 10.78 8.66 -8.03
CA GLN A 208 11.93 8.31 -8.84
C GLN A 208 11.49 7.39 -9.98
N ILE A 209 11.81 7.77 -11.22
CA ILE A 209 11.48 7.01 -12.41
C ILE A 209 12.27 5.70 -12.50
N ASP A 210 11.61 4.65 -13.01
CA ASP A 210 12.24 3.39 -13.33
C ASP A 210 11.46 2.74 -14.49
N PRO A 211 12.11 2.53 -15.65
CA PRO A 211 11.47 1.99 -16.85
C PRO A 211 10.66 0.71 -16.59
N TYR A 212 9.53 0.59 -17.30
CA TYR A 212 8.61 -0.53 -17.15
C TYR A 212 8.32 -1.21 -18.49
N LEU A 213 8.94 -0.72 -19.57
CA LEU A 213 8.76 -1.25 -20.91
C LEU A 213 9.59 -2.52 -21.09
N MET A 1 5.41 25.36 -7.13
CA MET A 1 5.85 23.97 -7.38
C MET A 1 5.42 23.05 -6.25
N THR A 2 5.83 23.35 -5.01
CA THR A 2 5.51 22.53 -3.84
C THR A 2 4.24 23.01 -3.14
N TRP A 3 3.43 22.06 -2.67
CA TRP A 3 2.22 22.32 -1.91
C TRP A 3 1.83 21.09 -1.10
N SER A 4 1.02 21.28 -0.05
CA SER A 4 0.59 20.20 0.82
C SER A 4 -0.75 20.53 1.48
N GLY A 5 -1.41 19.52 2.02
CA GLY A 5 -2.66 19.68 2.77
C GLY A 5 -3.87 19.92 1.87
N GLN A 6 -3.77 19.64 0.58
CA GLN A 6 -4.86 19.88 -0.37
C GLN A 6 -5.27 18.59 -1.10
N LEU A 7 -4.87 17.42 -0.57
CA LEU A 7 -5.20 16.15 -1.21
C LEU A 7 -6.70 15.87 -1.07
N PRO A 8 -7.35 15.34 -2.11
CA PRO A 8 -8.77 15.03 -2.11
C PRO A 8 -9.05 13.76 -1.31
N PRO A 9 -10.04 13.79 -0.41
CA PRO A 9 -10.48 12.64 0.37
C PRO A 9 -11.40 11.74 -0.46
N ARG A 10 -11.60 10.50 0.00
CA ARG A 10 -12.51 9.56 -0.63
C ARG A 10 -13.04 8.58 0.42
N ASN A 11 -14.27 8.10 0.24
CA ASN A 11 -14.90 7.16 1.16
C ASN A 11 -15.70 6.11 0.39
N TYR A 12 -16.07 5.03 1.06
CA TYR A 12 -16.85 3.96 0.47
C TYR A 12 -17.75 3.34 1.54
N LYS A 13 -18.76 2.56 1.10
CA LYS A 13 -19.74 1.98 2.02
C LYS A 13 -19.16 0.80 2.81
N ASN A 14 -17.98 0.31 2.41
CA ASN A 14 -17.28 -0.77 3.08
C ASN A 14 -18.22 -1.92 3.45
N PRO A 15 -18.95 -2.49 2.49
CA PRO A 15 -19.87 -3.59 2.73
C PRO A 15 -19.11 -4.88 3.03
N ILE A 16 -17.90 -5.02 2.46
CA ILE A 16 -17.03 -6.17 2.66
C ILE A 16 -15.57 -5.74 2.52
N TYR A 17 -14.65 -6.54 3.08
CA TYR A 17 -13.23 -6.28 3.01
C TYR A 17 -12.58 -7.10 1.89
N SER A 18 -11.34 -6.73 1.54
CA SER A 18 -10.56 -7.40 0.52
C SER A 18 -9.78 -8.57 1.12
N CYS A 19 -9.14 -9.36 0.26
CA CYS A 19 -8.38 -10.53 0.67
C CYS A 19 -6.97 -10.16 1.14
N LYS A 20 -6.70 -8.87 1.37
CA LYS A 20 -5.36 -8.38 1.70
C LYS A 20 -5.30 -7.73 3.08
N VAL A 21 -4.22 -8.05 3.80
CA VAL A 21 -3.89 -7.44 5.09
C VAL A 21 -2.38 -7.49 5.31
N PHE A 22 -1.84 -6.46 5.97
CA PHE A 22 -0.43 -6.39 6.34
C PHE A 22 -0.29 -6.74 7.83
N LEU A 23 0.89 -7.24 8.22
CA LEU A 23 1.17 -7.58 9.60
C LEU A 23 2.60 -7.14 9.94
N GLY A 24 2.69 -5.99 10.61
CA GLY A 24 3.94 -5.45 11.12
C GLY A 24 4.28 -6.12 12.47
N GLY A 25 5.46 -5.83 13.00
CA GLY A 25 5.85 -6.37 14.29
C GLY A 25 6.33 -7.81 14.17
N VAL A 26 5.47 -8.75 14.58
CA VAL A 26 5.74 -10.18 14.74
C VAL A 26 6.98 -10.49 15.58
N PRO A 27 7.08 -11.72 16.09
CA PRO A 27 8.23 -12.21 16.85
C PRO A 27 9.57 -11.92 16.18
N TRP A 28 10.64 -12.12 16.94
CA TRP A 28 11.99 -11.78 16.54
C TRP A 28 12.79 -13.02 16.13
N ASP A 29 12.10 -14.12 15.82
CA ASP A 29 12.72 -15.36 15.39
C ASP A 29 11.87 -16.06 14.33
N ILE A 30 10.91 -15.34 13.72
CA ILE A 30 10.01 -15.91 12.73
C ILE A 30 10.38 -15.49 11.31
N THR A 31 9.59 -16.02 10.36
CA THR A 31 9.62 -15.68 8.94
C THR A 31 8.17 -15.70 8.47
N GLU A 32 7.95 -15.77 7.15
CA GLU A 32 6.64 -16.01 6.58
C GLU A 32 5.94 -17.21 7.24
N ALA A 33 6.71 -18.14 7.83
CA ALA A 33 6.14 -19.31 8.48
C ALA A 33 5.44 -18.96 9.79
N GLY A 34 5.72 -17.77 10.34
CA GLY A 34 5.15 -17.35 11.61
C GLY A 34 3.64 -17.19 11.50
N LEU A 35 3.17 -16.40 10.51
CA LEU A 35 1.74 -16.19 10.36
C LEU A 35 1.07 -17.33 9.60
N VAL A 36 1.83 -18.10 8.80
CA VAL A 36 1.20 -19.19 8.06
C VAL A 36 0.80 -20.30 9.03
N ASN A 37 1.42 -20.34 10.20
CA ASN A 37 1.07 -21.30 11.25
C ASN A 37 0.19 -20.69 12.35
N THR A 38 0.17 -19.36 12.50
CA THR A 38 -0.63 -18.73 13.54
C THR A 38 -2.10 -18.64 13.14
N PHE A 39 -2.39 -18.76 11.84
CA PHE A 39 -3.76 -18.74 11.36
C PHE A 39 -4.15 -20.10 10.77
N ARG A 40 -3.37 -20.59 9.80
CA ARG A 40 -3.53 -21.92 9.21
C ARG A 40 -5.00 -22.30 8.97
N VAL A 41 -5.78 -21.36 8.43
CA VAL A 41 -7.20 -21.60 8.17
C VAL A 41 -7.38 -22.68 7.10
N PHE A 42 -8.57 -23.27 7.05
CA PHE A 42 -8.86 -24.38 6.15
C PHE A 42 -9.12 -23.91 4.72
N GLY A 43 -9.48 -22.65 4.53
CA GLY A 43 -9.69 -22.07 3.21
C GLY A 43 -8.36 -21.62 2.61
N SER A 44 -8.41 -20.83 1.53
CA SER A 44 -7.20 -20.33 0.92
C SER A 44 -6.44 -19.44 1.90
N LEU A 45 -5.14 -19.71 2.06
CA LEU A 45 -4.27 -18.97 2.96
C LEU A 45 -2.87 -18.92 2.34
N SER A 46 -2.31 -17.71 2.25
CA SER A 46 -0.99 -17.49 1.68
C SER A 46 -0.24 -16.42 2.46
N VAL A 47 1.07 -16.36 2.26
CA VAL A 47 1.94 -15.42 2.94
C VAL A 47 2.97 -14.87 1.95
N GLU A 48 3.41 -13.64 2.18
CA GLU A 48 4.42 -13.01 1.33
C GLU A 48 5.58 -12.50 2.17
N TRP A 49 6.78 -12.55 1.59
CA TRP A 49 8.01 -12.10 2.22
C TRP A 49 9.00 -11.69 1.12
N PRO A 50 9.33 -10.39 1.04
CA PRO A 50 10.17 -9.83 0.00
C PRO A 50 11.66 -10.07 0.30
N GLY A 51 11.96 -10.77 1.40
CA GLY A 51 13.33 -11.09 1.79
C GLY A 51 13.91 -12.25 0.97
N LYS A 52 14.83 -13.01 1.58
CA LYS A 52 15.49 -14.14 0.94
C LYS A 52 16.18 -13.72 -0.36
N ASP A 53 16.58 -12.45 -0.46
CA ASP A 53 17.29 -11.90 -1.60
C ASP A 53 18.49 -11.07 -1.15
N GLY A 54 18.79 -11.10 0.16
CA GLY A 54 19.88 -10.34 0.74
C GLY A 54 19.51 -8.87 0.94
N LYS A 55 20.41 -8.11 1.56
CA LYS A 55 20.23 -6.69 1.82
C LYS A 55 21.59 -5.97 1.83
N HIS A 56 21.55 -4.64 1.82
CA HIS A 56 22.76 -3.82 1.84
C HIS A 56 22.90 -2.99 3.12
N PRO A 57 21.82 -2.44 3.70
CA PRO A 57 21.87 -1.69 4.95
C PRO A 57 22.41 -2.54 6.10
N ARG A 58 22.99 -1.87 7.11
CA ARG A 58 23.55 -2.53 8.29
C ARG A 58 22.48 -2.82 9.35
N CYS A 59 21.21 -2.60 9.00
CA CYS A 59 20.09 -2.82 9.90
C CYS A 59 19.92 -4.33 10.17
N PRO A 60 19.22 -4.68 11.25
CA PRO A 60 18.94 -6.07 11.63
C PRO A 60 18.23 -6.84 10.51
N PRO A 61 18.30 -8.18 10.55
CA PRO A 61 17.67 -9.05 9.56
C PRO A 61 16.15 -9.09 9.72
N LYS A 62 15.60 -8.41 10.72
CA LYS A 62 14.16 -8.36 10.96
C LYS A 62 13.47 -7.56 9.86
N GLY A 63 12.20 -7.85 9.63
CA GLY A 63 11.41 -7.18 8.61
C GLY A 63 9.91 -7.20 8.96
N TYR A 64 9.06 -7.10 7.94
CA TYR A 64 7.62 -7.03 8.08
C TYR A 64 7.00 -7.97 7.04
N VAL A 65 5.89 -8.63 7.37
CA VAL A 65 5.34 -9.71 6.55
C VAL A 65 3.88 -9.43 6.18
N TYR A 66 3.35 -10.18 5.20
CA TYR A 66 2.01 -9.95 4.67
C TYR A 66 1.20 -11.23 4.55
N LEU A 67 -0.05 -11.09 4.14
CA LEU A 67 -1.00 -12.20 4.19
C LEU A 67 -2.09 -12.02 3.14
N VAL A 68 -2.47 -13.12 2.49
CA VAL A 68 -3.58 -13.15 1.53
C VAL A 68 -4.45 -14.36 1.81
N PHE A 69 -5.75 -14.15 1.91
CA PHE A 69 -6.70 -15.22 2.20
C PHE A 69 -8.12 -14.86 1.78
N GLU A 70 -8.94 -15.88 1.48
CA GLU A 70 -10.31 -15.68 1.02
C GLU A 70 -11.32 -15.74 2.17
N LEU A 71 -10.85 -15.97 3.40
CA LEU A 71 -11.71 -16.14 4.56
C LEU A 71 -12.24 -14.80 5.04
N GLU A 72 -13.42 -14.40 4.54
CA GLU A 72 -14.06 -13.17 4.99
C GLU A 72 -14.41 -13.29 6.48
N LYS A 73 -14.58 -14.52 6.97
CA LYS A 73 -14.89 -14.78 8.37
C LYS A 73 -13.64 -14.68 9.24
N SER A 74 -12.45 -14.92 8.68
CA SER A 74 -11.20 -14.82 9.43
C SER A 74 -10.68 -13.39 9.37
N VAL A 75 -11.06 -12.64 8.33
CA VAL A 75 -10.72 -11.24 8.21
C VAL A 75 -11.40 -10.46 9.32
N ARG A 76 -12.70 -10.73 9.56
CA ARG A 76 -13.43 -10.03 10.61
C ARG A 76 -13.10 -10.59 11.98
N SER A 77 -12.65 -11.85 12.06
CA SER A 77 -12.33 -12.48 13.33
C SER A 77 -11.11 -11.81 13.97
N LEU A 78 -10.12 -11.41 13.17
CA LEU A 78 -8.92 -10.78 13.73
C LEU A 78 -9.07 -9.26 13.80
N LEU A 79 -9.98 -8.69 13.01
CA LEU A 79 -10.32 -7.28 13.11
C LEU A 79 -11.14 -7.04 14.38
N GLN A 80 -11.68 -8.11 14.97
CA GLN A 80 -12.45 -8.04 16.21
C GLN A 80 -11.67 -8.64 17.39
N ALA A 81 -10.71 -9.52 17.14
CA ALA A 81 -9.96 -10.15 18.23
C ALA A 81 -8.73 -9.32 18.62
N CYS A 82 -8.19 -8.53 17.70
CA CYS A 82 -7.07 -7.65 18.01
C CYS A 82 -7.59 -6.32 18.57
N SER A 83 -6.76 -5.64 19.36
CA SER A 83 -7.10 -4.32 19.90
C SER A 83 -7.02 -3.28 18.79
N HIS A 84 -7.38 -2.04 19.10
CA HIS A 84 -7.31 -0.96 18.12
C HIS A 84 -7.06 0.39 18.75
N ASP A 85 -6.48 1.29 17.96
CA ASP A 85 -6.28 2.69 18.30
C ASP A 85 -6.57 3.53 17.06
N PRO A 86 -7.26 4.65 17.22
CA PRO A 86 -7.69 5.51 16.14
C PRO A 86 -6.54 6.24 15.44
N LEU A 87 -5.33 6.17 16.00
CA LEU A 87 -4.15 6.76 15.39
C LEU A 87 -2.92 5.89 15.61
N SER A 88 -1.87 6.20 14.85
CA SER A 88 -0.61 5.50 14.83
C SER A 88 0.49 6.53 14.54
N PRO A 89 1.77 6.25 14.84
CA PRO A 89 2.87 7.15 14.52
C PRO A 89 2.96 7.52 13.04
N ASP A 90 2.12 6.91 12.19
CA ASP A 90 2.08 7.20 10.75
C ASP A 90 0.80 7.94 10.37
N GLY A 91 0.00 8.36 11.36
CA GLY A 91 -1.15 9.24 11.13
C GLY A 91 -2.44 8.51 10.72
N LEU A 92 -2.62 7.24 11.11
CA LEU A 92 -3.81 6.48 10.74
C LEU A 92 -4.24 5.51 11.85
N SER A 93 -5.45 4.97 11.72
CA SER A 93 -5.95 3.97 12.66
C SER A 93 -5.36 2.59 12.35
N GLU A 94 -5.09 1.80 13.38
CA GLU A 94 -4.53 0.45 13.23
C GLU A 94 -5.01 -0.48 14.33
N TYR A 95 -4.79 -1.78 14.13
CA TYR A 95 -5.09 -2.80 15.14
C TYR A 95 -3.80 -3.29 15.78
N TYR A 96 -3.87 -3.81 17.01
CA TYR A 96 -2.67 -4.19 17.75
C TYR A 96 -2.83 -5.49 18.53
N PHE A 97 -1.72 -6.21 18.70
CA PHE A 97 -1.66 -7.47 19.44
C PHE A 97 -0.19 -7.74 19.79
N LYS A 98 0.16 -8.91 20.36
CA LYS A 98 1.54 -9.27 20.62
C LYS A 98 1.70 -10.79 20.65
N MET A 99 2.93 -11.25 20.47
CA MET A 99 3.29 -12.66 20.48
C MET A 99 4.50 -12.87 21.39
N SER A 100 4.82 -14.13 21.69
CA SER A 100 5.92 -14.47 22.58
C SER A 100 7.28 -14.19 21.96
N SER A 101 8.30 -14.07 22.82
CA SER A 101 9.67 -13.81 22.41
C SER A 101 10.65 -14.38 23.42
N ARG A 102 11.93 -14.49 23.03
CA ARG A 102 13.00 -15.00 23.88
C ARG A 102 14.26 -14.15 23.76
N ARG A 103 14.18 -12.99 23.09
CA ARG A 103 15.34 -12.14 22.87
C ARG A 103 15.00 -10.65 22.94
N MET A 104 13.75 -10.31 23.28
CA MET A 104 13.31 -8.92 23.43
C MET A 104 12.51 -8.76 24.72
N ARG A 105 12.33 -7.53 25.18
CA ARG A 105 11.63 -7.26 26.43
C ARG A 105 10.12 -7.27 26.22
N CYS A 106 9.61 -6.36 25.38
CA CYS A 106 8.18 -6.29 25.08
C CYS A 106 7.93 -5.40 23.87
N LYS A 107 6.98 -5.81 23.02
CA LYS A 107 6.48 -5.01 21.91
C LYS A 107 5.11 -5.53 21.50
N GLU A 108 4.50 -4.86 20.51
CA GLU A 108 3.23 -5.26 19.95
C GLU A 108 3.29 -5.29 18.43
N VAL A 109 2.58 -6.27 17.86
CA VAL A 109 2.41 -6.40 16.43
C VAL A 109 1.18 -5.61 16.02
N GLN A 110 1.04 -5.29 14.74
CA GLN A 110 -0.11 -4.54 14.27
C GLN A 110 -0.49 -4.98 12.86
N VAL A 111 -1.78 -4.88 12.54
CA VAL A 111 -2.29 -5.28 11.24
C VAL A 111 -3.11 -4.16 10.61
N ILE A 112 -3.11 -4.12 9.28
CA ILE A 112 -3.81 -3.10 8.51
C ILE A 112 -4.52 -3.80 7.35
N PRO A 113 -5.85 -3.96 7.43
CA PRO A 113 -6.65 -4.59 6.40
C PRO A 113 -6.91 -3.62 5.25
N TRP A 114 -7.55 -4.12 4.20
CA TRP A 114 -7.97 -3.28 3.09
C TRP A 114 -9.41 -3.59 2.67
N VAL A 115 -10.11 -2.58 2.19
CA VAL A 115 -11.52 -2.69 1.80
C VAL A 115 -11.63 -3.16 0.35
N LEU A 116 -12.74 -3.81 -0.01
CA LEU A 116 -12.93 -4.33 -1.35
C LEU A 116 -13.13 -3.17 -2.32
N ALA A 117 -12.11 -2.92 -3.15
CA ALA A 117 -12.19 -1.86 -4.13
C ALA A 117 -11.15 -2.04 -5.22
N ASP A 118 -11.32 -1.36 -6.34
CA ASP A 118 -10.39 -1.45 -7.46
C ASP A 118 -9.13 -0.63 -7.18
N SER A 119 -9.26 0.43 -6.37
CA SER A 119 -8.16 1.28 -5.94
C SER A 119 -7.29 1.84 -7.08
N ASN A 120 -7.79 1.87 -8.32
CA ASN A 120 -7.02 2.45 -9.43
C ASN A 120 -7.91 3.19 -10.42
N PHE A 121 -7.60 4.46 -10.66
CA PHE A 121 -8.32 5.35 -11.56
C PHE A 121 -7.57 6.69 -11.63
N VAL A 122 -8.16 7.71 -12.26
CA VAL A 122 -7.57 9.04 -12.23
C VAL A 122 -8.64 10.10 -12.49
N ARG A 123 -8.31 11.37 -12.23
CA ARG A 123 -9.24 12.49 -12.42
C ARG A 123 -9.17 13.02 -13.86
N SER A 124 -8.01 12.91 -14.50
CA SER A 124 -7.79 13.39 -15.85
C SER A 124 -8.49 12.48 -16.87
N PRO A 125 -8.64 12.95 -18.12
CA PRO A 125 -9.20 12.18 -19.21
C PRO A 125 -8.46 10.86 -19.42
N SER A 126 -9.13 9.88 -20.04
CA SER A 126 -8.55 8.56 -20.28
C SER A 126 -8.99 8.00 -21.63
N GLN A 127 -9.34 8.89 -22.58
CA GLN A 127 -9.85 8.50 -23.89
C GLN A 127 -8.78 7.78 -24.71
N ARG A 128 -7.50 7.93 -24.34
CA ARG A 128 -6.40 7.24 -25.03
C ARG A 128 -5.28 6.90 -24.06
N LEU A 129 -4.52 5.86 -24.39
CA LEU A 129 -3.41 5.35 -23.60
C LEU A 129 -2.29 4.90 -24.54
N ASP A 130 -1.09 4.69 -24.02
CA ASP A 130 0.03 4.20 -24.80
C ASP A 130 0.93 3.31 -23.94
N PRO A 131 1.31 2.11 -24.40
CA PRO A 131 2.10 1.17 -23.62
C PRO A 131 3.50 1.68 -23.25
N SER A 132 4.02 2.67 -23.98
CA SER A 132 5.36 3.20 -23.73
C SER A 132 5.33 4.41 -22.81
N ARG A 133 4.13 4.84 -22.39
CA ARG A 133 3.96 5.97 -21.50
C ARG A 133 3.55 5.50 -20.10
N THR A 134 3.71 4.21 -19.83
CA THR A 134 3.33 3.58 -18.57
C THR A 134 4.57 3.09 -17.86
N VAL A 135 4.66 3.32 -16.55
CA VAL A 135 5.86 2.98 -15.80
C VAL A 135 5.55 2.90 -14.30
N PHE A 136 6.46 2.31 -13.51
CA PHE A 136 6.30 2.24 -12.07
C PHE A 136 6.99 3.44 -11.44
N VAL A 137 6.50 3.86 -10.27
CA VAL A 137 7.06 4.99 -9.55
C VAL A 137 6.95 4.74 -8.04
N GLY A 138 7.85 5.38 -7.28
CA GLY A 138 7.83 5.30 -5.83
C GLY A 138 9.13 5.83 -5.21
N ALA A 139 9.14 5.90 -3.88
CA ALA A 139 10.29 6.28 -3.07
C ALA A 139 10.05 5.81 -1.64
N LEU A 140 8.79 5.88 -1.22
CA LEU A 140 8.29 5.36 0.05
C LEU A 140 6.77 5.24 -0.06
N HIS A 141 6.22 4.15 0.50
CA HIS A 141 4.79 3.89 0.46
C HIS A 141 4.23 3.96 -0.96
N GLY A 142 2.90 3.83 -1.09
CA GLY A 142 2.23 3.90 -2.38
C GLY A 142 0.76 3.52 -2.27
N MET A 143 0.29 3.24 -1.05
CA MET A 143 -1.09 2.83 -0.80
C MET A 143 -2.05 4.02 -0.79
N LEU A 144 -1.61 5.16 -1.35
CA LEU A 144 -2.38 6.39 -1.37
C LEU A 144 -3.63 6.26 -2.25
N ASN A 145 -4.51 7.27 -2.15
CA ASN A 145 -5.71 7.34 -2.98
C ASN A 145 -5.31 7.64 -4.43
N ALA A 146 -6.05 7.07 -5.39
CA ALA A 146 -5.74 7.27 -6.79
C ALA A 146 -6.08 8.69 -7.23
N GLU A 147 -6.94 9.38 -6.48
CA GLU A 147 -7.28 10.77 -6.77
C GLU A 147 -6.20 11.69 -6.23
N ALA A 148 -5.37 11.20 -5.30
CA ALA A 148 -4.28 11.98 -4.76
C ALA A 148 -3.10 11.94 -5.72
N LEU A 149 -2.92 10.83 -6.42
CA LEU A 149 -1.88 10.73 -7.45
C LEU A 149 -2.31 11.58 -8.65
N ALA A 150 -3.59 11.46 -9.03
CA ALA A 150 -4.17 12.24 -10.12
C ALA A 150 -3.90 13.74 -9.91
N ALA A 151 -3.99 14.22 -8.68
CA ALA A 151 -3.89 15.64 -8.40
C ALA A 151 -2.44 16.14 -8.38
N ILE A 152 -1.51 15.34 -7.82
CA ILE A 152 -0.15 15.83 -7.65
C ILE A 152 0.65 15.79 -8.94
N LEU A 153 0.32 14.92 -9.89
CA LEU A 153 1.06 14.91 -11.15
C LEU A 153 0.33 15.67 -12.24
N ASN A 154 -0.98 15.92 -12.08
CA ASN A 154 -1.69 16.75 -13.04
C ASN A 154 -1.41 18.23 -12.76
N ASP A 155 -0.96 18.56 -11.55
CA ASP A 155 -0.62 19.93 -11.19
C ASP A 155 0.88 20.21 -11.32
N LEU A 156 1.73 19.18 -11.14
CA LEU A 156 3.18 19.36 -11.20
C LEU A 156 3.70 19.36 -12.64
N PHE A 157 3.09 18.57 -13.54
CA PHE A 157 3.53 18.51 -14.93
C PHE A 157 2.39 18.29 -15.92
N GLY A 158 1.23 17.84 -15.46
CA GLY A 158 0.08 17.60 -16.32
C GLY A 158 0.31 16.39 -17.24
N GLY A 159 -0.59 16.21 -18.21
CA GLY A 159 -0.48 15.15 -19.21
C GLY A 159 -0.86 13.76 -18.69
N VAL A 160 -1.25 13.66 -17.41
CA VAL A 160 -1.64 12.39 -16.80
C VAL A 160 -2.94 11.88 -17.42
N VAL A 161 -3.09 10.57 -17.54
CA VAL A 161 -4.32 9.95 -18.03
C VAL A 161 -4.72 8.72 -17.22
N TYR A 162 -3.87 8.24 -16.31
CA TYR A 162 -4.23 7.14 -15.42
C TYR A 162 -3.29 7.05 -14.24
N ALA A 163 -3.81 6.67 -13.06
CA ALA A 163 -3.02 6.40 -11.88
C ALA A 163 -3.31 4.99 -11.38
N GLY A 164 -2.27 4.16 -11.30
CA GLY A 164 -2.33 2.78 -10.91
C GLY A 164 -1.51 2.53 -9.64
N ILE A 165 -1.77 3.31 -8.60
CA ILE A 165 -1.05 3.17 -7.34
C ILE A 165 -1.66 2.06 -6.50
N ASP A 166 -1.06 1.82 -5.33
CA ASP A 166 -1.48 0.83 -4.35
C ASP A 166 -1.41 -0.61 -4.86
N THR A 167 -2.31 -1.00 -5.76
CA THR A 167 -2.47 -2.39 -6.17
C THR A 167 -1.86 -2.68 -7.54
N ASP A 168 -1.17 -3.83 -7.63
CA ASP A 168 -0.63 -4.36 -8.87
C ASP A 168 -0.14 -5.80 -8.68
N LYS A 169 0.39 -6.11 -7.49
CA LYS A 169 0.95 -7.41 -7.19
C LYS A 169 -0.14 -8.39 -6.81
N HIS A 170 -0.17 -9.56 -7.44
CA HIS A 170 -1.17 -10.60 -7.18
C HIS A 170 -2.59 -10.01 -7.17
N LYS A 171 -2.84 -9.03 -8.05
CA LYS A 171 -4.11 -8.32 -8.17
C LYS A 171 -4.67 -7.81 -6.85
N TYR A 172 -3.79 -7.54 -5.87
CA TYR A 172 -4.17 -7.03 -4.56
C TYR A 172 -3.25 -5.88 -4.16
N PRO A 173 -3.66 -5.07 -3.17
CA PRO A 173 -2.87 -3.95 -2.65
C PRO A 173 -1.46 -4.38 -2.27
N ILE A 174 -0.49 -3.50 -2.51
CA ILE A 174 0.91 -3.78 -2.24
C ILE A 174 1.67 -2.52 -1.83
N GLY A 175 1.23 -1.34 -2.29
CA GLY A 175 1.89 -0.09 -1.96
C GLY A 175 2.88 0.34 -3.04
N SER A 176 2.63 -0.05 -4.30
CA SER A 176 3.48 0.36 -5.42
C SER A 176 2.75 1.35 -6.31
N GLY A 177 3.48 2.25 -6.96
CA GLY A 177 2.88 3.26 -7.82
C GLY A 177 3.05 2.94 -9.30
N ARG A 178 2.00 3.18 -10.09
CA ARG A 178 2.08 3.14 -11.54
C ARG A 178 1.40 4.39 -12.09
N VAL A 179 1.84 4.88 -13.25
CA VAL A 179 1.23 6.06 -13.84
C VAL A 179 1.36 6.02 -15.36
N THR A 180 0.41 6.67 -16.06
CA THR A 180 0.42 6.75 -17.51
C THR A 180 0.07 8.16 -17.98
N PHE A 181 0.68 8.57 -19.08
CA PHE A 181 0.53 9.89 -19.67
C PHE A 181 0.17 9.78 -21.16
N ASN A 182 -0.13 10.90 -21.80
CA ASN A 182 -0.43 10.94 -23.23
C ASN A 182 0.55 11.84 -23.99
N ASN A 183 1.63 12.23 -23.32
CA ASN A 183 2.69 13.04 -23.90
C ASN A 183 4.04 12.52 -23.38
N GLN A 184 5.05 12.41 -24.26
CA GLN A 184 6.33 11.85 -23.89
C GLN A 184 7.13 12.81 -23.01
N ARG A 185 6.92 14.13 -23.18
CA ARG A 185 7.63 15.12 -22.40
C ARG A 185 7.08 15.15 -20.97
N SER A 186 5.76 15.10 -20.83
CA SER A 186 5.12 15.10 -19.52
C SER A 186 5.33 13.76 -18.82
N TYR A 187 5.57 12.71 -19.62
CA TYR A 187 5.78 11.37 -19.10
C TYR A 187 7.05 11.29 -18.27
N LEU A 188 8.22 11.50 -18.88
CA LEU A 188 9.44 11.27 -18.13
C LEU A 188 9.74 12.41 -17.15
N LYS A 189 9.21 13.62 -17.39
CA LYS A 189 9.49 14.74 -16.50
C LYS A 189 8.66 14.66 -15.23
N ALA A 190 7.50 13.99 -15.27
CA ALA A 190 6.71 13.87 -14.06
C ALA A 190 7.32 12.81 -13.15
N VAL A 191 7.65 11.64 -13.74
CA VAL A 191 8.15 10.51 -12.97
C VAL A 191 9.56 10.73 -12.45
N SER A 192 10.32 11.63 -13.07
CA SER A 192 11.75 11.75 -12.77
C SER A 192 12.18 13.17 -12.39
N ALA A 193 11.24 14.10 -12.34
CA ALA A 193 11.52 15.47 -11.90
C ALA A 193 10.49 15.95 -10.89
N ALA A 194 9.56 15.07 -10.48
CA ALA A 194 8.65 15.39 -9.39
C ALA A 194 9.36 15.19 -8.04
N PHE A 195 10.49 15.89 -7.85
CA PHE A 195 11.24 15.85 -6.61
C PHE A 195 10.48 16.53 -5.47
N VAL A 196 9.28 17.04 -5.78
CA VAL A 196 8.42 17.71 -4.81
C VAL A 196 8.02 16.77 -3.68
N GLU A 197 7.73 17.32 -2.50
CA GLU A 197 7.25 16.57 -1.37
C GLU A 197 5.77 16.85 -1.15
N ILE A 198 5.02 15.83 -0.75
CA ILE A 198 3.58 15.91 -0.54
C ILE A 198 3.27 15.54 0.90
N LYS A 199 2.26 16.18 1.49
CA LYS A 199 1.84 15.88 2.86
C LYS A 199 0.32 15.97 2.97
N THR A 200 -0.27 15.06 3.75
CA THR A 200 -1.70 15.03 4.02
C THR A 200 -1.98 15.55 5.42
N THR A 201 -1.15 16.50 5.87
CA THR A 201 -1.17 17.09 7.21
C THR A 201 -0.84 16.08 8.33
N LYS A 202 -0.63 14.80 7.99
CA LYS A 202 -0.24 13.79 8.96
C LYS A 202 0.60 12.65 8.37
N PHE A 203 1.03 12.79 7.12
CA PHE A 203 1.82 11.77 6.42
C PHE A 203 2.56 12.45 5.27
N THR A 204 3.74 11.95 4.89
CA THR A 204 4.54 12.55 3.83
C THR A 204 4.98 11.53 2.79
N LYS A 205 5.15 11.99 1.55
CA LYS A 205 5.60 11.15 0.45
C LYS A 205 6.28 11.99 -0.65
N LYS A 206 7.13 11.33 -1.43
CA LYS A 206 7.76 11.85 -2.63
C LYS A 206 7.78 10.75 -3.69
N VAL A 207 8.22 11.04 -4.91
CA VAL A 207 8.16 10.07 -5.99
C VAL A 207 9.39 10.13 -6.90
N GLN A 208 9.79 8.97 -7.42
CA GLN A 208 10.86 8.81 -8.39
C GLN A 208 10.47 7.70 -9.38
N ILE A 209 11.08 7.72 -10.57
CA ILE A 209 10.82 6.74 -11.61
C ILE A 209 11.43 5.38 -11.29
N ASP A 210 10.75 4.31 -11.72
CA ASP A 210 11.22 2.94 -11.65
C ASP A 210 10.83 2.25 -12.96
N PRO A 211 11.78 2.10 -13.89
CA PRO A 211 11.50 1.66 -15.25
C PRO A 211 11.18 0.17 -15.36
N TYR A 212 10.32 -0.15 -16.32
CA TYR A 212 9.95 -1.52 -16.67
C TYR A 212 10.02 -1.73 -18.19
N LEU A 213 10.54 -0.73 -18.91
CA LEU A 213 10.65 -0.76 -20.37
C LEU A 213 11.97 -0.15 -20.84
N MET A 1 4.80 26.57 -5.31
CA MET A 1 4.47 25.20 -5.72
C MET A 1 3.99 24.40 -4.50
N THR A 2 2.70 24.51 -4.17
CA THR A 2 2.08 23.79 -3.07
C THR A 2 0.69 23.31 -3.47
N TRP A 3 0.18 22.27 -2.82
CA TRP A 3 -1.08 21.66 -3.17
C TRP A 3 -1.81 21.10 -1.95
N SER A 4 -3.10 21.41 -1.80
CA SER A 4 -3.93 20.82 -0.76
C SER A 4 -5.41 21.05 -1.02
N GLY A 5 -6.22 20.02 -0.80
CA GLY A 5 -7.67 20.11 -0.84
C GLY A 5 -8.22 20.46 -2.22
N GLN A 6 -7.44 20.29 -3.29
CA GLN A 6 -7.88 20.67 -4.63
C GLN A 6 -8.64 19.54 -5.33
N LEU A 7 -8.90 18.44 -4.63
CA LEU A 7 -9.62 17.30 -5.17
C LEU A 7 -11.13 17.47 -4.97
N PRO A 8 -11.95 16.83 -5.82
CA PRO A 8 -13.40 16.82 -5.67
C PRO A 8 -13.82 15.89 -4.53
N PRO A 9 -14.95 16.19 -3.88
CA PRO A 9 -15.47 15.36 -2.80
C PRO A 9 -16.07 14.07 -3.34
N ARG A 10 -15.62 12.94 -2.79
CA ARG A 10 -16.12 11.61 -3.16
C ARG A 10 -16.10 10.68 -1.95
N ASN A 11 -16.99 9.70 -1.93
CA ASN A 11 -17.10 8.75 -0.83
C ASN A 11 -17.75 7.44 -1.28
N TYR A 12 -17.67 6.41 -0.45
CA TYR A 12 -18.29 5.12 -0.71
C TYR A 12 -19.57 4.97 0.12
N LYS A 13 -20.47 4.09 -0.30
CA LYS A 13 -21.74 3.86 0.38
C LYS A 13 -21.81 2.46 0.99
N ASN A 14 -20.99 1.54 0.48
CA ASN A 14 -20.93 0.17 0.98
C ASN A 14 -19.53 -0.42 0.78
N PRO A 15 -18.49 0.22 1.35
CA PRO A 15 -17.12 -0.21 1.20
C PRO A 15 -16.86 -1.49 1.99
N ILE A 16 -15.87 -2.27 1.55
CA ILE A 16 -15.46 -3.52 2.20
C ILE A 16 -13.95 -3.68 2.11
N TYR A 17 -13.38 -4.48 3.00
CA TYR A 17 -11.94 -4.73 3.01
C TYR A 17 -11.59 -5.82 1.98
N SER A 18 -10.31 -5.86 1.61
CA SER A 18 -9.80 -6.76 0.59
C SER A 18 -9.24 -8.03 1.24
N CYS A 19 -8.64 -8.90 0.42
CA CYS A 19 -8.15 -10.21 0.82
C CYS A 19 -6.80 -10.15 1.54
N LYS A 20 -6.21 -8.97 1.73
CA LYS A 20 -4.87 -8.88 2.31
C LYS A 20 -4.77 -7.98 3.54
N VAL A 21 -3.72 -8.26 4.32
CA VAL A 21 -3.33 -7.50 5.50
C VAL A 21 -1.80 -7.51 5.61
N PHE A 22 -1.23 -6.45 6.21
CA PHE A 22 0.20 -6.31 6.41
C PHE A 22 0.51 -6.22 7.90
N LEU A 23 1.58 -6.91 8.32
CA LEU A 23 2.10 -6.87 9.67
C LEU A 23 3.57 -6.43 9.58
N GLY A 24 3.85 -5.18 9.97
CA GLY A 24 5.18 -4.60 9.81
C GLY A 24 6.13 -4.86 10.96
N GLY A 25 7.37 -5.17 10.61
CA GLY A 25 8.50 -5.34 11.53
C GLY A 25 8.39 -6.61 12.36
N VAL A 26 9.19 -7.62 12.02
CA VAL A 26 9.26 -8.86 12.77
C VAL A 26 10.73 -9.29 12.92
N PRO A 27 11.40 -8.86 14.00
CA PRO A 27 12.77 -9.22 14.32
C PRO A 27 12.83 -10.60 14.99
N TRP A 28 11.80 -11.43 14.77
CA TRP A 28 11.65 -12.71 15.45
C TRP A 28 11.52 -13.86 14.45
N ASP A 29 11.45 -15.09 14.98
CA ASP A 29 11.33 -16.30 14.20
C ASP A 29 9.90 -16.57 13.75
N ILE A 30 9.00 -15.59 13.90
CA ILE A 30 7.60 -15.77 13.57
C ILE A 30 7.34 -15.71 12.06
N THR A 31 8.39 -15.62 11.24
CA THR A 31 8.21 -15.50 9.80
C THR A 31 7.39 -16.67 9.27
N GLU A 32 6.40 -16.35 8.42
CA GLU A 32 5.43 -17.26 7.84
C GLU A 32 4.54 -17.99 8.87
N ALA A 33 5.05 -18.37 10.04
CA ALA A 33 4.31 -19.16 11.00
C ALA A 33 3.41 -18.30 11.90
N GLY A 34 3.80 -17.05 12.13
CA GLY A 34 3.06 -16.17 13.02
C GLY A 34 1.74 -15.75 12.38
N LEU A 35 1.74 -15.59 11.05
CA LEU A 35 0.54 -15.17 10.33
C LEU A 35 -0.32 -16.37 9.95
N VAL A 36 0.28 -17.53 9.69
CA VAL A 36 -0.49 -18.71 9.30
C VAL A 36 -1.25 -19.27 10.50
N ASN A 37 -0.84 -18.91 11.73
CA ASN A 37 -1.51 -19.37 12.94
C ASN A 37 -2.45 -18.32 13.54
N THR A 38 -2.16 -17.02 13.36
CA THR A 38 -2.98 -15.99 13.98
C THR A 38 -4.19 -15.61 13.12
N PHE A 39 -4.19 -16.05 11.85
CA PHE A 39 -5.31 -15.81 10.95
C PHE A 39 -6.00 -17.12 10.60
N ARG A 40 -5.65 -18.20 11.30
CA ARG A 40 -6.24 -19.50 11.05
C ARG A 40 -7.69 -19.52 11.52
N VAL A 41 -8.60 -19.75 10.58
CA VAL A 41 -10.04 -19.80 10.82
C VAL A 41 -10.67 -21.00 10.14
N PHE A 42 -9.86 -22.03 9.86
CA PHE A 42 -10.27 -23.25 9.17
C PHE A 42 -10.83 -23.01 7.77
N GLY A 43 -10.69 -21.78 7.25
CA GLY A 43 -11.11 -21.43 5.91
C GLY A 43 -9.92 -21.37 4.97
N SER A 44 -10.14 -20.87 3.75
CA SER A 44 -9.09 -20.67 2.76
C SER A 44 -8.08 -19.66 3.31
N LEU A 45 -6.79 -19.95 3.15
CA LEU A 45 -5.71 -19.17 3.77
C LEU A 45 -4.40 -19.43 3.04
N SER A 46 -3.67 -18.38 2.66
CA SER A 46 -2.34 -18.53 2.10
C SER A 46 -1.37 -17.53 2.74
N VAL A 47 -0.12 -17.94 2.87
CA VAL A 47 0.94 -17.08 3.39
C VAL A 47 1.52 -16.25 2.24
N GLU A 48 2.03 -15.06 2.55
CA GLU A 48 2.66 -14.22 1.55
C GLU A 48 3.93 -13.57 2.09
N TRP A 49 5.05 -13.78 1.41
CA TRP A 49 6.33 -13.20 1.78
C TRP A 49 7.23 -13.14 0.55
N PRO A 50 7.80 -11.97 0.23
CA PRO A 50 8.65 -11.77 -0.93
C PRO A 50 10.07 -12.31 -0.72
N GLY A 51 10.39 -12.78 0.48
CA GLY A 51 11.71 -13.31 0.79
C GLY A 51 12.71 -12.20 1.06
N LYS A 52 12.23 -10.96 1.26
CA LYS A 52 13.07 -9.80 1.48
C LYS A 52 13.42 -9.65 2.96
N ASP A 53 14.45 -10.38 3.39
CA ASP A 53 14.96 -10.30 4.75
C ASP A 53 15.92 -9.11 4.91
N GLY A 54 16.27 -8.79 6.15
CA GLY A 54 17.17 -7.68 6.47
C GLY A 54 17.80 -7.87 7.85
N LYS A 55 18.55 -6.86 8.30
CA LYS A 55 19.26 -6.89 9.58
C LYS A 55 18.98 -5.63 10.39
N HIS A 56 19.48 -5.58 11.62
CA HIS A 56 19.26 -4.46 12.54
C HIS A 56 20.54 -4.18 13.32
N PRO A 57 20.85 -2.90 13.60
CA PRO A 57 22.07 -2.49 14.29
C PRO A 57 22.23 -3.07 15.70
N ARG A 58 21.13 -3.51 16.33
CA ARG A 58 21.18 -4.01 17.71
C ARG A 58 20.31 -5.26 17.92
N CYS A 59 19.75 -5.81 16.84
CA CYS A 59 18.86 -6.96 16.92
C CYS A 59 19.20 -7.98 15.84
N PRO A 60 18.77 -9.23 16.01
CA PRO A 60 18.94 -10.28 15.00
C PRO A 60 18.18 -9.92 13.72
N PRO A 61 18.39 -10.68 12.64
CA PRO A 61 17.75 -10.43 11.35
C PRO A 61 16.25 -10.25 11.47
N LYS A 62 15.66 -9.45 10.55
CA LYS A 62 14.25 -9.10 10.61
C LYS A 62 13.65 -9.05 9.21
N GLY A 63 12.35 -8.76 9.14
CA GLY A 63 11.64 -8.60 7.89
C GLY A 63 10.25 -8.04 8.13
N TYR A 64 9.39 -8.15 7.12
CA TYR A 64 8.00 -7.72 7.18
C TYR A 64 7.17 -8.81 6.51
N VAL A 65 5.94 -9.06 6.98
CA VAL A 65 5.17 -10.22 6.53
C VAL A 65 3.78 -9.82 6.05
N TYR A 66 3.17 -10.67 5.22
CA TYR A 66 1.88 -10.39 4.59
C TYR A 66 0.99 -11.64 4.55
N LEU A 67 -0.27 -11.44 4.17
CA LEU A 67 -1.24 -12.54 4.11
C LEU A 67 -2.27 -12.28 3.01
N VAL A 68 -2.73 -13.35 2.35
CA VAL A 68 -3.69 -13.23 1.26
C VAL A 68 -4.66 -14.42 1.18
N PHE A 69 -5.96 -14.10 1.25
CA PHE A 69 -7.10 -14.97 0.95
C PHE A 69 -8.40 -14.34 1.43
N GLU A 70 -9.49 -15.10 1.42
CA GLU A 70 -10.84 -14.66 1.77
C GLU A 70 -11.01 -14.35 3.26
N LEU A 71 -9.93 -14.02 3.96
CA LEU A 71 -9.92 -13.76 5.39
C LEU A 71 -10.56 -12.42 5.75
N GLU A 72 -11.46 -11.88 4.92
CA GLU A 72 -12.06 -10.58 5.20
C GLU A 72 -12.65 -10.55 6.61
N LYS A 73 -13.19 -11.68 7.09
CA LYS A 73 -13.80 -11.75 8.41
C LYS A 73 -12.75 -11.78 9.52
N SER A 74 -11.53 -12.26 9.21
CA SER A 74 -10.46 -12.37 10.19
C SER A 74 -9.57 -11.13 10.16
N VAL A 75 -9.49 -10.45 9.01
CA VAL A 75 -8.76 -9.19 8.90
C VAL A 75 -9.49 -8.14 9.72
N ARG A 76 -10.83 -8.18 9.71
CA ARG A 76 -11.66 -7.19 10.40
C ARG A 76 -11.80 -7.52 11.88
N SER A 77 -11.78 -8.81 12.24
CA SER A 77 -11.90 -9.21 13.64
C SER A 77 -10.67 -8.77 14.43
N LEU A 78 -9.50 -8.80 13.81
CA LEU A 78 -8.26 -8.39 14.48
C LEU A 78 -8.17 -6.89 14.46
N LEU A 79 -8.70 -6.25 13.42
CA LEU A 79 -8.69 -4.80 13.32
C LEU A 79 -9.58 -4.18 14.39
N GLN A 80 -10.47 -4.96 15.00
CA GLN A 80 -11.30 -4.49 16.10
C GLN A 80 -10.94 -5.13 17.43
N ALA A 81 -10.04 -6.12 17.44
CA ALA A 81 -9.63 -6.78 18.68
C ALA A 81 -8.21 -6.37 19.11
N CYS A 82 -7.36 -5.93 18.17
CA CYS A 82 -6.01 -5.50 18.51
C CYS A 82 -5.95 -3.99 18.79
N SER A 83 -4.75 -3.49 19.11
CA SER A 83 -4.54 -2.09 19.50
C SER A 83 -4.65 -1.15 18.31
N HIS A 84 -4.71 0.16 18.56
CA HIS A 84 -4.95 1.16 17.53
C HIS A 84 -4.29 2.50 17.87
N ASP A 85 -4.00 3.27 16.82
CA ASP A 85 -3.53 4.63 16.93
C ASP A 85 -4.20 5.46 15.85
N PRO A 86 -4.77 6.62 16.19
CA PRO A 86 -5.59 7.43 15.31
C PRO A 86 -4.84 8.03 14.12
N LEU A 87 -3.50 8.01 14.12
CA LEU A 87 -2.74 8.56 13.00
C LEU A 87 -1.32 8.03 12.95
N SER A 88 -0.62 8.36 11.85
CA SER A 88 0.73 7.93 11.55
C SER A 88 1.40 9.03 10.72
N PRO A 89 2.73 9.10 10.69
CA PRO A 89 3.46 10.05 9.85
C PRO A 89 3.11 9.92 8.37
N ASP A 90 2.41 8.85 7.99
CA ASP A 90 1.96 8.62 6.62
C ASP A 90 0.53 9.14 6.41
N GLY A 91 -0.03 9.84 7.40
CA GLY A 91 -1.31 10.52 7.26
C GLY A 91 -2.54 9.62 7.46
N LEU A 92 -2.39 8.48 8.14
CA LEU A 92 -3.50 7.56 8.33
C LEU A 92 -3.49 6.90 9.72
N SER A 93 -4.63 6.35 10.14
CA SER A 93 -4.72 5.58 11.36
C SER A 93 -4.21 4.16 11.13
N GLU A 94 -3.72 3.50 12.19
CA GLU A 94 -3.11 2.18 12.07
C GLU A 94 -3.41 1.32 13.30
N TYR A 95 -3.15 0.02 13.20
CA TYR A 95 -3.45 -0.95 14.25
C TYR A 95 -2.18 -1.67 14.66
N TYR A 96 -2.18 -2.33 15.83
CA TYR A 96 -0.98 -2.97 16.35
C TYR A 96 -1.27 -4.21 17.18
N PHE A 97 -0.37 -5.19 17.14
CA PHE A 97 -0.46 -6.42 17.93
C PHE A 97 0.95 -6.98 18.15
N LYS A 98 1.11 -8.01 18.98
CA LYS A 98 2.44 -8.63 19.18
C LYS A 98 2.35 -10.12 19.44
N MET A 99 3.46 -10.82 19.19
CA MET A 99 3.59 -12.26 19.37
C MET A 99 4.66 -12.58 20.41
N SER A 100 5.11 -11.55 21.13
CA SER A 100 6.24 -11.65 22.06
C SER A 100 5.92 -10.96 23.37
N SER A 101 4.68 -11.14 23.87
CA SER A 101 4.23 -10.54 25.12
C SER A 101 4.99 -11.07 26.34
N ARG A 102 5.85 -12.07 26.15
CA ARG A 102 6.70 -12.63 27.20
C ARG A 102 8.15 -12.74 26.73
N ARG A 103 8.50 -12.04 25.64
CA ARG A 103 9.83 -12.12 25.05
C ARG A 103 10.36 -10.74 24.65
N MET A 104 9.49 -9.72 24.54
CA MET A 104 9.92 -8.37 24.19
C MET A 104 9.02 -7.34 24.87
N ARG A 105 9.55 -6.16 25.17
CA ARG A 105 8.84 -5.15 25.96
C ARG A 105 7.87 -4.32 25.12
N CYS A 106 8.03 -4.29 23.80
CA CYS A 106 7.16 -3.52 22.92
C CYS A 106 7.12 -4.22 21.56
N LYS A 107 7.57 -3.52 20.51
CA LYS A 107 7.72 -4.07 19.17
C LYS A 107 6.43 -4.65 18.62
N GLU A 108 5.30 -4.02 18.89
CA GLU A 108 4.05 -4.45 18.29
C GLU A 108 4.18 -4.32 16.77
N VAL A 109 3.69 -5.33 16.03
CA VAL A 109 3.74 -5.30 14.58
C VAL A 109 2.74 -4.27 14.06
N GLN A 110 3.09 -3.60 12.98
CA GLN A 110 2.25 -2.59 12.38
C GLN A 110 1.16 -3.26 11.54
N VAL A 111 -0.05 -3.36 12.07
CA VAL A 111 -1.17 -3.97 11.38
C VAL A 111 -1.85 -2.93 10.50
N ILE A 112 -1.93 -3.19 9.20
CA ILE A 112 -2.61 -2.32 8.25
C ILE A 112 -3.37 -3.20 7.25
N PRO A 113 -4.66 -2.94 7.04
CA PRO A 113 -5.51 -3.72 6.16
C PRO A 113 -5.38 -3.24 4.72
N TRP A 114 -6.09 -3.91 3.81
CA TRP A 114 -6.25 -3.43 2.44
C TRP A 114 -7.74 -3.34 2.14
N VAL A 115 -8.13 -2.47 1.21
CA VAL A 115 -9.53 -2.16 0.93
C VAL A 115 -9.85 -2.41 -0.54
N LEU A 116 -11.11 -2.78 -0.82
CA LEU A 116 -11.56 -3.08 -2.16
C LEU A 116 -11.64 -1.79 -2.99
N ALA A 117 -10.90 -1.77 -4.10
CA ALA A 117 -10.91 -0.61 -4.97
C ALA A 117 -10.39 -0.97 -6.36
N ASP A 118 -10.42 -2.26 -6.72
CA ASP A 118 -9.84 -2.80 -7.94
C ASP A 118 -8.33 -2.52 -8.05
N SER A 119 -7.76 -1.89 -7.01
CA SER A 119 -6.35 -1.54 -6.84
C SER A 119 -5.73 -0.70 -7.97
N ASN A 120 -6.34 -0.60 -9.15
CA ASN A 120 -5.76 0.20 -10.23
C ASN A 120 -6.83 0.66 -11.23
N PHE A 121 -6.82 1.97 -11.51
CA PHE A 121 -7.67 2.63 -12.48
C PHE A 121 -7.22 4.07 -12.65
N VAL A 122 -7.97 4.90 -13.40
CA VAL A 122 -7.65 6.32 -13.52
C VAL A 122 -8.91 7.13 -13.83
N ARG A 123 -8.78 8.45 -13.94
CA ARG A 123 -9.89 9.37 -14.16
C ARG A 123 -10.56 9.18 -15.51
N SER A 124 -10.00 8.33 -16.38
CA SER A 124 -10.51 8.08 -17.71
C SER A 124 -11.08 6.67 -17.80
N PRO A 125 -12.16 6.46 -18.56
CA PRO A 125 -12.80 5.15 -18.71
C PRO A 125 -11.97 4.25 -19.63
N SER A 126 -11.19 4.84 -20.54
CA SER A 126 -10.31 4.10 -21.43
C SER A 126 -9.24 5.03 -22.00
N GLN A 127 -8.01 4.53 -22.13
CA GLN A 127 -6.88 5.28 -22.68
C GLN A 127 -5.92 4.32 -23.37
N ARG A 128 -5.01 4.87 -24.18
CA ARG A 128 -3.99 4.08 -24.86
C ARG A 128 -2.84 3.80 -23.90
N LEU A 129 -2.27 2.59 -23.97
CA LEU A 129 -1.21 2.16 -23.07
C LEU A 129 0.04 1.74 -23.83
N ASP A 130 0.19 2.27 -25.06
CA ASP A 130 1.31 1.96 -25.92
C ASP A 130 2.61 2.69 -25.55
N PRO A 131 2.55 3.93 -25.03
CA PRO A 131 3.73 4.68 -24.67
C PRO A 131 4.64 3.92 -23.71
N SER A 132 5.95 4.01 -23.94
CA SER A 132 6.97 3.36 -23.12
C SER A 132 7.27 4.18 -21.87
N ARG A 133 6.27 4.91 -21.35
CA ARG A 133 6.42 5.80 -20.21
C ARG A 133 5.89 5.17 -18.92
N THR A 134 5.67 3.86 -18.93
CA THR A 134 5.23 3.11 -17.75
C THR A 134 6.38 3.04 -16.74
N VAL A 135 6.07 3.15 -15.46
CA VAL A 135 7.07 3.10 -14.40
C VAL A 135 6.50 2.52 -13.11
N PHE A 136 7.39 2.09 -12.22
CA PHE A 136 7.01 1.72 -10.87
C PHE A 136 7.21 2.98 -10.02
N VAL A 137 6.41 3.17 -8.98
CA VAL A 137 6.48 4.38 -8.17
C VAL A 137 6.08 4.10 -6.73
N GLY A 138 6.36 5.06 -5.85
CA GLY A 138 5.98 4.99 -4.45
C GLY A 138 5.47 6.35 -3.99
N ALA A 139 4.69 6.37 -2.91
CA ALA A 139 4.10 7.60 -2.41
C ALA A 139 4.01 7.62 -0.89
N LEU A 140 3.89 6.44 -0.27
CA LEU A 140 3.84 6.28 1.18
C LEU A 140 4.53 4.97 1.54
N HIS A 141 4.42 4.56 2.80
CA HIS A 141 5.11 3.38 3.32
C HIS A 141 4.64 2.05 2.70
N GLY A 142 3.60 2.04 1.86
CA GLY A 142 3.21 0.77 1.23
C GLY A 142 2.04 0.84 0.25
N MET A 143 1.19 1.88 0.28
CA MET A 143 0.05 1.95 -0.61
C MET A 143 -0.45 3.39 -0.78
N LEU A 144 -1.33 3.58 -1.77
CA LEU A 144 -2.01 4.84 -2.04
C LEU A 144 -3.32 4.55 -2.78
N ASN A 145 -4.22 5.54 -2.84
CA ASN A 145 -5.47 5.43 -3.59
C ASN A 145 -5.22 5.71 -5.07
N ALA A 146 -5.79 4.87 -5.96
CA ALA A 146 -5.59 5.02 -7.39
C ALA A 146 -6.38 6.20 -7.95
N GLU A 147 -7.46 6.61 -7.26
CA GLU A 147 -8.25 7.75 -7.69
C GLU A 147 -7.44 9.03 -7.47
N ALA A 148 -6.62 9.04 -6.43
CA ALA A 148 -5.81 10.21 -6.12
C ALA A 148 -4.72 10.34 -7.19
N LEU A 149 -4.05 9.24 -7.54
CA LEU A 149 -2.98 9.29 -8.53
C LEU A 149 -3.46 9.86 -9.86
N ALA A 150 -4.70 9.55 -10.26
CA ALA A 150 -5.25 10.08 -11.50
C ALA A 150 -5.35 11.60 -11.44
N ALA A 151 -5.99 12.13 -10.39
CA ALA A 151 -6.29 13.55 -10.34
C ALA A 151 -5.08 14.41 -9.98
N ILE A 152 -4.22 13.95 -9.07
CA ILE A 152 -3.14 14.79 -8.59
C ILE A 152 -1.96 14.81 -9.56
N LEU A 153 -1.82 13.81 -10.42
CA LEU A 153 -0.76 13.85 -11.43
C LEU A 153 -1.22 14.70 -12.61
N ASN A 154 -2.51 14.72 -12.92
CA ASN A 154 -3.01 15.55 -14.00
C ASN A 154 -3.24 17.00 -13.57
N ASP A 155 -3.14 17.31 -12.27
CA ASP A 155 -3.33 18.67 -11.80
C ASP A 155 -2.03 19.34 -11.35
N LEU A 156 -0.98 18.58 -11.05
CA LEU A 156 0.30 19.16 -10.62
C LEU A 156 1.13 19.61 -11.82
N PHE A 157 1.58 18.65 -12.64
CA PHE A 157 2.37 18.95 -13.83
C PHE A 157 2.38 17.78 -14.83
N GLY A 158 1.77 16.65 -14.45
CA GLY A 158 1.86 15.41 -15.19
C GLY A 158 0.85 15.30 -16.33
N GLY A 159 0.80 14.09 -16.92
CA GLY A 159 -0.05 13.75 -18.04
C GLY A 159 -0.41 12.26 -17.98
N VAL A 160 -0.77 11.79 -16.78
CA VAL A 160 -1.13 10.40 -16.53
C VAL A 160 -2.37 10.00 -17.32
N VAL A 161 -2.36 8.78 -17.85
CA VAL A 161 -3.48 8.19 -18.58
C VAL A 161 -3.87 6.83 -18.01
N TYR A 162 -3.10 6.35 -17.02
CA TYR A 162 -3.49 5.17 -16.25
C TYR A 162 -2.74 5.17 -14.93
N ALA A 163 -3.42 4.83 -13.83
CA ALA A 163 -2.81 4.87 -12.51
C ALA A 163 -3.17 3.62 -11.71
N GLY A 164 -2.49 3.42 -10.58
CA GLY A 164 -2.90 2.42 -9.62
C GLY A 164 -1.72 1.90 -8.80
N ILE A 165 -1.98 0.82 -8.07
CA ILE A 165 -0.95 0.12 -7.33
C ILE A 165 -0.91 -1.31 -7.88
N ASP A 166 0.27 -1.75 -8.31
CA ASP A 166 0.46 -3.09 -8.84
C ASP A 166 0.11 -4.12 -7.78
N THR A 167 -0.38 -5.28 -8.19
CA THR A 167 -0.96 -6.25 -7.28
C THR A 167 -0.36 -7.64 -7.43
N ASP A 168 -0.58 -8.49 -6.43
CA ASP A 168 -0.18 -9.90 -6.50
C ASP A 168 -1.11 -10.72 -7.40
N LYS A 169 -1.91 -10.06 -8.26
CA LYS A 169 -2.79 -10.71 -9.23
C LYS A 169 -3.79 -11.70 -8.63
N HIS A 170 -4.12 -11.53 -7.34
CA HIS A 170 -5.12 -12.35 -6.66
C HIS A 170 -6.43 -11.56 -6.58
N LYS A 171 -7.21 -11.76 -5.51
CA LYS A 171 -8.48 -11.06 -5.31
C LYS A 171 -8.24 -9.61 -4.88
N TYR A 172 -7.81 -8.78 -5.82
CA TYR A 172 -7.53 -7.36 -5.62
C TYR A 172 -6.48 -7.06 -4.54
N PRO A 173 -5.34 -7.76 -4.51
CA PRO A 173 -4.22 -7.49 -3.61
C PRO A 173 -3.47 -6.22 -4.04
N ILE A 174 -2.25 -6.03 -3.54
CA ILE A 174 -1.47 -4.83 -3.72
C ILE A 174 -0.01 -5.09 -3.34
N GLY A 175 0.95 -4.34 -3.89
CA GLY A 175 2.33 -4.52 -3.51
C GLY A 175 3.24 -3.32 -3.80
N SER A 176 2.97 -2.56 -4.87
CA SER A 176 3.81 -1.40 -5.19
C SER A 176 3.14 -0.47 -6.19
N GLY A 177 3.45 0.83 -6.17
CA GLY A 177 2.78 1.80 -7.04
C GLY A 177 3.18 1.64 -8.50
N ARG A 178 2.26 1.97 -9.41
CA ARG A 178 2.50 1.86 -10.84
C ARG A 178 1.62 2.85 -11.62
N VAL A 179 2.17 3.45 -12.68
CA VAL A 179 1.48 4.51 -13.42
C VAL A 179 1.98 4.60 -14.87
N THR A 180 1.17 5.19 -15.75
CA THR A 180 1.50 5.36 -17.16
C THR A 180 1.14 6.77 -17.63
N PHE A 181 1.95 7.34 -18.53
CA PHE A 181 1.80 8.68 -19.06
C PHE A 181 1.68 8.63 -20.59
N ASN A 182 1.39 9.78 -21.21
CA ASN A 182 1.33 9.90 -22.66
C ASN A 182 2.20 11.07 -23.15
N ASN A 183 2.97 11.66 -22.25
CA ASN A 183 3.82 12.81 -22.53
C ASN A 183 5.27 12.47 -22.18
N GLN A 184 6.21 13.37 -22.48
CA GLN A 184 7.61 13.17 -22.17
C GLN A 184 8.08 14.11 -21.06
N ARG A 185 7.83 15.42 -21.20
CA ARG A 185 8.29 16.37 -20.19
C ARG A 185 7.40 16.31 -18.95
N SER A 186 6.09 16.11 -19.14
CA SER A 186 5.16 15.95 -18.03
C SER A 186 5.40 14.62 -17.33
N TYR A 187 6.00 13.66 -18.05
CA TYR A 187 6.25 12.33 -17.53
C TYR A 187 7.32 12.35 -16.45
N LEU A 188 8.56 12.76 -16.76
CA LEU A 188 9.61 12.63 -15.78
C LEU A 188 9.56 13.74 -14.73
N LYS A 189 8.96 14.89 -15.03
CA LYS A 189 8.92 15.98 -14.07
C LYS A 189 7.81 15.77 -13.03
N ALA A 190 6.73 15.07 -13.37
CA ALA A 190 5.68 14.85 -12.40
C ALA A 190 6.03 13.65 -11.51
N VAL A 191 6.53 12.57 -12.11
CA VAL A 191 6.76 11.35 -11.36
C VAL A 191 8.05 11.40 -10.54
N SER A 192 8.96 12.33 -10.87
CA SER A 192 10.27 12.38 -10.20
C SER A 192 10.56 13.73 -9.55
N ALA A 193 9.74 14.75 -9.81
CA ALA A 193 9.95 16.08 -9.23
C ALA A 193 8.68 16.64 -8.60
N ALA A 194 7.60 15.85 -8.54
CA ALA A 194 6.42 16.28 -7.80
C ALA A 194 6.58 16.02 -6.31
N PHE A 195 7.74 16.38 -5.75
CA PHE A 195 8.02 16.23 -4.33
C PHE A 195 7.19 17.22 -3.50
N VAL A 196 6.29 17.94 -4.16
CA VAL A 196 5.41 18.91 -3.53
C VAL A 196 4.48 18.24 -2.53
N GLU A 197 4.09 18.97 -1.48
CA GLU A 197 3.17 18.45 -0.49
C GLU A 197 1.78 18.34 -1.09
N ILE A 198 1.08 17.23 -0.83
CA ILE A 198 -0.27 17.00 -1.30
C ILE A 198 -1.10 16.55 -0.11
N LYS A 199 -2.30 17.11 0.03
CA LYS A 199 -3.17 16.82 1.16
C LYS A 199 -4.65 16.89 0.81
N THR A 200 -5.46 16.30 1.67
CA THR A 200 -6.91 16.37 1.63
C THR A 200 -7.45 16.75 3.01
N THR A 201 -6.64 17.51 3.76
CA THR A 201 -6.94 17.99 5.11
C THR A 201 -7.15 16.87 6.13
N LYS A 202 -6.97 15.61 5.71
CA LYS A 202 -7.12 14.44 6.59
C LYS A 202 -6.08 13.36 6.28
N PHE A 203 -5.21 13.61 5.30
CA PHE A 203 -4.23 12.66 4.80
C PHE A 203 -3.18 13.42 4.00
N THR A 204 -1.96 12.88 3.89
CA THR A 204 -0.86 13.56 3.21
C THR A 204 -0.17 12.61 2.24
N LYS A 205 0.34 13.15 1.15
CA LYS A 205 0.96 12.36 0.08
C LYS A 205 2.22 13.03 -0.50
N LYS A 206 3.12 12.18 -0.99
CA LYS A 206 4.35 12.52 -1.70
C LYS A 206 4.52 11.54 -2.85
N VAL A 207 5.51 11.72 -3.73
CA VAL A 207 5.76 10.73 -4.79
C VAL A 207 7.22 10.71 -5.23
N GLN A 208 7.68 9.55 -5.72
CA GLN A 208 9.00 9.36 -6.28
C GLN A 208 8.96 8.27 -7.35
N ILE A 209 9.93 8.29 -8.28
CA ILE A 209 10.00 7.32 -9.36
C ILE A 209 10.89 6.13 -9.02
N ASP A 210 10.55 4.97 -9.61
CA ASP A 210 11.35 3.76 -9.57
C ASP A 210 11.43 3.24 -11.02
N PRO A 211 12.46 3.64 -11.77
CA PRO A 211 12.60 3.43 -13.20
C PRO A 211 13.05 2.01 -13.55
N TYR A 212 12.74 1.02 -12.70
CA TYR A 212 13.14 -0.36 -12.94
C TYR A 212 12.26 -1.06 -13.99
N LEU A 213 11.35 -0.31 -14.62
CA LEU A 213 10.48 -0.81 -15.67
C LEU A 213 11.27 -0.93 -16.98
N MET A 1 3.35 26.00 -5.63
CA MET A 1 3.23 24.61 -6.11
C MET A 1 2.72 23.69 -5.00
N THR A 2 3.34 23.75 -3.80
CA THR A 2 2.91 22.95 -2.66
C THR A 2 1.49 23.31 -2.23
N TRP A 3 0.74 22.32 -1.77
CA TRP A 3 -0.63 22.54 -1.30
C TRP A 3 -1.05 21.45 -0.31
N SER A 4 -2.17 21.67 0.38
CA SER A 4 -2.75 20.69 1.29
C SER A 4 -4.27 20.69 1.19
N GLY A 5 -4.90 19.52 1.25
CA GLY A 5 -6.34 19.37 1.31
C GLY A 5 -7.06 19.71 0.00
N GLN A 6 -6.36 19.68 -1.14
CA GLN A 6 -6.93 20.08 -2.41
C GLN A 6 -7.47 18.88 -3.22
N LEU A 7 -7.72 17.75 -2.56
CA LEU A 7 -8.21 16.56 -3.23
C LEU A 7 -9.68 16.73 -3.61
N PRO A 8 -10.13 16.07 -4.70
CA PRO A 8 -11.50 16.10 -5.16
C PRO A 8 -12.41 15.30 -4.24
N PRO A 9 -13.74 15.48 -4.34
CA PRO A 9 -14.73 14.72 -3.57
C PRO A 9 -14.63 13.22 -3.80
N ARG A 10 -15.30 12.45 -2.95
CA ARG A 10 -15.33 10.99 -3.06
C ARG A 10 -16.42 10.57 -4.06
N ASN A 11 -16.16 9.51 -4.81
CA ASN A 11 -17.09 9.03 -5.83
C ASN A 11 -17.20 7.51 -5.85
N TYR A 12 -16.75 6.82 -4.79
CA TYR A 12 -16.79 5.37 -4.73
C TYR A 12 -17.14 4.90 -3.32
N LYS A 13 -17.73 3.71 -3.23
CA LYS A 13 -18.11 3.08 -1.96
C LYS A 13 -17.52 1.68 -1.90
N ASN A 14 -17.03 1.28 -0.73
CA ASN A 14 -16.33 0.02 -0.56
C ASN A 14 -17.30 -1.14 -0.33
N PRO A 15 -17.35 -2.14 -1.23
CA PRO A 15 -18.23 -3.28 -1.10
C PRO A 15 -17.84 -4.19 0.07
N ILE A 16 -16.54 -4.45 0.27
CA ILE A 16 -16.07 -5.38 1.28
C ILE A 16 -14.65 -5.03 1.72
N TYR A 17 -14.25 -5.55 2.88
CA TYR A 17 -12.95 -5.31 3.49
C TYR A 17 -12.23 -6.65 3.62
N SER A 18 -11.04 -6.63 4.21
CA SER A 18 -10.33 -7.84 4.61
C SER A 18 -9.91 -8.77 3.48
N CYS A 19 -9.80 -8.26 2.24
CA CYS A 19 -9.37 -9.11 1.14
C CYS A 19 -7.84 -9.25 1.09
N LYS A 20 -7.13 -8.42 1.86
CA LYS A 20 -5.68 -8.49 1.99
C LYS A 20 -5.27 -7.85 3.32
N VAL A 21 -4.13 -8.29 3.88
CA VAL A 21 -3.65 -7.72 5.14
C VAL A 21 -2.12 -7.76 5.22
N PHE A 22 -1.56 -6.80 5.96
CA PHE A 22 -0.13 -6.73 6.24
C PHE A 22 0.08 -6.55 7.74
N LEU A 23 1.20 -7.06 8.25
CA LEU A 23 1.59 -6.86 9.64
C LEU A 23 3.07 -6.49 9.69
N GLY A 24 3.36 -5.28 10.15
CA GLY A 24 4.73 -4.82 10.40
C GLY A 24 5.01 -4.92 11.89
N GLY A 25 6.24 -4.62 12.33
CA GLY A 25 6.56 -4.66 13.75
C GLY A 25 6.45 -6.08 14.32
N VAL A 26 6.32 -7.08 13.44
CA VAL A 26 6.14 -8.49 13.81
C VAL A 26 7.37 -9.00 14.57
N PRO A 27 7.29 -10.19 15.17
CA PRO A 27 8.33 -10.78 16.00
C PRO A 27 9.73 -10.72 15.41
N TRP A 28 10.72 -10.86 16.29
CA TRP A 28 12.13 -10.68 16.01
C TRP A 28 12.73 -11.87 15.27
N ASP A 29 11.91 -12.89 14.98
CA ASP A 29 12.31 -14.05 14.19
C ASP A 29 11.07 -14.63 13.52
N ILE A 30 10.71 -14.09 12.35
CA ILE A 30 9.51 -14.49 11.64
C ILE A 30 9.66 -14.36 10.12
N THR A 31 8.94 -15.21 9.39
CA THR A 31 8.79 -15.12 7.95
C THR A 31 7.42 -15.65 7.53
N GLU A 32 6.72 -16.34 8.43
CA GLU A 32 5.42 -16.96 8.17
C GLU A 32 4.73 -17.46 9.44
N ALA A 33 5.48 -17.77 10.50
CA ALA A 33 4.95 -18.45 11.67
C ALA A 33 3.93 -17.61 12.45
N GLY A 34 4.14 -16.29 12.52
CA GLY A 34 3.25 -15.45 13.29
C GLY A 34 1.89 -15.32 12.61
N LEU A 35 1.89 -15.29 11.27
CA LEU A 35 0.64 -15.15 10.52
C LEU A 35 -0.01 -16.50 10.25
N VAL A 36 0.73 -17.61 10.31
CA VAL A 36 0.12 -18.92 10.09
C VAL A 36 -0.55 -19.42 11.37
N ASN A 37 -0.19 -18.82 12.52
CA ASN A 37 -0.78 -19.18 13.80
C ASN A 37 -1.96 -18.27 14.16
N THR A 38 -1.91 -16.99 13.77
CA THR A 38 -2.98 -16.06 14.13
C THR A 38 -4.05 -15.98 13.04
N PHE A 39 -3.80 -16.60 11.88
CA PHE A 39 -4.78 -16.73 10.81
C PHE A 39 -5.00 -18.21 10.50
N ARG A 40 -4.89 -19.06 11.53
CA ARG A 40 -5.00 -20.50 11.38
C ARG A 40 -6.47 -20.83 11.20
N VAL A 41 -6.81 -21.37 10.02
CA VAL A 41 -8.20 -21.60 9.68
C VAL A 41 -8.32 -22.77 8.70
N PHE A 42 -9.53 -23.34 8.60
CA PHE A 42 -9.77 -24.50 7.73
C PHE A 42 -10.08 -24.07 6.30
N GLY A 43 -10.32 -22.77 6.08
CA GLY A 43 -10.56 -22.24 4.75
C GLY A 43 -9.24 -21.98 4.01
N SER A 44 -9.32 -21.28 2.88
CA SER A 44 -8.14 -20.92 2.11
C SER A 44 -7.31 -19.89 2.88
N LEU A 45 -6.00 -20.11 2.91
CA LEU A 45 -5.03 -19.30 3.65
C LEU A 45 -3.66 -19.53 3.03
N SER A 46 -2.92 -18.45 2.73
CA SER A 46 -1.55 -18.60 2.25
C SER A 46 -0.63 -17.50 2.76
N VAL A 47 0.64 -17.86 2.90
CA VAL A 47 1.72 -16.96 3.28
C VAL A 47 2.11 -16.12 2.08
N GLU A 48 2.64 -14.93 2.31
CA GLU A 48 3.12 -14.09 1.23
C GLU A 48 4.42 -13.38 1.62
N TRP A 49 5.32 -13.27 0.64
CA TRP A 49 6.65 -12.72 0.78
C TRP A 49 6.94 -11.81 -0.42
N PRO A 50 7.88 -10.86 -0.30
CA PRO A 50 8.18 -9.90 -1.34
C PRO A 50 8.60 -10.59 -2.64
N GLY A 51 8.15 -10.02 -3.76
CA GLY A 51 8.41 -10.55 -5.10
C GLY A 51 7.63 -11.83 -5.38
N LYS A 52 7.10 -12.48 -4.34
CA LYS A 52 6.33 -13.73 -4.42
C LYS A 52 7.02 -14.77 -5.30
N ASP A 53 8.36 -14.75 -5.33
CA ASP A 53 9.16 -15.63 -6.16
C ASP A 53 9.21 -17.03 -5.58
N GLY A 54 9.24 -18.05 -6.45
CA GLY A 54 9.27 -19.45 -6.03
C GLY A 54 7.88 -19.93 -5.63
N LYS A 55 7.80 -21.13 -5.06
CA LYS A 55 6.55 -21.74 -4.63
C LYS A 55 6.58 -22.07 -3.13
N HIS A 56 7.58 -21.55 -2.42
CA HIS A 56 7.78 -21.80 -1.00
C HIS A 56 8.23 -20.51 -0.32
N PRO A 57 8.00 -20.38 0.99
CA PRO A 57 8.41 -19.20 1.75
C PRO A 57 9.93 -19.03 1.71
N ARG A 58 10.39 -17.80 1.93
CA ARG A 58 11.79 -17.44 1.77
C ARG A 58 12.40 -17.02 3.11
N CYS A 59 13.66 -16.58 3.09
CA CYS A 59 14.35 -16.14 4.28
C CYS A 59 13.62 -14.94 4.92
N PRO A 60 13.86 -14.67 6.21
CA PRO A 60 13.17 -13.62 6.94
C PRO A 60 13.20 -12.28 6.22
N PRO A 61 12.03 -11.70 5.94
CA PRO A 61 11.85 -10.41 5.27
C PRO A 61 12.12 -9.25 6.24
N LYS A 62 13.27 -9.30 6.92
CA LYS A 62 13.70 -8.33 7.93
C LYS A 62 12.76 -8.26 9.14
N GLY A 63 11.54 -7.76 8.95
CA GLY A 63 10.62 -7.55 10.06
C GLY A 63 9.21 -7.18 9.59
N TYR A 64 8.85 -7.51 8.35
CA TYR A 64 7.53 -7.25 7.82
C TYR A 64 7.06 -8.43 6.96
N VAL A 65 5.84 -8.93 7.20
CA VAL A 65 5.32 -10.15 6.57
C VAL A 65 3.92 -9.89 5.99
N TYR A 66 3.51 -10.68 4.99
CA TYR A 66 2.25 -10.45 4.29
C TYR A 66 1.35 -11.69 4.28
N LEU A 67 0.06 -11.48 3.98
CA LEU A 67 -0.92 -12.55 4.02
C LEU A 67 -2.08 -12.29 3.05
N VAL A 68 -2.61 -13.36 2.46
CA VAL A 68 -3.66 -13.30 1.45
C VAL A 68 -4.64 -14.48 1.61
N PHE A 69 -5.70 -14.47 0.79
CA PHE A 69 -6.85 -15.37 0.79
C PHE A 69 -7.99 -14.94 1.70
N GLU A 70 -9.06 -15.76 1.69
CA GLU A 70 -10.38 -15.52 2.25
C GLU A 70 -10.45 -15.41 3.78
N LEU A 71 -9.43 -14.85 4.41
CA LEU A 71 -9.38 -14.63 5.84
C LEU A 71 -10.27 -13.46 6.24
N GLU A 72 -11.30 -13.16 5.43
CA GLU A 72 -12.15 -12.01 5.62
C GLU A 72 -12.68 -11.91 7.05
N LYS A 73 -13.12 -13.05 7.61
CA LYS A 73 -13.68 -13.08 8.95
C LYS A 73 -12.62 -13.06 10.03
N SER A 74 -11.38 -13.46 9.70
CA SER A 74 -10.29 -13.50 10.66
C SER A 74 -9.63 -12.13 10.75
N VAL A 75 -9.60 -11.40 9.62
CA VAL A 75 -9.06 -10.05 9.59
C VAL A 75 -9.91 -9.16 10.47
N ARG A 76 -11.25 -9.19 10.31
CA ARG A 76 -12.11 -8.30 11.09
C ARG A 76 -12.19 -8.75 12.55
N SER A 77 -12.02 -10.06 12.82
CA SER A 77 -12.09 -10.56 14.18
C SER A 77 -10.91 -10.06 15.01
N LEU A 78 -9.73 -9.94 14.40
CA LEU A 78 -8.57 -9.46 15.13
C LEU A 78 -8.46 -7.94 15.03
N LEU A 79 -9.09 -7.31 14.03
CA LEU A 79 -9.10 -5.85 13.94
C LEU A 79 -9.97 -5.28 15.06
N GLN A 80 -10.87 -6.10 15.63
CA GLN A 80 -11.69 -5.66 16.76
C GLN A 80 -11.22 -6.26 18.08
N ALA A 81 -10.39 -7.30 18.05
CA ALA A 81 -9.87 -7.92 19.28
C ALA A 81 -8.49 -7.37 19.66
N CYS A 82 -7.81 -6.70 18.73
CA CYS A 82 -6.50 -6.11 18.98
C CYS A 82 -6.64 -4.73 19.64
N SER A 83 -5.50 -4.08 19.88
CA SER A 83 -5.45 -2.73 20.43
C SER A 83 -5.62 -1.69 19.32
N HIS A 84 -5.87 -0.44 19.70
CA HIS A 84 -6.11 0.65 18.75
C HIS A 84 -5.40 1.92 19.17
N ASP A 85 -5.13 2.79 18.19
CA ASP A 85 -4.62 4.12 18.42
C ASP A 85 -5.20 5.05 17.36
N PRO A 86 -5.79 6.19 17.76
CA PRO A 86 -6.45 7.11 16.84
C PRO A 86 -5.49 7.79 15.86
N LEU A 87 -4.17 7.59 16.01
CA LEU A 87 -3.21 8.09 15.05
C LEU A 87 -1.91 7.26 15.04
N SER A 88 -1.01 7.64 14.13
CA SER A 88 0.27 6.99 13.91
C SER A 88 1.25 8.05 13.43
N PRO A 89 2.57 7.84 13.56
CA PRO A 89 3.57 8.73 13.00
C PRO A 89 3.41 8.91 11.48
N ASP A 90 2.53 8.11 10.86
CA ASP A 90 2.24 8.20 9.44
C ASP A 90 1.00 9.05 9.14
N GLY A 91 0.36 9.60 10.19
CA GLY A 91 -0.75 10.54 10.05
C GLY A 91 -2.14 9.89 10.02
N LEU A 92 -2.28 8.64 10.49
CA LEU A 92 -3.58 7.97 10.48
C LEU A 92 -3.77 7.01 11.65
N SER A 93 -5.01 6.62 11.93
CA SER A 93 -5.32 5.66 12.97
C SER A 93 -4.90 4.26 12.53
N GLU A 94 -4.42 3.43 13.47
CA GLU A 94 -3.89 2.11 13.19
C GLU A 94 -4.26 1.12 14.27
N TYR A 95 -3.99 -0.17 14.03
CA TYR A 95 -4.27 -1.26 14.94
C TYR A 95 -2.96 -1.87 15.43
N TYR A 96 -2.94 -2.46 16.63
CA TYR A 96 -1.70 -2.99 17.19
C TYR A 96 -1.92 -4.24 18.06
N PHE A 97 -0.93 -5.14 18.06
CA PHE A 97 -0.90 -6.33 18.89
C PHE A 97 0.56 -6.71 19.17
N LYS A 98 0.81 -7.74 19.99
CA LYS A 98 2.16 -8.24 20.24
C LYS A 98 2.12 -9.73 20.50
N MET A 99 3.26 -10.39 20.29
CA MET A 99 3.41 -11.83 20.47
C MET A 99 4.63 -12.06 21.37
N SER A 100 5.19 -13.28 21.37
CA SER A 100 6.41 -13.54 22.14
C SER A 100 7.49 -12.55 21.72
N SER A 101 8.28 -12.09 22.70
CA SER A 101 9.23 -10.99 22.48
C SER A 101 10.57 -11.27 23.13
N ARG A 102 11.59 -10.49 22.70
CA ARG A 102 12.93 -10.57 23.26
C ARG A 102 13.01 -9.77 24.57
N ARG A 103 14.12 -9.90 25.29
CA ARG A 103 14.29 -9.32 26.61
C ARG A 103 14.73 -7.85 26.60
N MET A 104 14.76 -7.19 25.43
CA MET A 104 15.21 -5.80 25.35
C MET A 104 14.12 -4.86 24.84
N ARG A 105 12.94 -5.37 24.50
CA ARG A 105 11.86 -4.55 23.97
C ARG A 105 10.49 -5.14 24.28
N CYS A 106 9.45 -4.34 24.05
CA CYS A 106 8.05 -4.72 24.25
C CYS A 106 7.24 -4.24 23.04
N LYS A 107 7.83 -4.35 21.85
CA LYS A 107 7.29 -3.84 20.60
C LYS A 107 5.91 -4.43 20.31
N GLU A 108 5.14 -3.70 19.50
CA GLU A 108 3.84 -4.14 19.06
C GLU A 108 3.80 -4.11 17.53
N VAL A 109 3.20 -5.16 16.95
CA VAL A 109 3.06 -5.28 15.52
C VAL A 109 2.06 -4.25 15.03
N GLN A 110 2.31 -3.64 13.87
CA GLN A 110 1.43 -2.66 13.28
C GLN A 110 0.49 -3.37 12.32
N VAL A 111 -0.77 -3.50 12.71
CA VAL A 111 -1.77 -4.20 11.93
C VAL A 111 -2.54 -3.21 11.07
N ILE A 112 -2.71 -3.54 9.80
CA ILE A 112 -3.38 -2.66 8.86
C ILE A 112 -4.06 -3.49 7.76
N PRO A 113 -5.36 -3.26 7.54
CA PRO A 113 -6.17 -3.98 6.57
C PRO A 113 -6.12 -3.37 5.17
N TRP A 114 -6.81 -4.02 4.24
CA TRP A 114 -7.02 -3.51 2.88
C TRP A 114 -8.51 -3.64 2.53
N VAL A 115 -8.99 -2.84 1.57
CA VAL A 115 -10.40 -2.83 1.19
C VAL A 115 -10.56 -2.96 -0.32
N LEU A 116 -11.66 -3.57 -0.76
CA LEU A 116 -11.92 -3.75 -2.18
C LEU A 116 -12.32 -2.41 -2.77
N ALA A 117 -11.45 -1.87 -3.64
CA ALA A 117 -11.75 -0.61 -4.27
C ALA A 117 -10.95 -0.40 -5.56
N ASP A 118 -10.21 -1.43 -5.99
CA ASP A 118 -9.29 -1.40 -7.12
C ASP A 118 -8.24 -0.29 -6.96
N SER A 119 -7.01 -0.70 -6.66
CA SER A 119 -5.93 0.23 -6.37
C SER A 119 -5.38 0.93 -7.63
N ASN A 120 -5.98 0.71 -8.81
CA ASN A 120 -5.54 1.33 -10.04
C ASN A 120 -6.71 1.84 -10.89
N PHE A 121 -6.64 3.11 -11.28
CA PHE A 121 -7.69 3.81 -12.03
C PHE A 121 -7.18 5.20 -12.39
N VAL A 122 -7.93 5.99 -13.17
CA VAL A 122 -7.60 7.39 -13.41
C VAL A 122 -8.86 8.21 -13.63
N ARG A 123 -8.77 9.50 -13.29
CA ARG A 123 -9.88 10.45 -13.30
C ARG A 123 -10.11 11.09 -14.67
N SER A 124 -9.27 10.79 -15.66
CA SER A 124 -9.40 11.34 -16.99
C SER A 124 -10.62 10.73 -17.70
N PRO A 125 -11.29 11.50 -18.58
CA PRO A 125 -12.43 11.01 -19.36
C PRO A 125 -12.09 9.79 -20.21
N SER A 126 -10.79 9.51 -20.40
CA SER A 126 -10.31 8.37 -21.15
C SER A 126 -9.11 7.76 -20.45
N GLN A 127 -8.82 6.49 -20.72
CA GLN A 127 -7.69 5.79 -20.11
C GLN A 127 -6.92 5.01 -21.17
N ARG A 128 -5.63 4.79 -20.93
CA ARG A 128 -4.75 4.09 -21.85
C ARG A 128 -3.60 3.45 -21.06
N LEU A 129 -3.00 2.41 -21.61
CA LEU A 129 -1.88 1.73 -20.97
C LEU A 129 -0.87 1.31 -22.03
N ASP A 130 0.42 1.58 -21.77
CA ASP A 130 1.50 1.23 -22.68
C ASP A 130 2.77 0.97 -21.86
N PRO A 131 3.51 -0.10 -22.16
CA PRO A 131 4.67 -0.51 -21.39
C PRO A 131 5.88 0.39 -21.62
N SER A 132 5.80 1.33 -22.57
CA SER A 132 6.88 2.26 -22.86
C SER A 132 6.53 3.67 -22.39
N ARG A 133 5.41 3.82 -21.69
CA ARG A 133 4.95 5.10 -21.17
C ARG A 133 4.53 5.00 -19.71
N THR A 134 4.75 3.83 -19.08
CA THR A 134 4.49 3.64 -17.66
C THR A 134 5.80 3.79 -16.88
N VAL A 135 5.68 4.06 -15.58
CA VAL A 135 6.83 4.23 -14.70
C VAL A 135 6.52 3.62 -13.35
N PHE A 136 7.54 3.09 -12.66
CA PHE A 136 7.37 2.66 -11.28
C PHE A 136 7.88 3.80 -10.42
N VAL A 137 7.19 4.11 -9.32
CA VAL A 137 7.59 5.25 -8.52
C VAL A 137 7.59 4.89 -7.04
N GLY A 138 8.59 5.38 -6.33
CA GLY A 138 8.75 5.12 -4.90
C GLY A 138 7.77 5.99 -4.12
N ALA A 139 7.20 5.43 -3.07
CA ALA A 139 6.22 6.10 -2.24
C ALA A 139 6.22 5.49 -0.84
N LEU A 140 5.45 6.10 0.07
CA LEU A 140 5.33 5.63 1.44
C LEU A 140 4.36 4.44 1.56
N HIS A 141 4.16 3.71 0.46
CA HIS A 141 3.27 2.56 0.39
C HIS A 141 1.91 2.81 1.03
N GLY A 142 1.42 4.05 0.92
CA GLY A 142 0.14 4.45 1.48
C GLY A 142 -1.02 3.68 0.84
N MET A 143 -2.19 3.72 1.49
CA MET A 143 -3.37 2.98 1.09
C MET A 143 -4.32 3.86 0.28
N LEU A 144 -3.77 4.91 -0.36
CA LEU A 144 -4.53 5.91 -1.10
C LEU A 144 -5.30 5.27 -2.25
N ASN A 145 -6.40 5.91 -2.63
CA ASN A 145 -7.21 5.47 -3.77
C ASN A 145 -6.55 5.95 -5.07
N ALA A 146 -6.85 5.27 -6.17
CA ALA A 146 -6.29 5.63 -7.46
C ALA A 146 -6.81 6.99 -7.92
N GLU A 147 -7.96 7.43 -7.40
CA GLU A 147 -8.50 8.73 -7.73
C GLU A 147 -7.69 9.83 -7.08
N ALA A 148 -7.01 9.52 -5.97
CA ALA A 148 -6.18 10.49 -5.28
C ALA A 148 -4.84 10.62 -5.99
N LEU A 149 -4.32 9.52 -6.55
CA LEU A 149 -3.05 9.58 -7.27
C LEU A 149 -3.28 10.25 -8.63
N ALA A 150 -4.42 9.99 -9.26
CA ALA A 150 -4.79 10.63 -10.51
C ALA A 150 -5.01 12.13 -10.33
N ALA A 151 -5.44 12.56 -9.14
CA ALA A 151 -5.74 13.96 -8.88
C ALA A 151 -4.49 14.79 -8.59
N ILE A 152 -3.50 14.21 -7.89
CA ILE A 152 -2.30 14.98 -7.56
C ILE A 152 -1.42 15.16 -8.80
N LEU A 153 -1.42 14.19 -9.72
CA LEU A 153 -0.69 14.34 -10.96
C LEU A 153 -1.42 15.32 -11.88
N ASN A 154 -2.75 15.36 -11.81
CA ASN A 154 -3.55 16.23 -12.66
C ASN A 154 -3.42 17.70 -12.24
N ASP A 155 -3.02 17.96 -10.99
CA ASP A 155 -2.86 19.33 -10.52
C ASP A 155 -1.42 19.82 -10.67
N LEU A 156 -0.44 18.90 -10.72
CA LEU A 156 0.95 19.29 -10.78
C LEU A 156 1.57 19.19 -12.17
N PHE A 157 1.08 18.32 -13.06
CA PHE A 157 1.69 18.15 -14.38
C PHE A 157 0.70 17.76 -15.48
N GLY A 158 -0.31 16.95 -15.17
CA GLY A 158 -1.27 16.47 -16.15
C GLY A 158 -0.63 15.45 -17.10
N GLY A 159 -1.33 15.13 -18.19
CA GLY A 159 -0.84 14.21 -19.21
C GLY A 159 -0.96 12.73 -18.83
N VAL A 160 -1.50 12.45 -17.63
CA VAL A 160 -1.69 11.09 -17.15
C VAL A 160 -2.87 10.41 -17.86
N VAL A 161 -2.78 9.08 -18.01
CA VAL A 161 -3.85 8.27 -18.58
C VAL A 161 -4.18 7.07 -17.69
N TYR A 162 -3.28 6.75 -16.75
CA TYR A 162 -3.51 5.68 -15.78
C TYR A 162 -2.61 5.91 -14.56
N ALA A 163 -3.11 5.59 -13.36
CA ALA A 163 -2.38 5.82 -12.14
C ALA A 163 -2.85 4.86 -11.04
N GLY A 164 -2.13 4.85 -9.92
CA GLY A 164 -2.58 4.14 -8.74
C GLY A 164 -1.44 3.48 -7.99
N ILE A 165 -1.77 2.88 -6.85
CA ILE A 165 -0.82 2.13 -6.05
C ILE A 165 -0.51 0.83 -6.80
N ASP A 166 0.78 0.52 -6.95
CA ASP A 166 1.22 -0.71 -7.60
C ASP A 166 0.95 -1.86 -6.64
N THR A 167 1.01 -3.10 -7.14
CA THR A 167 0.54 -4.22 -6.35
C THR A 167 1.44 -5.44 -6.46
N ASP A 168 1.20 -6.41 -5.57
CA ASP A 168 1.83 -7.72 -5.58
C ASP A 168 1.47 -8.56 -6.82
N LYS A 169 0.62 -8.03 -7.70
CA LYS A 169 0.15 -8.69 -8.92
C LYS A 169 -0.49 -10.06 -8.65
N HIS A 170 -0.93 -10.32 -7.42
CA HIS A 170 -1.59 -11.57 -7.05
C HIS A 170 -2.97 -11.32 -6.44
N LYS A 171 -3.15 -10.15 -5.81
CA LYS A 171 -4.43 -9.74 -5.24
C LYS A 171 -4.72 -8.28 -5.58
N TYR A 172 -3.80 -7.64 -6.30
CA TYR A 172 -3.88 -6.24 -6.71
C TYR A 172 -4.18 -5.23 -5.58
N PRO A 173 -3.60 -5.35 -4.36
CA PRO A 173 -3.91 -4.46 -3.28
C PRO A 173 -2.88 -3.35 -3.06
N ILE A 174 -1.59 -3.71 -2.90
CA ILE A 174 -0.53 -2.77 -2.54
C ILE A 174 0.84 -3.39 -2.85
N GLY A 175 1.84 -2.54 -3.07
CA GLY A 175 3.22 -2.97 -3.25
C GLY A 175 4.17 -1.79 -3.53
N SER A 176 3.73 -0.81 -4.31
CA SER A 176 4.53 0.38 -4.65
C SER A 176 3.62 1.42 -5.30
N GLY A 177 4.15 2.26 -6.20
CA GLY A 177 3.34 3.19 -6.99
C GLY A 177 3.65 3.08 -8.48
N ARG A 178 2.68 3.40 -9.34
CA ARG A 178 2.83 3.39 -10.79
C ARG A 178 1.95 4.46 -11.42
N VAL A 179 2.34 4.92 -12.62
CA VAL A 179 1.62 5.93 -13.38
C VAL A 179 2.00 5.80 -14.87
N THR A 180 1.10 6.22 -15.76
CA THR A 180 1.31 6.14 -17.20
C THR A 180 0.82 7.43 -17.85
N PHE A 181 1.52 7.88 -18.90
CA PHE A 181 1.25 9.15 -19.58
C PHE A 181 1.05 8.95 -21.08
N ASN A 182 0.76 10.06 -21.77
CA ASN A 182 0.54 10.09 -23.21
C ASN A 182 1.54 11.02 -23.93
N ASN A 183 2.48 11.60 -23.18
CA ASN A 183 3.49 12.50 -23.73
C ASN A 183 4.80 12.29 -23.00
N GLN A 184 5.92 12.27 -23.72
CA GLN A 184 7.23 11.99 -23.13
C GLN A 184 7.71 13.12 -22.22
N ARG A 185 7.24 14.35 -22.45
CA ARG A 185 7.65 15.49 -21.66
C ARG A 185 6.99 15.42 -20.29
N SER A 186 5.69 15.11 -20.25
CA SER A 186 4.95 14.99 -19.01
C SER A 186 5.30 13.67 -18.33
N TYR A 187 5.83 12.72 -19.09
CA TYR A 187 6.23 11.42 -18.60
C TYR A 187 7.37 11.56 -17.57
N LEU A 188 8.58 11.96 -17.99
CA LEU A 188 9.68 11.96 -17.05
C LEU A 188 9.63 13.17 -16.12
N LYS A 189 9.00 14.27 -16.54
CA LYS A 189 8.99 15.48 -15.71
C LYS A 189 8.12 15.28 -14.49
N ALA A 190 6.99 14.60 -14.65
CA ALA A 190 6.07 14.42 -13.55
C ALA A 190 6.57 13.38 -12.56
N VAL A 191 7.15 12.28 -13.05
CA VAL A 191 7.62 11.23 -12.14
C VAL A 191 8.87 11.65 -11.39
N SER A 192 9.59 12.66 -11.90
CA SER A 192 10.87 13.05 -11.35
C SER A 192 10.86 14.45 -10.76
N ALA A 193 9.70 15.13 -10.77
CA ALA A 193 9.55 16.43 -10.14
C ALA A 193 8.33 16.47 -9.23
N ALA A 194 7.61 15.35 -9.09
CA ALA A 194 6.47 15.26 -8.20
C ALA A 194 6.90 15.03 -6.74
N PHE A 195 8.18 15.23 -6.43
CA PHE A 195 8.68 15.11 -5.07
C PHE A 195 8.20 16.28 -4.19
N VAL A 196 7.38 17.17 -4.77
CA VAL A 196 6.80 18.30 -4.06
C VAL A 196 5.94 17.82 -2.91
N GLU A 197 5.76 18.66 -1.89
CA GLU A 197 5.00 18.30 -0.71
C GLU A 197 3.51 18.16 -1.03
N ILE A 198 2.88 17.10 -0.50
CA ILE A 198 1.46 16.85 -0.64
C ILE A 198 0.90 16.45 0.71
N LYS A 199 -0.26 17.00 1.09
CA LYS A 199 -0.89 16.73 2.37
C LYS A 199 -2.42 16.69 2.25
N THR A 200 -3.03 15.87 3.11
CA THR A 200 -4.47 15.82 3.29
C THR A 200 -4.79 14.97 4.51
N THR A 201 -5.87 15.30 5.24
CA THR A 201 -6.25 14.59 6.45
C THR A 201 -5.08 14.41 7.41
N LYS A 202 -4.14 15.37 7.41
CA LYS A 202 -2.97 15.35 8.29
C LYS A 202 -2.05 14.15 7.99
N PHE A 203 -2.10 13.70 6.74
CA PHE A 203 -1.24 12.66 6.19
C PHE A 203 -0.41 13.32 5.09
N THR A 204 0.81 12.81 4.85
CA THR A 204 1.74 13.45 3.92
C THR A 204 2.21 12.48 2.86
N LYS A 205 2.50 12.98 1.66
CA LYS A 205 2.97 12.16 0.55
C LYS A 205 4.05 12.87 -0.27
N LYS A 206 4.96 12.06 -0.81
CA LYS A 206 5.99 12.44 -1.77
C LYS A 206 6.18 11.27 -2.73
N VAL A 207 6.81 11.50 -3.89
CA VAL A 207 7.00 10.46 -4.89
C VAL A 207 8.23 10.73 -5.75
N GLN A 208 8.87 9.67 -6.26
CA GLN A 208 10.03 9.79 -7.14
C GLN A 208 10.10 8.64 -8.13
N ILE A 209 10.76 8.88 -9.28
CA ILE A 209 10.89 7.92 -10.36
C ILE A 209 11.74 6.70 -9.99
N ASP A 210 11.40 5.56 -10.58
CA ASP A 210 12.16 4.32 -10.49
C ASP A 210 12.03 3.57 -11.83
N PRO A 211 13.16 3.18 -12.43
CA PRO A 211 13.19 2.51 -13.72
C PRO A 211 12.75 1.05 -13.62
N TYR A 212 12.39 0.46 -14.77
CA TYR A 212 11.95 -0.92 -14.84
C TYR A 212 12.38 -1.55 -16.16
N LEU A 213 12.54 -2.88 -16.18
CA LEU A 213 12.99 -3.64 -17.34
C LEU A 213 12.16 -4.92 -17.48
N MET A 1 2.08 26.33 -8.28
CA MET A 1 2.49 24.96 -8.59
C MET A 1 2.06 23.99 -7.48
N THR A 2 2.57 24.19 -6.26
CA THR A 2 2.22 23.36 -5.12
C THR A 2 0.94 23.86 -4.45
N TRP A 3 0.10 22.93 -4.00
CA TRP A 3 -1.13 23.22 -3.27
C TRP A 3 -1.49 22.02 -2.40
N SER A 4 -2.39 22.22 -1.43
CA SER A 4 -2.76 21.17 -0.49
C SER A 4 -4.17 21.39 0.08
N GLY A 5 -4.76 20.31 0.61
CA GLY A 5 -6.01 20.38 1.37
C GLY A 5 -7.26 20.48 0.49
N GLN A 6 -7.17 20.11 -0.79
CA GLN A 6 -8.30 20.25 -1.70
C GLN A 6 -8.97 18.90 -2.00
N LEU A 7 -8.50 17.81 -1.38
CA LEU A 7 -9.09 16.49 -1.61
C LEU A 7 -10.15 16.19 -0.54
N PRO A 8 -11.23 15.50 -0.89
CA PRO A 8 -12.28 15.14 0.03
C PRO A 8 -11.84 13.98 0.94
N PRO A 9 -12.08 14.07 2.25
CA PRO A 9 -11.72 13.05 3.22
C PRO A 9 -12.71 11.89 3.22
N ARG A 10 -13.87 12.04 2.58
CA ARG A 10 -14.89 11.01 2.50
C ARG A 10 -15.04 10.55 1.05
N ASN A 11 -14.98 9.25 0.83
CA ASN A 11 -15.03 8.66 -0.51
C ASN A 11 -15.80 7.33 -0.51
N TYR A 12 -16.41 6.97 0.63
CA TYR A 12 -17.19 5.75 0.76
C TYR A 12 -18.41 6.01 1.64
N LYS A 13 -19.39 5.12 1.60
CA LYS A 13 -20.60 5.22 2.40
C LYS A 13 -20.97 3.89 3.05
N ASN A 14 -20.45 2.79 2.52
CA ASN A 14 -20.67 1.46 3.08
C ASN A 14 -19.47 0.55 2.78
N PRO A 15 -18.26 0.95 3.22
CA PRO A 15 -17.04 0.21 2.95
C PRO A 15 -16.98 -1.08 3.78
N ILE A 16 -16.12 -2.01 3.34
CA ILE A 16 -15.87 -3.27 4.02
C ILE A 16 -14.40 -3.64 3.84
N TYR A 17 -13.87 -4.49 4.73
CA TYR A 17 -12.50 -4.94 4.61
C TYR A 17 -12.40 -6.06 3.58
N SER A 18 -11.25 -6.12 2.90
CA SER A 18 -10.98 -7.09 1.85
C SER A 18 -10.30 -8.33 2.44
N CYS A 19 -10.06 -9.31 1.57
CA CYS A 19 -9.42 -10.57 1.93
C CYS A 19 -7.91 -10.42 2.18
N LYS A 20 -7.39 -9.20 2.22
CA LYS A 20 -5.96 -8.95 2.25
C LYS A 20 -5.57 -8.07 3.43
N VAL A 21 -4.44 -8.40 4.08
CA VAL A 21 -3.92 -7.65 5.23
C VAL A 21 -2.39 -7.64 5.22
N PHE A 22 -1.81 -6.85 6.12
CA PHE A 22 -0.37 -6.73 6.30
C PHE A 22 -0.02 -6.90 7.79
N LEU A 23 1.17 -7.43 8.06
CA LEU A 23 1.66 -7.67 9.41
C LEU A 23 3.10 -7.17 9.53
N GLY A 24 3.26 -5.89 9.83
CA GLY A 24 4.56 -5.27 10.00
C GLY A 24 5.03 -5.33 11.45
N GLY A 25 6.18 -4.72 11.74
CA GLY A 25 6.67 -4.66 13.11
C GLY A 25 7.27 -5.98 13.57
N VAL A 26 7.77 -6.82 12.66
CA VAL A 26 8.29 -8.14 12.97
C VAL A 26 9.80 -8.23 12.72
N PRO A 27 10.62 -7.56 13.55
CA PRO A 27 12.07 -7.55 13.41
C PRO A 27 12.68 -8.87 13.84
N TRP A 28 11.86 -9.76 14.40
CA TRP A 28 12.31 -11.06 14.91
C TRP A 28 12.37 -12.11 13.80
N ASP A 29 12.08 -11.68 12.57
CA ASP A 29 12.17 -12.51 11.36
C ASP A 29 11.48 -13.86 11.50
N ILE A 30 10.24 -13.88 12.00
CA ILE A 30 9.42 -15.08 12.04
C ILE A 30 8.75 -15.29 10.68
N THR A 31 9.36 -14.73 9.63
CA THR A 31 8.79 -14.65 8.29
C THR A 31 8.24 -15.98 7.80
N GLU A 32 7.18 -15.88 6.99
CA GLU A 32 6.39 -16.97 6.43
C GLU A 32 5.74 -17.89 7.47
N ALA A 33 6.38 -18.15 8.61
CA ALA A 33 5.84 -19.07 9.60
C ALA A 33 4.82 -18.39 10.51
N GLY A 34 5.06 -17.13 10.85
CA GLY A 34 4.17 -16.41 11.74
C GLY A 34 2.83 -16.17 11.05
N LEU A 35 2.87 -15.81 9.77
CA LEU A 35 1.65 -15.55 9.01
C LEU A 35 0.93 -16.83 8.61
N VAL A 36 1.65 -17.94 8.43
CA VAL A 36 0.99 -19.18 8.02
C VAL A 36 0.30 -19.86 9.20
N ASN A 37 0.62 -19.44 10.43
CA ASN A 37 -0.04 -19.98 11.61
C ASN A 37 -1.06 -19.02 12.22
N THR A 38 -1.03 -17.73 11.89
CA THR A 38 -1.97 -16.78 12.49
C THR A 38 -3.03 -16.30 11.50
N PHE A 39 -2.94 -16.73 10.23
CA PHE A 39 -3.93 -16.35 9.23
C PHE A 39 -4.51 -17.55 8.49
N ARG A 40 -4.17 -18.77 8.91
CA ARG A 40 -4.64 -20.00 8.27
C ARG A 40 -5.70 -20.66 9.13
N VAL A 41 -6.78 -19.94 9.40
CA VAL A 41 -7.87 -20.39 10.28
C VAL A 41 -8.67 -21.54 9.69
N PHE A 42 -8.66 -21.69 8.36
CA PHE A 42 -9.42 -22.76 7.72
C PHE A 42 -8.88 -23.09 6.32
N GLY A 43 -8.25 -22.12 5.66
CA GLY A 43 -7.72 -22.30 4.32
C GLY A 43 -7.54 -20.96 3.61
N SER A 44 -7.50 -21.00 2.27
CA SER A 44 -7.31 -19.86 1.38
C SER A 44 -6.09 -18.98 1.67
N LEU A 45 -5.29 -19.33 2.68
CA LEU A 45 -4.16 -18.50 3.07
C LEU A 45 -3.02 -18.69 2.08
N SER A 46 -2.55 -17.57 1.53
CA SER A 46 -1.40 -17.54 0.65
C SER A 46 -0.35 -16.62 1.24
N VAL A 47 0.92 -16.98 1.07
CA VAL A 47 2.02 -16.21 1.65
C VAL A 47 2.44 -15.10 0.69
N GLU A 48 2.87 -13.97 1.24
CA GLU A 48 3.40 -12.87 0.44
C GLU A 48 4.75 -12.43 0.98
N TRP A 49 5.76 -12.50 0.09
CA TRP A 49 7.13 -12.09 0.34
C TRP A 49 7.77 -11.83 -1.02
N PRO A 50 8.42 -10.67 -1.23
CA PRO A 50 8.93 -10.25 -2.53
C PRO A 50 10.33 -10.79 -2.79
N GLY A 51 10.92 -11.50 -1.82
CA GLY A 51 12.29 -11.95 -1.87
C GLY A 51 13.21 -10.86 -1.34
N LYS A 52 13.99 -11.18 -0.32
CA LYS A 52 14.88 -10.25 0.35
C LYS A 52 16.21 -10.92 0.72
N ASP A 53 16.62 -11.91 -0.10
CA ASP A 53 17.85 -12.65 0.14
C ASP A 53 19.07 -11.71 0.16
N GLY A 54 20.12 -12.13 0.88
CA GLY A 54 21.33 -11.34 1.06
C GLY A 54 22.57 -12.23 1.12
N LYS A 55 22.55 -13.36 0.41
CA LYS A 55 23.62 -14.35 0.44
C LYS A 55 23.91 -14.80 1.86
N HIS A 56 22.84 -14.98 2.66
CA HIS A 56 22.91 -15.40 4.04
C HIS A 56 21.85 -16.48 4.28
N PRO A 57 22.12 -17.47 5.14
CA PRO A 57 21.20 -18.58 5.40
C PRO A 57 19.89 -18.15 6.04
N ARG A 58 19.74 -16.86 6.37
CA ARG A 58 18.50 -16.32 6.92
C ARG A 58 18.23 -14.92 6.37
N CYS A 59 16.97 -14.50 6.38
CA CYS A 59 16.56 -13.20 5.90
C CYS A 59 17.08 -12.08 6.82
N PRO A 60 17.21 -10.86 6.29
CA PRO A 60 17.70 -9.71 7.05
C PRO A 60 16.72 -9.29 8.15
N PRO A 61 17.22 -8.58 9.16
CA PRO A 61 16.44 -8.12 10.31
C PRO A 61 15.48 -6.99 9.91
N LYS A 62 14.63 -6.60 10.87
CA LYS A 62 13.64 -5.54 10.69
C LYS A 62 12.78 -5.75 9.43
N GLY A 63 12.43 -7.00 9.15
CA GLY A 63 11.58 -7.34 8.01
C GLY A 63 10.10 -7.04 8.31
N TYR A 64 9.28 -7.17 7.27
CA TYR A 64 7.83 -7.03 7.36
C TYR A 64 7.20 -8.02 6.37
N VAL A 65 6.06 -8.61 6.72
CA VAL A 65 5.46 -9.70 5.92
C VAL A 65 3.98 -9.47 5.69
N TYR A 66 3.42 -10.11 4.66
CA TYR A 66 2.02 -9.88 4.29
C TYR A 66 1.36 -11.18 3.81
N LEU A 67 0.04 -11.13 3.56
CA LEU A 67 -0.72 -12.31 3.19
C LEU A 67 -2.11 -11.96 2.65
N VAL A 68 -2.80 -12.97 2.13
CA VAL A 68 -4.18 -12.85 1.66
C VAL A 68 -4.93 -14.16 1.95
N PHE A 69 -6.19 -14.05 2.37
CA PHE A 69 -7.05 -15.18 2.67
C PHE A 69 -8.51 -14.79 2.58
N GLU A 70 -9.36 -15.68 2.05
CA GLU A 70 -10.73 -15.38 1.68
C GLU A 70 -11.67 -15.16 2.87
N LEU A 71 -11.18 -15.34 4.10
CA LEU A 71 -12.01 -15.22 5.29
C LEU A 71 -12.20 -13.77 5.69
N GLU A 72 -13.21 -13.11 5.13
CA GLU A 72 -13.57 -11.75 5.53
C GLU A 72 -13.99 -11.75 7.00
N LYS A 73 -14.50 -12.89 7.49
CA LYS A 73 -14.92 -13.03 8.87
C LYS A 73 -13.73 -13.19 9.82
N SER A 74 -12.57 -13.60 9.29
CA SER A 74 -11.38 -13.79 10.10
C SER A 74 -10.49 -12.55 10.04
N VAL A 75 -10.56 -11.79 8.94
CA VAL A 75 -9.89 -10.50 8.82
C VAL A 75 -10.50 -9.53 9.83
N ARG A 76 -11.82 -9.66 10.06
CA ARG A 76 -12.53 -8.82 11.01
C ARG A 76 -12.37 -9.37 12.43
N SER A 77 -12.20 -10.69 12.57
CA SER A 77 -11.89 -11.27 13.87
C SER A 77 -10.47 -10.86 14.26
N LEU A 78 -9.61 -10.60 13.26
CA LEU A 78 -8.25 -10.16 13.45
C LEU A 78 -8.23 -8.78 14.10
N LEU A 79 -8.99 -7.87 13.50
CA LEU A 79 -9.00 -6.47 13.86
C LEU A 79 -9.77 -6.21 15.16
N GLN A 80 -10.59 -7.16 15.62
CA GLN A 80 -11.29 -6.99 16.90
C GLN A 80 -10.59 -7.76 18.03
N ALA A 81 -9.65 -8.65 17.68
CA ALA A 81 -8.87 -9.38 18.68
C ALA A 81 -7.54 -8.68 18.96
N CYS A 82 -7.16 -7.73 18.12
CA CYS A 82 -5.95 -6.95 18.30
C CYS A 82 -6.25 -5.62 18.99
N SER A 83 -5.22 -4.97 19.53
CA SER A 83 -5.32 -3.65 20.13
C SER A 83 -5.29 -2.59 19.03
N HIS A 84 -5.52 -1.33 19.38
CA HIS A 84 -5.53 -0.26 18.39
C HIS A 84 -5.10 1.07 19.00
N ASP A 85 -4.55 1.94 18.16
CA ASP A 85 -4.21 3.31 18.52
C ASP A 85 -4.41 4.17 17.27
N PRO A 86 -5.38 5.10 17.29
CA PRO A 86 -5.85 5.88 16.16
C PRO A 86 -5.12 7.23 16.00
N LEU A 87 -3.87 7.34 16.47
CA LEU A 87 -3.24 8.65 16.58
C LEU A 87 -2.89 9.37 15.27
N SER A 88 -2.37 8.71 14.24
CA SER A 88 -2.05 9.42 13.01
C SER A 88 -1.96 8.50 11.80
N PRO A 89 -2.47 8.94 10.63
CA PRO A 89 -2.44 8.18 9.40
C PRO A 89 -1.02 7.99 8.87
N ASP A 90 -0.02 8.52 9.59
CA ASP A 90 1.39 8.37 9.25
C ASP A 90 1.94 7.03 9.74
N GLY A 91 1.06 6.06 10.04
CA GLY A 91 1.46 4.76 10.54
C GLY A 91 1.33 4.66 12.06
N LEU A 92 0.44 5.46 12.64
CA LEU A 92 0.23 5.52 14.08
C LEU A 92 -1.27 5.51 14.42
N SER A 93 -2.13 5.26 13.43
CA SER A 93 -3.58 5.18 13.58
C SER A 93 -4.08 3.77 13.28
N GLU A 94 -3.33 2.74 13.70
CA GLU A 94 -3.56 1.37 13.27
C GLU A 94 -3.69 0.38 14.43
N TYR A 95 -3.85 -0.91 14.09
CA TYR A 95 -4.02 -1.99 15.05
C TYR A 95 -2.67 -2.59 15.44
N TYR A 96 -2.61 -3.28 16.59
CA TYR A 96 -1.36 -3.86 17.08
C TYR A 96 -1.59 -5.16 17.85
N PHE A 97 -0.60 -6.06 17.80
CA PHE A 97 -0.56 -7.31 18.55
C PHE A 97 0.91 -7.65 18.83
N LYS A 98 1.25 -8.89 19.20
CA LYS A 98 2.66 -9.30 19.29
C LYS A 98 2.82 -10.76 18.86
N MET A 99 4.02 -11.12 18.41
CA MET A 99 4.24 -12.42 17.77
C MET A 99 5.44 -13.18 18.35
N SER A 100 6.13 -12.61 19.35
CA SER A 100 7.30 -13.26 19.91
C SER A 100 7.26 -13.20 21.44
N SER A 101 7.72 -14.27 22.08
CA SER A 101 7.78 -14.45 23.53
C SER A 101 6.50 -14.03 24.25
N ARG A 102 6.56 -13.91 25.57
CA ARG A 102 5.43 -13.41 26.36
C ARG A 102 5.41 -11.87 26.29
N ARG A 103 6.60 -11.26 26.21
CA ARG A 103 6.76 -9.82 26.06
C ARG A 103 8.17 -9.51 25.57
N MET A 104 8.30 -8.47 24.75
CA MET A 104 9.58 -7.98 24.28
C MET A 104 9.58 -6.46 24.44
N ARG A 105 10.41 -5.95 25.34
CA ARG A 105 10.47 -4.53 25.66
C ARG A 105 9.04 -3.97 25.78
N CYS A 106 8.69 -3.03 24.92
CA CYS A 106 7.34 -2.46 24.82
C CYS A 106 6.80 -2.62 23.40
N LYS A 107 7.40 -3.53 22.62
CA LYS A 107 7.11 -3.70 21.21
C LYS A 107 5.87 -4.53 20.96
N GLU A 108 5.25 -4.25 19.80
CA GLU A 108 4.08 -4.92 19.27
C GLU A 108 4.18 -4.91 17.75
N VAL A 109 3.67 -5.94 17.08
CA VAL A 109 3.61 -5.97 15.63
C VAL A 109 2.46 -5.07 15.19
N GLN A 110 2.59 -4.44 14.02
CA GLN A 110 1.56 -3.56 13.52
C GLN A 110 0.67 -4.31 12.54
N VAL A 111 -0.65 -4.11 12.67
CA VAL A 111 -1.63 -4.80 11.85
C VAL A 111 -2.40 -3.76 11.05
N ILE A 112 -2.45 -3.95 9.73
CA ILE A 112 -3.14 -3.03 8.84
C ILE A 112 -3.92 -3.83 7.80
N PRO A 113 -5.22 -3.55 7.66
CA PRO A 113 -6.10 -4.24 6.73
C PRO A 113 -6.05 -3.60 5.34
N TRP A 114 -6.84 -4.17 4.43
CA TRP A 114 -7.10 -3.57 3.13
C TRP A 114 -8.61 -3.41 2.99
N VAL A 115 -9.06 -2.43 2.21
CA VAL A 115 -10.48 -2.07 2.16
C VAL A 115 -11.01 -2.14 0.74
N LEU A 116 -12.33 -2.22 0.61
CA LEU A 116 -13.02 -2.28 -0.68
C LEU A 116 -12.45 -1.29 -1.65
N ALA A 117 -11.83 -1.79 -2.70
CA ALA A 117 -11.23 -0.94 -3.71
C ALA A 117 -10.84 -1.78 -4.93
N ASP A 118 -10.33 -1.10 -5.97
CA ASP A 118 -9.88 -1.76 -7.19
C ASP A 118 -8.36 -1.77 -7.26
N SER A 119 -7.70 -1.18 -6.25
CA SER A 119 -6.25 -1.06 -6.14
C SER A 119 -5.59 -0.33 -7.31
N ASN A 120 -6.36 0.11 -8.30
CA ASN A 120 -5.89 0.97 -9.38
C ASN A 120 -7.07 1.68 -10.03
N PHE A 121 -6.88 2.94 -10.44
CA PHE A 121 -7.92 3.74 -11.07
C PHE A 121 -7.30 5.01 -11.66
N VAL A 122 -8.03 5.69 -12.56
CA VAL A 122 -7.64 6.99 -13.07
C VAL A 122 -8.84 7.65 -13.75
N ARG A 123 -8.75 8.98 -13.95
CA ARG A 123 -9.82 9.79 -14.54
C ARG A 123 -9.58 10.11 -16.01
N SER A 124 -8.72 9.33 -16.67
CA SER A 124 -8.36 9.54 -18.07
C SER A 124 -8.39 8.21 -18.85
N PRO A 125 -9.53 7.51 -18.84
CA PRO A 125 -9.69 6.24 -19.52
C PRO A 125 -9.70 6.41 -21.04
N SER A 126 -9.73 5.29 -21.76
CA SER A 126 -9.75 5.20 -23.22
C SER A 126 -8.61 5.96 -23.91
N GLN A 127 -7.52 6.26 -23.18
CA GLN A 127 -6.34 6.88 -23.75
C GLN A 127 -5.21 5.85 -23.95
N ARG A 128 -5.59 4.56 -23.93
CA ARG A 128 -4.68 3.41 -24.07
C ARG A 128 -3.61 3.34 -22.99
N LEU A 129 -3.00 2.15 -22.87
CA LEU A 129 -1.92 1.87 -21.95
C LEU A 129 -0.77 1.18 -22.68
N ASP A 130 -0.79 1.26 -24.01
CA ASP A 130 0.21 0.65 -24.88
C ASP A 130 1.57 1.35 -24.82
N PRO A 131 1.66 2.68 -24.59
CA PRO A 131 2.94 3.37 -24.50
C PRO A 131 3.88 2.73 -23.49
N SER A 132 5.18 2.76 -23.80
CA SER A 132 6.22 2.23 -22.93
C SER A 132 6.49 3.16 -21.74
N ARG A 133 5.63 4.17 -21.54
CA ARG A 133 5.77 5.17 -20.50
C ARG A 133 5.20 4.64 -19.18
N THR A 134 5.66 3.46 -18.76
CA THR A 134 5.21 2.81 -17.54
C THR A 134 6.41 2.56 -16.63
N VAL A 135 6.23 2.85 -15.35
CA VAL A 135 7.32 2.80 -14.40
C VAL A 135 6.77 2.64 -12.98
N PHE A 136 7.63 2.32 -12.01
CA PHE A 136 7.18 2.20 -10.63
C PHE A 136 7.79 3.32 -9.79
N VAL A 137 7.19 3.58 -8.63
CA VAL A 137 7.63 4.67 -7.78
C VAL A 137 7.59 4.27 -6.31
N GLY A 138 8.31 5.02 -5.48
CA GLY A 138 8.44 4.72 -4.06
C GLY A 138 9.02 5.89 -3.29
N ALA A 139 9.99 5.58 -2.41
CA ALA A 139 10.56 6.50 -1.43
C ALA A 139 9.55 6.97 -0.38
N LEU A 140 8.29 6.52 -0.50
CA LEU A 140 7.24 6.76 0.48
C LEU A 140 6.15 5.72 0.25
N HIS A 141 5.48 5.31 1.32
CA HIS A 141 4.37 4.36 1.24
C HIS A 141 3.26 4.77 2.19
N GLY A 142 2.03 4.43 1.85
CA GLY A 142 0.85 4.80 2.62
C GLY A 142 -0.41 4.49 1.82
N MET A 143 -1.51 5.18 2.13
CA MET A 143 -2.77 5.00 1.44
C MET A 143 -3.39 6.36 1.12
N LEU A 144 -3.65 6.60 -0.16
CA LEU A 144 -4.36 7.77 -0.64
C LEU A 144 -5.11 7.40 -1.93
N ASN A 145 -6.04 8.27 -2.35
CA ASN A 145 -6.94 7.94 -3.46
C ASN A 145 -6.21 7.98 -4.80
N ALA A 146 -6.56 7.05 -5.69
CA ALA A 146 -6.02 7.00 -7.04
C ALA A 146 -6.71 8.02 -7.92
N GLU A 147 -7.91 8.46 -7.53
CA GLU A 147 -8.61 9.53 -8.22
C GLU A 147 -7.92 10.87 -7.91
N ALA A 148 -7.31 10.97 -6.72
CA ALA A 148 -6.57 12.15 -6.35
C ALA A 148 -5.23 12.16 -7.08
N LEU A 149 -4.63 10.99 -7.30
CA LEU A 149 -3.35 10.90 -8.02
C LEU A 149 -3.57 11.38 -9.46
N ALA A 150 -4.64 10.91 -10.09
CA ALA A 150 -5.00 11.35 -11.42
C ALA A 150 -5.20 12.87 -11.48
N ALA A 151 -5.74 13.45 -10.40
CA ALA A 151 -6.06 14.87 -10.39
C ALA A 151 -4.86 15.76 -10.09
N ILE A 152 -3.97 15.36 -9.18
CA ILE A 152 -2.84 16.21 -8.83
C ILE A 152 -1.84 16.27 -9.98
N LEU A 153 -1.79 15.23 -10.84
CA LEU A 153 -0.89 15.24 -11.97
C LEU A 153 -1.56 15.88 -13.19
N ASN A 154 -2.89 15.93 -13.22
CA ASN A 154 -3.60 16.65 -14.27
C ASN A 154 -3.51 18.16 -14.02
N ASP A 155 -3.12 18.56 -12.80
CA ASP A 155 -2.97 19.96 -12.45
C ASP A 155 -1.50 20.37 -12.28
N LEU A 156 -0.62 19.43 -11.91
CA LEU A 156 0.79 19.74 -11.73
C LEU A 156 1.50 19.93 -13.07
N PHE A 157 1.52 18.89 -13.90
CA PHE A 157 2.10 18.97 -15.24
C PHE A 157 1.58 17.80 -16.09
N GLY A 158 1.13 18.09 -17.32
CA GLY A 158 0.65 17.07 -18.23
C GLY A 158 -0.60 16.39 -17.69
N GLY A 159 -0.69 15.07 -17.87
CA GLY A 159 -1.79 14.25 -17.38
C GLY A 159 -1.42 12.79 -17.46
N VAL A 160 -1.96 11.98 -16.53
CA VAL A 160 -1.65 10.56 -16.42
C VAL A 160 -2.80 9.72 -16.97
N VAL A 161 -2.52 8.47 -17.37
CA VAL A 161 -3.54 7.59 -17.93
C VAL A 161 -3.78 6.34 -17.09
N TYR A 162 -2.98 6.13 -16.04
CA TYR A 162 -3.23 5.06 -15.08
C TYR A 162 -2.48 5.36 -13.78
N ALA A 163 -3.16 5.21 -12.64
CA ALA A 163 -2.53 5.43 -11.34
C ALA A 163 -2.62 4.19 -10.47
N GLY A 164 -1.61 3.98 -9.63
CA GLY A 164 -1.49 2.84 -8.74
C GLY A 164 -0.60 3.17 -7.56
N ILE A 165 -0.84 4.32 -6.93
CA ILE A 165 -0.08 4.79 -5.78
C ILE A 165 -0.18 3.81 -4.62
N ASP A 166 0.96 3.21 -4.26
CA ASP A 166 1.08 2.33 -3.10
C ASP A 166 0.20 1.08 -3.20
N THR A 167 -0.61 0.95 -4.26
CA THR A 167 -1.52 -0.16 -4.45
C THR A 167 -1.27 -0.86 -5.77
N ASP A 168 -1.43 -2.19 -5.77
CA ASP A 168 -1.19 -2.99 -6.97
C ASP A 168 -2.28 -4.03 -7.19
N LYS A 169 -2.14 -4.85 -8.23
CA LYS A 169 -3.09 -5.89 -8.61
C LYS A 169 -3.42 -6.80 -7.42
N HIS A 170 -4.61 -7.42 -7.44
CA HIS A 170 -5.15 -8.21 -6.35
C HIS A 170 -4.25 -9.38 -5.95
N LYS A 171 -3.22 -9.72 -6.73
CA LYS A 171 -2.29 -10.79 -6.35
C LYS A 171 -1.37 -10.33 -5.22
N TYR A 172 -1.08 -9.02 -5.16
CA TYR A 172 -0.20 -8.43 -4.16
C TYR A 172 -0.56 -6.95 -3.98
N PRO A 173 -1.80 -6.63 -3.61
CA PRO A 173 -2.28 -5.27 -3.53
C PRO A 173 -1.64 -4.52 -2.38
N ILE A 174 -1.82 -3.20 -2.37
CA ILE A 174 -1.29 -2.29 -1.35
C ILE A 174 0.15 -2.65 -0.95
N GLY A 175 1.13 -2.28 -1.80
CA GLY A 175 2.53 -2.56 -1.51
C GLY A 175 3.53 -1.84 -2.40
N SER A 176 3.09 -1.04 -3.39
CA SER A 176 4.01 -0.38 -4.31
C SER A 176 3.35 0.75 -5.10
N GLY A 177 4.15 1.67 -5.65
CA GLY A 177 3.62 2.71 -6.52
C GLY A 177 3.88 2.33 -7.99
N ARG A 178 2.90 2.59 -8.87
CA ARG A 178 3.05 2.33 -10.30
C ARG A 178 2.18 3.30 -11.09
N VAL A 179 2.65 3.72 -12.27
CA VAL A 179 1.94 4.72 -13.06
C VAL A 179 2.26 4.59 -14.55
N THR A 180 1.36 5.08 -15.41
CA THR A 180 1.53 5.09 -16.87
C THR A 180 1.05 6.42 -17.44
N PHE A 181 1.76 6.92 -18.46
CA PHE A 181 1.46 8.20 -19.11
C PHE A 181 1.31 8.03 -20.63
N ASN A 182 1.04 9.14 -21.31
CA ASN A 182 0.82 9.17 -22.75
C ASN A 182 1.82 10.08 -23.48
N ASN A 183 2.77 10.66 -22.73
CA ASN A 183 3.77 11.56 -23.28
C ASN A 183 5.09 11.33 -22.54
N GLN A 184 6.23 11.47 -23.24
CA GLN A 184 7.53 11.19 -22.66
C GLN A 184 7.94 12.29 -21.68
N ARG A 185 7.56 13.55 -21.94
CA ARG A 185 7.93 14.65 -21.08
C ARG A 185 7.09 14.65 -19.81
N SER A 186 5.81 14.31 -19.92
CA SER A 186 4.93 14.24 -18.76
C SER A 186 5.25 12.99 -17.95
N TYR A 187 5.82 11.97 -18.60
CA TYR A 187 6.17 10.72 -17.97
C TYR A 187 7.25 10.92 -16.93
N LEU A 188 8.46 11.32 -17.32
CA LEU A 188 9.55 11.38 -16.37
C LEU A 188 9.44 12.59 -15.46
N LYS A 189 8.77 13.67 -15.90
CA LYS A 189 8.70 14.88 -15.10
C LYS A 189 7.73 14.72 -13.93
N ALA A 190 6.69 13.91 -14.11
CA ALA A 190 5.74 13.69 -13.03
C ALA A 190 6.34 12.75 -11.98
N VAL A 191 6.98 11.68 -12.41
CA VAL A 191 7.51 10.69 -11.48
C VAL A 191 8.77 11.19 -10.78
N SER A 192 9.41 12.24 -11.29
CA SER A 192 10.70 12.67 -10.78
C SER A 192 10.76 14.16 -10.45
N ALA A 193 9.62 14.85 -10.49
CA ALA A 193 9.54 16.23 -10.07
C ALA A 193 8.25 16.51 -9.31
N ALA A 194 7.41 15.49 -9.07
CA ALA A 194 6.20 15.65 -8.27
C ALA A 194 6.52 15.65 -6.77
N PHE A 195 7.61 16.33 -6.39
CA PHE A 195 8.02 16.46 -5.00
C PHE A 195 7.18 17.50 -4.26
N VAL A 196 6.04 17.89 -4.84
CA VAL A 196 5.12 18.87 -4.25
C VAL A 196 4.63 18.38 -2.90
N GLU A 197 4.12 19.30 -2.07
CA GLU A 197 3.60 18.97 -0.75
C GLU A 197 2.13 18.62 -0.84
N ILE A 198 1.81 17.36 -1.16
CA ILE A 198 0.43 16.92 -1.28
C ILE A 198 -0.15 16.74 0.11
N LYS A 199 -1.42 17.12 0.32
CA LYS A 199 -2.12 16.83 1.56
C LYS A 199 -3.61 16.72 1.28
N THR A 200 -4.28 15.77 1.93
CA THR A 200 -5.73 15.62 1.79
C THR A 200 -6.43 16.47 2.84
N THR A 201 -6.23 16.16 4.12
CA THR A 201 -6.73 16.94 5.24
C THR A 201 -5.83 16.77 6.46
N LYS A 202 -5.27 15.57 6.65
CA LYS A 202 -4.43 15.22 7.79
C LYS A 202 -3.34 14.23 7.39
N PHE A 203 -3.07 14.11 6.08
CA PHE A 203 -2.13 13.13 5.54
C PHE A 203 -1.40 13.74 4.36
N THR A 204 -0.10 13.45 4.21
CA THR A 204 0.71 14.03 3.15
C THR A 204 1.29 12.94 2.25
N LYS A 205 1.58 13.30 0.99
CA LYS A 205 2.15 12.39 0.01
C LYS A 205 3.24 13.08 -0.81
N LYS A 206 4.22 12.27 -1.23
CA LYS A 206 5.31 12.61 -2.14
C LYS A 206 5.63 11.36 -2.94
N VAL A 207 6.41 11.50 -4.02
CA VAL A 207 6.74 10.36 -4.87
C VAL A 207 8.12 10.52 -5.51
N GLN A 208 8.80 9.39 -5.75
CA GLN A 208 10.08 9.38 -6.44
C GLN A 208 10.12 8.22 -7.45
N ILE A 209 10.76 8.45 -8.61
CA ILE A 209 10.85 7.48 -9.68
C ILE A 209 11.75 6.29 -9.35
N ASP A 210 11.36 5.12 -9.87
CA ASP A 210 12.15 3.90 -9.88
C ASP A 210 12.02 3.29 -11.28
N PRO A 211 13.01 3.54 -12.15
CA PRO A 211 13.02 3.13 -13.55
C PRO A 211 12.85 1.62 -13.75
N TYR A 212 12.32 1.24 -14.92
CA TYR A 212 12.12 -0.15 -15.30
C TYR A 212 13.48 -0.85 -15.43
N LEU A 213 13.52 -2.15 -15.13
CA LEU A 213 14.74 -2.95 -15.20
C LEU A 213 14.42 -4.37 -15.66
N MET A 1 8.26 22.90 -5.86
CA MET A 1 7.54 21.62 -6.01
C MET A 1 7.48 20.89 -4.67
N THR A 2 6.83 21.49 -3.66
CA THR A 2 6.69 20.88 -2.34
C THR A 2 5.38 21.32 -1.68
N TRP A 3 4.59 20.34 -1.24
CA TRP A 3 3.35 20.59 -0.50
C TRP A 3 2.86 19.31 0.18
N SER A 4 2.03 19.46 1.21
CA SER A 4 1.50 18.35 1.99
C SER A 4 0.12 18.68 2.56
N GLY A 5 -0.65 17.65 2.92
CA GLY A 5 -1.94 17.81 3.59
C GLY A 5 -3.07 18.32 2.69
N GLN A 6 -2.90 18.24 1.36
CA GLN A 6 -3.89 18.73 0.40
C GLN A 6 -4.36 17.61 -0.53
N LEU A 7 -4.35 16.36 -0.05
CA LEU A 7 -4.69 15.20 -0.85
C LEU A 7 -5.65 14.21 -0.15
N PRO A 8 -6.71 14.69 0.49
CA PRO A 8 -7.66 13.82 1.19
C PRO A 8 -8.41 12.95 0.17
N PRO A 9 -8.89 11.77 0.58
CA PRO A 9 -9.55 10.81 -0.29
C PRO A 9 -10.83 11.36 -0.92
N ARG A 10 -11.22 10.76 -2.06
CA ARG A 10 -12.43 11.07 -2.79
C ARG A 10 -13.01 9.77 -3.34
N ASN A 11 -14.15 9.87 -4.04
CA ASN A 11 -14.85 8.76 -4.70
C ASN A 11 -15.21 7.59 -3.80
N TYR A 12 -15.01 7.72 -2.48
CA TYR A 12 -15.35 6.68 -1.51
C TYR A 12 -16.12 7.27 -0.33
N LYS A 13 -16.97 6.45 0.29
CA LYS A 13 -17.74 6.82 1.46
C LYS A 13 -18.03 5.59 2.33
N ASN A 14 -18.07 4.41 1.70
CA ASN A 14 -18.27 3.14 2.39
C ASN A 14 -17.55 2.02 1.62
N PRO A 15 -16.21 2.10 1.55
CA PRO A 15 -15.39 1.17 0.79
C PRO A 15 -15.36 -0.22 1.42
N ILE A 16 -14.87 -1.18 0.64
CA ILE A 16 -14.80 -2.58 1.01
C ILE A 16 -13.37 -3.07 0.77
N TYR A 17 -12.96 -4.14 1.44
CA TYR A 17 -11.58 -4.61 1.38
C TYR A 17 -11.44 -5.98 0.74
N SER A 18 -10.25 -6.24 0.20
CA SER A 18 -9.88 -7.49 -0.42
C SER A 18 -9.34 -8.46 0.64
N CYS A 19 -9.06 -9.69 0.24
CA CYS A 19 -8.55 -10.72 1.13
C CYS A 19 -7.03 -10.64 1.31
N LYS A 20 -6.45 -9.43 1.18
CA LYS A 20 -5.03 -9.22 1.32
C LYS A 20 -4.74 -8.27 2.50
N VAL A 21 -3.78 -8.66 3.35
CA VAL A 21 -3.43 -7.89 4.53
C VAL A 21 -1.96 -8.07 4.89
N PHE A 22 -1.42 -7.12 5.68
CA PHE A 22 -0.05 -7.11 6.16
C PHE A 22 -0.01 -7.14 7.68
N LEU A 23 1.11 -7.60 8.25
CA LEU A 23 1.34 -7.63 9.68
C LEU A 23 2.81 -7.29 9.96
N GLY A 24 3.06 -6.30 10.81
CA GLY A 24 4.40 -5.89 11.18
C GLY A 24 4.54 -5.71 12.68
N GLY A 25 5.77 -5.45 13.15
CA GLY A 25 6.03 -5.27 14.57
C GLY A 25 6.41 -6.58 15.26
N VAL A 26 6.83 -7.60 14.51
CA VAL A 26 7.15 -8.92 15.06
C VAL A 26 8.60 -9.37 14.78
N PRO A 27 9.60 -8.50 14.93
CA PRO A 27 11.00 -8.85 14.65
C PRO A 27 11.64 -9.66 15.78
N TRP A 28 10.84 -10.09 16.77
CA TRP A 28 11.31 -10.73 17.99
C TRP A 28 11.65 -12.20 17.79
N ASP A 29 12.48 -12.50 16.78
CA ASP A 29 12.87 -13.86 16.45
C ASP A 29 11.66 -14.77 16.23
N ILE A 30 10.55 -14.19 15.78
CA ILE A 30 9.31 -14.90 15.54
C ILE A 30 8.81 -14.62 14.13
N THR A 31 8.26 -15.67 13.50
CA THR A 31 7.67 -15.56 12.17
C THR A 31 6.64 -16.67 11.99
N GLU A 32 5.69 -16.47 11.07
CA GLU A 32 4.59 -17.38 10.76
C GLU A 32 3.63 -17.63 11.92
N ALA A 33 4.11 -17.70 13.17
CA ALA A 33 3.26 -18.02 14.30
C ALA A 33 2.33 -16.86 14.65
N GLY A 34 2.78 -15.63 14.43
CA GLY A 34 1.98 -14.46 14.77
C GLY A 34 0.75 -14.38 13.89
N LEU A 35 0.91 -14.68 12.60
CA LEU A 35 -0.20 -14.61 11.67
C LEU A 35 -1.06 -15.87 11.70
N VAL A 36 -0.53 -17.00 12.17
CA VAL A 36 -1.31 -18.23 12.23
C VAL A 36 -2.15 -18.29 13.50
N ASN A 37 -1.93 -17.34 14.42
CA ASN A 37 -2.77 -17.22 15.61
C ASN A 37 -3.69 -16.01 15.58
N THR A 38 -3.42 -14.99 14.74
CA THR A 38 -4.27 -13.80 14.70
C THR A 38 -5.10 -13.72 13.42
N PHE A 39 -4.95 -14.69 12.51
CA PHE A 39 -5.75 -14.77 11.29
C PHE A 39 -6.29 -16.18 11.11
N ARG A 40 -6.47 -16.91 12.21
CA ARG A 40 -6.89 -18.30 12.17
C ARG A 40 -8.41 -18.32 12.07
N VAL A 41 -8.92 -18.98 11.05
CA VAL A 41 -10.34 -18.91 10.74
C VAL A 41 -10.81 -20.18 10.03
N PHE A 42 -12.13 -20.34 9.91
CA PHE A 42 -12.76 -21.52 9.32
C PHE A 42 -12.73 -21.49 7.79
N GLY A 43 -11.55 -21.20 7.22
CA GLY A 43 -11.36 -21.14 5.77
C GLY A 43 -9.88 -21.21 5.43
N SER A 44 -9.50 -20.73 4.25
CA SER A 44 -8.12 -20.77 3.81
C SER A 44 -7.25 -19.84 4.64
N LEU A 45 -5.96 -20.17 4.77
CA LEU A 45 -4.97 -19.39 5.49
C LEU A 45 -3.60 -19.72 4.89
N SER A 46 -2.89 -18.72 4.39
CA SER A 46 -1.58 -18.93 3.78
C SER A 46 -0.58 -17.88 4.22
N VAL A 47 0.68 -18.30 4.30
CA VAL A 47 1.81 -17.47 4.68
C VAL A 47 2.37 -16.80 3.42
N GLU A 48 2.99 -15.63 3.57
CA GLU A 48 3.59 -14.95 2.44
C GLU A 48 4.92 -14.32 2.81
N TRP A 49 5.88 -14.46 1.89
CA TRP A 49 7.24 -13.93 1.99
C TRP A 49 7.73 -13.65 0.57
N PRO A 50 8.47 -12.57 0.34
CA PRO A 50 8.82 -12.12 -0.99
C PRO A 50 10.04 -12.85 -1.57
N GLY A 51 10.74 -13.63 -0.75
CA GLY A 51 11.92 -14.37 -1.21
C GLY A 51 13.12 -13.47 -1.48
N LYS A 52 13.06 -12.22 -1.02
CA LYS A 52 14.11 -11.23 -1.24
C LYS A 52 15.25 -11.35 -0.21
N ASP A 53 15.29 -12.48 0.52
CA ASP A 53 16.30 -12.73 1.53
C ASP A 53 17.65 -13.07 0.87
N GLY A 54 18.74 -13.04 1.66
CA GLY A 54 20.07 -13.33 1.18
C GLY A 54 20.76 -12.11 0.57
N LYS A 55 20.07 -10.96 0.57
CA LYS A 55 20.62 -9.71 0.06
C LYS A 55 20.09 -8.53 0.87
N HIS A 56 20.74 -7.37 0.73
CA HIS A 56 20.42 -6.17 1.48
C HIS A 56 20.24 -6.44 2.97
N PRO A 57 21.24 -7.05 3.63
CA PRO A 57 21.19 -7.43 5.03
C PRO A 57 21.26 -6.19 5.93
N ARG A 58 21.01 -6.41 7.23
CA ARG A 58 21.04 -5.35 8.24
C ARG A 58 21.83 -5.83 9.46
N CYS A 59 22.35 -4.90 10.25
CA CYS A 59 23.11 -5.23 11.44
C CYS A 59 22.18 -5.62 12.61
N PRO A 60 21.18 -4.81 12.96
CA PRO A 60 20.21 -5.17 13.98
C PRO A 60 19.18 -6.14 13.41
N PRO A 61 18.61 -7.03 14.24
CA PRO A 61 17.59 -7.96 13.83
C PRO A 61 16.25 -7.22 13.67
N LYS A 62 15.66 -7.30 12.49
CA LYS A 62 14.36 -6.66 12.21
C LYS A 62 13.68 -7.38 11.04
N GLY A 63 12.34 -7.33 11.01
CA GLY A 63 11.58 -7.99 9.96
C GLY A 63 10.08 -7.74 10.10
N TYR A 64 9.33 -8.13 9.06
CA TYR A 64 7.89 -7.96 8.97
C TYR A 64 7.34 -9.16 8.20
N VAL A 65 6.06 -9.50 8.37
CA VAL A 65 5.49 -10.74 7.80
C VAL A 65 4.23 -10.46 6.99
N TYR A 66 3.98 -11.26 5.95
CA TYR A 66 2.87 -10.99 5.04
C TYR A 66 1.82 -12.10 5.09
N LEU A 67 0.59 -11.80 4.67
CA LEU A 67 -0.48 -12.79 4.70
C LEU A 67 -1.47 -12.62 3.55
N VAL A 68 -1.97 -13.77 3.05
CA VAL A 68 -2.97 -13.83 2.01
C VAL A 68 -3.88 -15.04 2.24
N PHE A 69 -5.17 -14.89 1.97
CA PHE A 69 -6.16 -15.96 2.10
C PHE A 69 -7.41 -15.61 1.29
N GLU A 70 -8.53 -16.28 1.56
CA GLU A 70 -9.75 -16.13 0.78
C GLU A 70 -10.91 -15.53 1.60
N LEU A 71 -10.64 -15.04 2.81
CA LEU A 71 -11.69 -14.60 3.71
C LEU A 71 -11.80 -13.09 3.82
N GLU A 72 -12.93 -12.54 3.34
CA GLU A 72 -13.22 -11.13 3.50
C GLU A 72 -13.73 -10.91 4.92
N LYS A 73 -14.43 -11.92 5.44
CA LYS A 73 -15.02 -11.88 6.77
C LYS A 73 -13.95 -11.98 7.85
N SER A 74 -12.78 -12.56 7.52
CA SER A 74 -11.68 -12.63 8.46
C SER A 74 -10.99 -11.27 8.49
N VAL A 75 -10.74 -10.68 7.31
CA VAL A 75 -10.18 -9.35 7.22
C VAL A 75 -11.09 -8.37 7.96
N ARG A 76 -12.41 -8.49 7.77
CA ARG A 76 -13.35 -7.60 8.43
C ARG A 76 -13.36 -7.83 9.94
N SER A 77 -12.95 -9.01 10.41
CA SER A 77 -12.89 -9.28 11.83
C SER A 77 -11.87 -8.38 12.51
N LEU A 78 -10.62 -8.35 12.03
CA LEU A 78 -9.61 -7.49 12.64
C LEU A 78 -9.72 -6.04 12.17
N LEU A 79 -10.52 -5.77 11.14
CA LEU A 79 -10.85 -4.39 10.76
C LEU A 79 -11.93 -3.86 11.71
N GLN A 80 -12.54 -4.74 12.51
CA GLN A 80 -13.53 -4.34 13.51
C GLN A 80 -13.19 -4.86 14.92
N ALA A 81 -12.00 -5.46 15.10
CA ALA A 81 -11.61 -5.96 16.41
C ALA A 81 -10.26 -5.42 16.87
N CYS A 82 -9.31 -5.19 15.96
CA CYS A 82 -8.05 -4.56 16.37
C CYS A 82 -8.27 -3.08 16.73
N SER A 83 -7.30 -2.51 17.47
CA SER A 83 -7.38 -1.16 18.00
C SER A 83 -7.00 -0.11 16.95
N HIS A 84 -6.73 1.12 17.41
CA HIS A 84 -6.43 2.28 16.58
C HIS A 84 -7.64 2.72 15.74
N ASP A 85 -7.43 3.29 14.56
CA ASP A 85 -8.52 3.94 13.82
C ASP A 85 -8.77 3.33 12.45
N PRO A 86 -10.02 2.91 12.19
CA PRO A 86 -10.38 2.22 10.96
C PRO A 86 -10.33 3.16 9.75
N LEU A 87 -10.70 4.43 9.94
CA LEU A 87 -10.62 5.42 8.87
C LEU A 87 -10.69 6.84 9.43
N SER A 88 -10.19 7.80 8.64
CA SER A 88 -10.28 9.22 8.94
C SER A 88 -10.32 10.02 7.63
N PRO A 89 -10.86 11.25 7.65
CA PRO A 89 -10.88 12.13 6.50
C PRO A 89 -9.48 12.44 5.97
N ASP A 90 -8.44 12.12 6.76
CA ASP A 90 -7.06 12.38 6.42
C ASP A 90 -6.44 11.21 5.64
N GLY A 91 -7.25 10.21 5.28
CA GLY A 91 -6.77 9.05 4.52
C GLY A 91 -6.17 7.96 5.42
N LEU A 92 -6.30 8.11 6.74
CA LEU A 92 -5.78 7.13 7.68
C LEU A 92 -6.58 5.82 7.58
N SER A 93 -5.89 4.69 7.76
CA SER A 93 -6.49 3.36 7.78
C SER A 93 -5.50 2.39 8.43
N GLU A 94 -5.43 2.37 9.76
CA GLU A 94 -4.45 1.55 10.46
C GLU A 94 -5.01 0.91 11.72
N TYR A 95 -4.56 -0.31 12.01
CA TYR A 95 -4.98 -1.07 13.18
C TYR A 95 -3.78 -1.58 13.96
N TYR A 96 -3.91 -1.69 15.28
CA TYR A 96 -2.82 -2.15 16.14
C TYR A 96 -3.30 -3.16 17.17
N PHE A 97 -2.35 -3.99 17.64
CA PHE A 97 -2.55 -5.00 18.67
C PHE A 97 -1.16 -5.35 19.24
N LYS A 98 -1.00 -6.47 19.94
CA LYS A 98 0.32 -6.93 20.34
C LYS A 98 0.38 -8.46 20.32
N MET A 99 1.59 -8.99 20.13
CA MET A 99 1.82 -10.42 19.98
C MET A 99 2.70 -10.98 21.10
N SER A 100 3.20 -10.11 21.98
CA SER A 100 4.05 -10.51 23.10
C SER A 100 3.86 -9.57 24.28
N SER A 101 4.17 -10.07 25.48
CA SER A 101 4.09 -9.29 26.71
C SER A 101 5.14 -9.76 27.72
N ARG A 102 5.99 -10.70 27.32
CA ARG A 102 7.01 -11.28 28.20
C ARG A 102 8.42 -10.90 27.76
N ARG A 103 8.57 -10.41 26.53
CA ARG A 103 9.86 -9.98 25.99
C ARG A 103 9.83 -8.50 25.61
N MET A 104 8.64 -7.89 25.63
CA MET A 104 8.43 -6.47 25.38
C MET A 104 7.28 -5.97 26.26
N ARG A 105 7.34 -4.69 26.64
CA ARG A 105 6.34 -4.06 27.50
C ARG A 105 5.95 -2.68 26.96
N CYS A 106 6.44 -2.33 25.76
CA CYS A 106 6.20 -1.03 25.15
C CYS A 106 6.05 -1.14 23.63
N LYS A 107 5.66 -2.32 23.14
CA LYS A 107 5.52 -2.58 21.71
C LYS A 107 4.14 -3.11 21.36
N GLU A 108 3.78 -2.90 20.09
CA GLU A 108 2.54 -3.32 19.50
C GLU A 108 2.78 -3.70 18.04
N VAL A 109 1.96 -4.61 17.51
CA VAL A 109 2.00 -5.00 16.12
C VAL A 109 0.99 -4.16 15.34
N GLN A 110 1.13 -4.12 14.02
CA GLN A 110 0.26 -3.31 13.18
C GLN A 110 -0.20 -4.12 11.97
N VAL A 111 -1.45 -3.93 11.54
CA VAL A 111 -1.99 -4.60 10.37
C VAL A 111 -2.72 -3.60 9.48
N ILE A 112 -2.60 -3.80 8.15
CA ILE A 112 -3.19 -2.91 7.17
C ILE A 112 -3.74 -3.76 6.00
N PRO A 113 -5.02 -3.59 5.66
CA PRO A 113 -5.69 -4.29 4.58
C PRO A 113 -5.51 -3.57 3.24
N TRP A 114 -6.15 -4.09 2.18
CA TRP A 114 -6.23 -3.38 0.90
C TRP A 114 -7.67 -3.26 0.42
N VAL A 115 -7.98 -2.19 -0.30
CA VAL A 115 -9.34 -1.88 -0.75
C VAL A 115 -9.56 -2.48 -2.14
N LEU A 116 -10.79 -2.92 -2.42
CA LEU A 116 -11.14 -3.52 -3.70
C LEU A 116 -11.57 -2.46 -4.72
N ALA A 117 -11.72 -2.88 -5.98
CA ALA A 117 -12.07 -1.99 -7.09
C ALA A 117 -11.12 -0.79 -7.21
N ASP A 118 -9.92 -0.91 -6.64
CA ASP A 118 -8.91 0.12 -6.68
C ASP A 118 -7.78 -0.33 -7.63
N SER A 119 -6.55 0.16 -7.41
CA SER A 119 -5.39 -0.14 -8.26
C SER A 119 -5.58 0.32 -9.70
N ASN A 120 -6.66 1.05 -10.00
CA ASN A 120 -6.96 1.56 -11.32
C ASN A 120 -7.93 2.74 -11.20
N PHE A 121 -7.41 3.97 -11.19
CA PHE A 121 -8.23 5.16 -11.04
C PHE A 121 -7.45 6.40 -11.47
N VAL A 122 -8.16 7.44 -11.93
CA VAL A 122 -7.57 8.76 -12.15
C VAL A 122 -8.66 9.83 -12.22
N ARG A 123 -8.27 11.09 -11.98
CA ARG A 123 -9.18 12.22 -11.93
C ARG A 123 -9.42 12.83 -13.31
N SER A 124 -9.08 12.10 -14.37
CA SER A 124 -9.21 12.57 -15.74
C SER A 124 -9.97 11.54 -16.59
N PRO A 125 -10.68 11.97 -17.63
CA PRO A 125 -11.43 11.09 -18.51
C PRO A 125 -10.52 10.06 -19.17
N SER A 126 -10.92 8.79 -19.13
CA SER A 126 -10.19 7.70 -19.76
C SER A 126 -11.10 6.48 -19.93
N GLN A 127 -10.85 5.69 -20.98
CA GLN A 127 -11.59 4.46 -21.24
C GLN A 127 -10.66 3.38 -21.78
N ARG A 128 -9.52 3.77 -22.35
CA ARG A 128 -8.53 2.85 -22.89
C ARG A 128 -7.18 3.56 -22.95
N LEU A 129 -6.08 2.81 -22.85
CA LEU A 129 -4.74 3.37 -22.93
C LEU A 129 -4.22 3.29 -24.36
N ASP A 130 -3.52 4.34 -24.80
CA ASP A 130 -2.96 4.41 -26.14
C ASP A 130 -1.79 5.40 -26.24
N PRO A 131 -1.91 6.63 -25.70
CA PRO A 131 -0.86 7.61 -25.83
C PRO A 131 0.31 7.29 -24.90
N SER A 132 1.50 7.72 -25.29
CA SER A 132 2.73 7.53 -24.55
C SER A 132 2.89 6.07 -24.11
N ARG A 133 3.43 5.87 -22.91
CA ARG A 133 3.67 4.55 -22.33
C ARG A 133 3.37 4.59 -20.83
N THR A 134 3.48 3.44 -20.18
CA THR A 134 3.21 3.31 -18.76
C THR A 134 4.47 2.79 -18.08
N VAL A 135 4.61 3.05 -16.78
CA VAL A 135 5.85 2.73 -16.10
C VAL A 135 5.59 2.48 -14.61
N PHE A 136 6.48 1.76 -13.93
CA PHE A 136 6.27 1.50 -12.51
C PHE A 136 7.14 2.44 -11.68
N VAL A 137 6.68 2.76 -10.48
CA VAL A 137 7.35 3.72 -9.63
C VAL A 137 7.41 3.24 -8.19
N GLY A 138 8.45 3.69 -7.49
CA GLY A 138 8.59 3.53 -6.06
C GLY A 138 8.04 4.77 -5.38
N ALA A 139 7.60 4.62 -4.13
CA ALA A 139 6.98 5.68 -3.38
C ALA A 139 7.39 5.61 -1.90
N LEU A 140 8.61 5.13 -1.65
CA LEU A 140 9.18 4.84 -0.34
C LEU A 140 8.29 3.95 0.54
N HIS A 141 7.20 3.45 -0.03
CA HIS A 141 6.29 2.49 0.57
C HIS A 141 5.75 1.59 -0.54
N GLY A 142 5.47 0.33 -0.22
CA GLY A 142 4.95 -0.63 -1.19
C GLY A 142 3.42 -0.61 -1.27
N MET A 143 2.78 0.29 -0.52
CA MET A 143 1.34 0.34 -0.44
C MET A 143 0.88 1.79 -0.30
N LEU A 144 -0.14 2.15 -1.06
CA LEU A 144 -0.72 3.49 -1.13
C LEU A 144 -2.06 3.38 -1.86
N ASN A 145 -2.73 4.50 -2.14
CA ASN A 145 -4.01 4.47 -2.83
C ASN A 145 -3.96 5.22 -4.17
N ALA A 146 -4.73 4.73 -5.15
CA ALA A 146 -4.72 5.29 -6.49
C ALA A 146 -5.42 6.64 -6.56
N GLU A 147 -6.32 6.93 -5.63
CA GLU A 147 -7.04 8.20 -5.63
C GLU A 147 -6.05 9.31 -5.29
N ALA A 148 -5.09 9.02 -4.40
CA ALA A 148 -4.08 9.98 -4.01
C ALA A 148 -3.02 10.11 -5.10
N LEU A 149 -2.77 9.04 -5.87
CA LEU A 149 -1.77 9.09 -6.92
C LEU A 149 -2.23 10.02 -8.04
N ALA A 150 -3.51 9.94 -8.39
CA ALA A 150 -4.11 10.81 -9.39
C ALA A 150 -4.14 12.27 -8.92
N ALA A 151 -4.31 12.48 -7.60
CA ALA A 151 -4.41 13.83 -7.05
C ALA A 151 -3.06 14.53 -7.04
N ILE A 152 -2.01 13.84 -6.57
CA ILE A 152 -0.71 14.47 -6.45
C ILE A 152 -0.12 14.77 -7.82
N LEU A 153 -0.38 13.92 -8.82
CA LEU A 153 0.14 14.15 -10.15
C LEU A 153 -0.65 15.26 -10.86
N ASN A 154 -1.90 15.49 -10.47
CA ASN A 154 -2.70 16.54 -11.08
C ASN A 154 -2.19 17.92 -10.67
N ASP A 155 -1.58 18.02 -9.47
CA ASP A 155 -1.02 19.28 -9.00
C ASP A 155 0.49 19.38 -9.25
N LEU A 156 1.18 18.24 -9.36
CA LEU A 156 2.62 18.19 -9.48
C LEU A 156 3.09 18.60 -10.88
N PHE A 157 2.37 18.21 -11.93
CA PHE A 157 2.70 18.60 -13.29
C PHE A 157 1.51 18.42 -14.24
N GLY A 158 0.56 17.54 -13.90
CA GLY A 158 -0.59 17.25 -14.74
C GLY A 158 -0.20 16.38 -15.94
N GLY A 159 -1.13 16.22 -16.88
CA GLY A 159 -0.91 15.46 -18.10
C GLY A 159 -1.14 13.95 -17.92
N VAL A 160 -1.49 13.52 -16.71
CA VAL A 160 -1.76 12.11 -16.43
C VAL A 160 -3.14 11.71 -16.96
N VAL A 161 -3.28 10.45 -17.40
CA VAL A 161 -4.53 9.90 -17.89
C VAL A 161 -4.89 8.61 -17.16
N TYR A 162 -3.94 8.04 -16.41
CA TYR A 162 -4.19 6.87 -15.58
C TYR A 162 -3.17 6.77 -14.47
N ALA A 163 -3.60 6.30 -13.29
CA ALA A 163 -2.72 6.06 -12.17
C ALA A 163 -3.22 4.83 -11.41
N GLY A 164 -2.39 4.28 -10.53
CA GLY A 164 -2.79 3.15 -9.71
C GLY A 164 -1.68 2.71 -8.77
N ILE A 165 -2.07 2.12 -7.65
CA ILE A 165 -1.13 1.56 -6.68
C ILE A 165 -1.44 0.08 -6.52
N ASP A 166 -0.40 -0.71 -6.27
CA ASP A 166 -0.54 -2.15 -6.20
C ASP A 166 -0.14 -2.64 -4.82
N THR A 167 -1.09 -3.25 -4.11
CA THR A 167 -0.89 -3.86 -2.80
C THR A 167 -1.93 -4.96 -2.56
N ASP A 168 -2.24 -5.71 -3.63
CA ASP A 168 -3.23 -6.78 -3.65
C ASP A 168 -2.55 -8.13 -3.88
N LYS A 169 -3.34 -9.22 -3.94
CA LYS A 169 -2.81 -10.54 -4.24
C LYS A 169 -3.86 -11.43 -4.93
N HIS A 170 -4.93 -10.85 -5.49
CA HIS A 170 -5.99 -11.63 -6.10
C HIS A 170 -6.34 -11.16 -7.51
N LYS A 171 -6.17 -9.86 -7.78
CA LYS A 171 -6.39 -9.26 -9.08
C LYS A 171 -5.26 -8.30 -9.45
N TYR A 172 -4.43 -7.92 -8.46
CA TYR A 172 -3.31 -7.01 -8.64
C TYR A 172 -2.15 -7.47 -7.76
N PRO A 173 -0.93 -6.95 -7.99
CA PRO A 173 0.28 -7.30 -7.27
C PRO A 173 0.48 -6.36 -6.08
N ILE A 174 1.65 -6.42 -5.44
CA ILE A 174 2.00 -5.53 -4.32
C ILE A 174 3.41 -5.01 -4.42
N GLY A 175 3.68 -3.86 -3.77
CA GLY A 175 5.00 -3.26 -3.69
C GLY A 175 5.25 -2.29 -4.85
N SER A 176 4.19 -1.87 -5.56
CA SER A 176 4.39 -1.09 -6.78
C SER A 176 3.32 -0.02 -7.00
N GLY A 177 3.62 0.91 -7.91
CA GLY A 177 2.64 1.86 -8.42
C GLY A 177 2.90 2.09 -9.91
N ARG A 178 1.86 2.38 -10.69
CA ARG A 178 1.96 2.62 -12.12
C ARG A 178 1.30 3.93 -12.51
N VAL A 179 1.78 4.56 -13.58
CA VAL A 179 1.21 5.82 -14.08
C VAL A 179 1.36 5.92 -15.59
N THR A 180 0.46 6.67 -16.24
CA THR A 180 0.46 6.89 -17.69
C THR A 180 0.06 8.33 -18.01
N PHE A 181 0.66 8.89 -19.06
CA PHE A 181 0.48 10.28 -19.48
C PHE A 181 -0.03 10.35 -20.92
N ASN A 182 -0.43 11.54 -21.38
CA ASN A 182 -0.90 11.74 -22.74
C ASN A 182 0.18 12.33 -23.65
N ASN A 183 1.33 12.70 -23.08
CA ASN A 183 2.42 13.30 -23.83
C ASN A 183 3.75 12.82 -23.25
N GLN A 184 4.82 12.88 -24.05
CA GLN A 184 6.13 12.39 -23.63
C GLN A 184 6.83 13.43 -22.75
N ARG A 185 6.55 14.73 -22.97
CA ARG A 185 7.20 15.78 -22.21
C ARG A 185 6.76 15.74 -20.75
N SER A 186 5.46 15.50 -20.52
CA SER A 186 4.93 15.43 -19.16
C SER A 186 5.25 14.08 -18.54
N TYR A 187 5.54 13.07 -19.37
CA TYR A 187 5.87 11.74 -18.89
C TYR A 187 7.15 11.76 -18.07
N LEU A 188 8.28 12.24 -18.63
CA LEU A 188 9.53 12.15 -17.89
C LEU A 188 9.76 13.34 -16.95
N LYS A 189 9.10 14.48 -17.18
CA LYS A 189 9.29 15.61 -16.27
C LYS A 189 8.66 15.32 -14.92
N ALA A 190 7.48 14.70 -14.92
CA ALA A 190 6.77 14.47 -13.67
C ALA A 190 7.30 13.24 -12.94
N VAL A 191 7.44 12.11 -13.62
CA VAL A 191 7.72 10.85 -12.95
C VAL A 191 9.23 10.64 -12.76
N SER A 192 10.04 11.46 -13.42
CA SER A 192 11.48 11.26 -13.40
C SER A 192 12.25 12.52 -13.01
N ALA A 193 11.57 13.66 -12.83
CA ALA A 193 12.23 14.89 -12.43
C ALA A 193 11.50 15.58 -11.28
N ALA A 194 10.38 15.03 -10.81
CA ALA A 194 9.77 15.58 -9.61
C ALA A 194 10.58 15.18 -8.38
N PHE A 195 10.97 16.19 -7.60
CA PHE A 195 11.71 16.01 -6.36
C PHE A 195 10.82 16.28 -5.14
N VAL A 196 9.50 16.27 -5.36
CA VAL A 196 8.53 16.62 -4.34
C VAL A 196 8.53 15.62 -3.19
N GLU A 197 8.21 16.12 -1.99
CA GLU A 197 7.99 15.29 -0.80
C GLU A 197 6.58 15.59 -0.30
N ILE A 198 5.86 14.56 0.10
CA ILE A 198 4.44 14.66 0.40
C ILE A 198 4.13 14.00 1.74
N LYS A 199 3.10 14.51 2.43
CA LYS A 199 2.60 13.95 3.67
C LYS A 199 1.07 13.95 3.68
N THR A 200 0.48 13.01 4.43
CA THR A 200 -0.96 12.84 4.53
C THR A 200 -1.45 12.87 5.96
N THR A 201 -1.10 11.84 6.73
CA THR A 201 -1.55 11.64 8.10
C THR A 201 -0.40 11.02 8.91
N LYS A 202 0.69 11.80 9.00
CA LYS A 202 1.92 11.38 9.67
C LYS A 202 2.56 10.22 8.90
N PHE A 203 2.47 10.32 7.58
CA PHE A 203 3.00 9.36 6.61
C PHE A 203 3.63 10.17 5.49
N THR A 204 4.60 9.60 4.77
CA THR A 204 5.31 10.31 3.72
C THR A 204 5.21 9.60 2.37
N LYS A 205 5.35 10.37 1.30
CA LYS A 205 5.41 9.84 -0.06
C LYS A 205 6.39 10.62 -0.92
N LYS A 206 7.01 9.93 -1.87
CA LYS A 206 7.85 10.49 -2.92
C LYS A 206 7.56 9.72 -4.22
N VAL A 207 8.30 10.01 -5.29
CA VAL A 207 8.13 9.27 -6.55
C VAL A 207 9.48 9.12 -7.26
N GLN A 208 9.69 7.95 -7.88
CA GLN A 208 10.86 7.68 -8.71
C GLN A 208 10.51 6.68 -9.80
N ILE A 209 11.06 6.86 -11.01
CA ILE A 209 10.77 6.01 -12.16
C ILE A 209 11.62 4.73 -12.19
N ASP A 210 11.02 3.64 -12.65
CA ASP A 210 11.72 2.38 -12.91
C ASP A 210 11.06 1.70 -14.13
N PRO A 211 11.87 1.16 -15.06
CA PRO A 211 11.39 0.61 -16.31
C PRO A 211 10.60 -0.68 -16.10
N TYR A 212 9.36 -0.71 -16.60
CA TYR A 212 8.47 -1.84 -16.45
C TYR A 212 8.68 -2.87 -17.56
N LEU A 213 8.03 -4.03 -17.46
CA LEU A 213 8.17 -5.12 -18.41
C LEU A 213 7.62 -4.73 -19.78
N MET A 1 8.34 23.97 -4.69
CA MET A 1 6.91 23.62 -4.61
C MET A 1 6.70 22.49 -3.59
N THR A 2 6.06 22.81 -2.46
CA THR A 2 5.79 21.86 -1.39
C THR A 2 4.46 22.17 -0.69
N TRP A 3 3.75 21.13 -0.28
CA TRP A 3 2.52 21.25 0.52
C TRP A 3 2.17 19.90 1.14
N SER A 4 1.27 19.91 2.13
CA SER A 4 0.84 18.68 2.82
C SER A 4 -0.54 18.85 3.43
N GLY A 5 -1.22 17.73 3.68
CA GLY A 5 -2.50 17.70 4.38
C GLY A 5 -3.68 18.19 3.55
N GLN A 6 -3.49 18.38 2.24
CA GLN A 6 -4.55 18.88 1.37
C GLN A 6 -5.18 17.79 0.51
N LEU A 7 -5.02 16.52 0.90
CA LEU A 7 -5.56 15.41 0.13
C LEU A 7 -7.08 15.39 0.24
N PRO A 8 -7.79 14.84 -0.77
CA PRO A 8 -9.24 14.77 -0.78
C PRO A 8 -9.79 13.97 0.39
N PRO A 9 -10.93 14.40 0.96
CA PRO A 9 -11.59 13.72 2.06
C PRO A 9 -12.42 12.54 1.59
N ARG A 10 -12.41 12.25 0.27
CA ARG A 10 -13.24 11.21 -0.31
C ARG A 10 -12.82 9.84 0.21
N ASN A 11 -13.78 8.90 0.21
CA ASN A 11 -13.55 7.54 0.66
C ASN A 11 -14.51 6.58 -0.07
N TYR A 12 -14.17 5.29 -0.06
CA TYR A 12 -14.95 4.29 -0.76
C TYR A 12 -16.25 4.02 -0.01
N LYS A 13 -17.32 3.64 -0.73
CA LYS A 13 -18.64 3.42 -0.17
C LYS A 13 -18.97 1.93 -0.17
N ASN A 14 -19.73 1.49 0.84
CA ASN A 14 -20.09 0.08 1.02
C ASN A 14 -18.85 -0.82 0.85
N PRO A 15 -17.81 -0.60 1.67
CA PRO A 15 -16.53 -1.28 1.54
C PRO A 15 -16.62 -2.75 1.88
N ILE A 16 -15.72 -3.51 1.26
CA ILE A 16 -15.60 -4.95 1.42
C ILE A 16 -14.10 -5.27 1.41
N TYR A 17 -13.65 -6.18 2.27
CA TYR A 17 -12.22 -6.46 2.41
C TYR A 17 -11.83 -7.70 1.64
N SER A 18 -10.59 -7.71 1.14
CA SER A 18 -10.05 -8.78 0.32
C SER A 18 -9.21 -9.72 1.17
N CYS A 19 -8.78 -10.83 0.58
CA CYS A 19 -7.96 -11.83 1.23
C CYS A 19 -6.56 -11.31 1.55
N LYS A 20 -6.20 -10.13 1.02
CA LYS A 20 -4.88 -9.56 1.21
C LYS A 20 -4.83 -8.69 2.46
N VAL A 21 -3.78 -8.86 3.25
CA VAL A 21 -3.55 -8.13 4.49
C VAL A 21 -2.06 -8.05 4.79
N PHE A 22 -1.66 -7.00 5.52
CA PHE A 22 -0.28 -6.78 5.94
C PHE A 22 -0.21 -6.60 7.46
N LEU A 23 0.86 -7.12 8.05
CA LEU A 23 1.19 -6.91 9.44
C LEU A 23 2.70 -6.69 9.54
N GLY A 24 3.11 -5.63 10.26
CA GLY A 24 4.52 -5.32 10.41
C GLY A 24 4.81 -4.85 11.83
N GLY A 25 5.95 -5.26 12.37
CA GLY A 25 6.31 -4.93 13.75
C GLY A 25 7.03 -6.08 14.46
N VAL A 26 7.52 -7.08 13.70
CA VAL A 26 8.12 -8.28 14.27
C VAL A 26 9.55 -8.52 13.77
N PRO A 27 10.49 -7.64 14.13
CA PRO A 27 11.91 -7.80 13.85
C PRO A 27 12.53 -8.82 14.80
N TRP A 28 11.72 -9.38 15.71
CA TRP A 28 12.14 -10.30 16.75
C TRP A 28 12.49 -11.68 16.17
N ASP A 29 12.85 -12.60 17.06
CA ASP A 29 13.26 -13.95 16.71
C ASP A 29 12.11 -14.78 16.13
N ILE A 30 10.89 -14.23 16.11
CA ILE A 30 9.73 -14.93 15.57
C ILE A 30 9.74 -14.82 14.05
N THR A 31 9.19 -15.86 13.37
CA THR A 31 9.00 -15.82 11.94
C THR A 31 7.86 -16.76 11.57
N GLU A 32 6.96 -16.30 10.70
CA GLU A 32 5.75 -17.02 10.26
C GLU A 32 4.82 -17.42 11.42
N ALA A 33 5.28 -17.35 12.66
CA ALA A 33 4.51 -17.76 13.82
C ALA A 33 3.57 -16.64 14.26
N GLY A 34 3.91 -15.39 13.92
CA GLY A 34 3.08 -14.25 14.29
C GLY A 34 1.77 -14.28 13.50
N LEU A 35 1.87 -14.55 12.19
CA LEU A 35 0.70 -14.57 11.34
C LEU A 35 -0.10 -15.86 11.53
N VAL A 36 0.54 -16.97 11.90
CA VAL A 36 -0.20 -18.22 12.05
C VAL A 36 -0.95 -18.26 13.38
N ASN A 37 -0.57 -17.39 14.34
CA ASN A 37 -1.25 -17.33 15.62
C ASN A 37 -2.35 -16.29 15.65
N THR A 38 -2.29 -15.26 14.78
CA THR A 38 -3.36 -14.26 14.69
C THR A 38 -4.33 -14.60 13.56
N PHE A 39 -4.05 -15.67 12.80
CA PHE A 39 -4.92 -16.21 11.77
C PHE A 39 -5.01 -17.72 11.91
N ARG A 40 -4.99 -18.22 13.15
CA ARG A 40 -4.98 -19.65 13.43
C ARG A 40 -6.26 -20.36 12.99
N VAL A 41 -7.30 -19.59 12.66
CA VAL A 41 -8.58 -20.14 12.23
C VAL A 41 -8.49 -20.68 10.80
N PHE A 42 -9.26 -21.74 10.53
CA PHE A 42 -9.38 -22.43 9.24
C PHE A 42 -8.08 -23.02 8.67
N GLY A 43 -6.91 -22.46 8.98
CA GLY A 43 -5.62 -22.98 8.54
C GLY A 43 -5.44 -22.90 7.02
N SER A 44 -6.28 -22.13 6.31
CA SER A 44 -6.25 -22.04 4.86
C SER A 44 -5.42 -20.84 4.37
N LEU A 45 -4.51 -20.35 5.22
CA LEU A 45 -3.68 -19.19 4.91
C LEU A 45 -2.41 -19.60 4.17
N SER A 46 -1.70 -18.59 3.64
CA SER A 46 -0.37 -18.77 3.10
C SER A 46 0.50 -17.57 3.47
N VAL A 47 1.80 -17.83 3.67
CA VAL A 47 2.78 -16.80 3.98
C VAL A 47 3.23 -16.12 2.70
N GLU A 48 3.58 -14.84 2.77
CA GLU A 48 4.06 -14.11 1.60
C GLU A 48 5.15 -13.11 1.96
N TRP A 49 6.09 -12.93 1.03
CA TRP A 49 7.16 -11.95 1.10
C TRP A 49 7.55 -11.58 -0.34
N PRO A 50 8.16 -10.41 -0.57
CA PRO A 50 8.44 -9.92 -1.91
C PRO A 50 9.67 -10.60 -2.52
N GLY A 51 10.10 -10.14 -3.69
CA GLY A 51 11.21 -10.70 -4.44
C GLY A 51 12.57 -10.53 -3.76
N LYS A 52 12.59 -10.22 -2.46
CA LYS A 52 13.81 -10.04 -1.68
C LYS A 52 14.32 -11.37 -1.14
N ASP A 53 13.85 -12.48 -1.70
CA ASP A 53 14.21 -13.83 -1.28
C ASP A 53 15.71 -14.08 -1.49
N GLY A 54 16.27 -15.04 -0.74
CA GLY A 54 17.68 -15.38 -0.82
C GLY A 54 18.03 -16.54 0.10
N LYS A 55 19.32 -16.84 0.23
CA LYS A 55 19.81 -17.92 1.07
C LYS A 55 19.94 -17.49 2.53
N HIS A 56 19.73 -16.19 2.81
CA HIS A 56 19.80 -15.66 4.16
C HIS A 56 18.69 -16.27 5.02
N PRO A 57 18.95 -16.50 6.32
CA PRO A 57 17.98 -17.07 7.25
C PRO A 57 16.65 -16.30 7.28
N ARG A 58 15.60 -16.97 7.74
CA ARG A 58 14.25 -16.42 7.79
C ARG A 58 14.01 -15.61 9.08
N CYS A 59 15.09 -15.32 9.83
CA CYS A 59 15.02 -14.56 11.07
C CYS A 59 15.99 -13.38 11.03
N PRO A 60 15.86 -12.47 10.06
CA PRO A 60 16.74 -11.32 9.91
C PRO A 60 16.52 -10.32 11.05
N PRO A 61 17.50 -9.44 11.29
CA PRO A 61 17.44 -8.43 12.34
C PRO A 61 16.29 -7.43 12.16
N LYS A 62 15.68 -7.39 10.97
CA LYS A 62 14.55 -6.50 10.68
C LYS A 62 13.67 -7.13 9.61
N GLY A 63 12.35 -6.94 9.72
CA GLY A 63 11.42 -7.48 8.73
C GLY A 63 9.97 -7.23 9.10
N TYR A 64 9.08 -7.52 8.15
CA TYR A 64 7.64 -7.36 8.24
C TYR A 64 7.02 -8.50 7.40
N VAL A 65 5.75 -8.85 7.59
CA VAL A 65 5.19 -10.07 6.98
C VAL A 65 3.86 -9.82 6.26
N TYR A 66 3.56 -10.67 5.26
CA TYR A 66 2.33 -10.59 4.50
C TYR A 66 1.53 -11.89 4.59
N LEU A 67 0.26 -11.84 4.17
CA LEU A 67 -0.64 -12.99 4.27
C LEU A 67 -1.78 -12.90 3.26
N VAL A 68 -2.23 -14.05 2.75
CA VAL A 68 -3.26 -14.13 1.72
C VAL A 68 -4.12 -15.38 1.96
N PHE A 69 -5.10 -15.62 1.07
CA PHE A 69 -6.03 -16.75 1.04
C PHE A 69 -7.27 -16.60 1.92
N GLU A 70 -7.95 -17.72 2.20
CA GLU A 70 -9.29 -17.82 2.77
C GLU A 70 -9.52 -17.11 4.11
N LEU A 71 -8.47 -16.48 4.67
CA LEU A 71 -8.57 -15.80 5.95
C LEU A 71 -9.25 -14.43 5.80
N GLU A 72 -9.84 -14.14 4.65
CA GLU A 72 -10.53 -12.87 4.40
C GLU A 72 -11.55 -12.58 5.50
N LYS A 73 -12.22 -13.61 6.01
CA LYS A 73 -13.23 -13.44 7.05
C LYS A 73 -12.59 -13.24 8.42
N SER A 74 -11.33 -13.67 8.58
CA SER A 74 -10.59 -13.48 9.81
C SER A 74 -9.90 -12.12 9.82
N VAL A 75 -9.61 -11.58 8.62
CA VAL A 75 -9.07 -10.23 8.51
C VAL A 75 -10.10 -9.25 9.03
N ARG A 76 -11.38 -9.45 8.66
CA ARG A 76 -12.45 -8.59 9.12
C ARG A 76 -12.70 -8.79 10.62
N SER A 77 -12.54 -10.04 11.10
CA SER A 77 -12.78 -10.35 12.50
C SER A 77 -11.72 -9.69 13.39
N LEU A 78 -10.46 -9.64 12.94
CA LEU A 78 -9.43 -9.03 13.77
C LEU A 78 -9.39 -7.52 13.55
N LEU A 79 -9.88 -7.01 12.41
CA LEU A 79 -10.00 -5.57 12.23
C LEU A 79 -11.10 -5.04 13.17
N GLN A 80 -11.95 -5.93 13.68
CA GLN A 80 -12.95 -5.58 14.67
C GLN A 80 -12.43 -5.87 16.09
N ALA A 81 -11.42 -6.73 16.23
CA ALA A 81 -10.87 -7.08 17.53
C ALA A 81 -9.62 -6.27 17.91
N CYS A 82 -9.00 -5.57 16.95
CA CYS A 82 -7.87 -4.71 17.23
C CYS A 82 -8.06 -3.35 16.53
N SER A 83 -7.32 -2.33 16.95
CA SER A 83 -7.56 -0.97 16.46
C SER A 83 -6.45 0.00 16.88
N HIS A 84 -6.48 1.21 16.31
CA HIS A 84 -5.59 2.30 16.70
C HIS A 84 -6.14 3.64 16.25
N ASP A 85 -6.61 3.71 14.99
CA ASP A 85 -7.15 4.94 14.43
C ASP A 85 -8.10 4.58 13.27
N PRO A 86 -9.41 4.68 13.49
CA PRO A 86 -10.42 4.16 12.58
C PRO A 86 -10.52 4.93 11.26
N LEU A 87 -9.96 6.14 11.17
CA LEU A 87 -10.03 6.91 9.94
C LEU A 87 -8.93 7.97 9.85
N SER A 88 -8.76 8.50 8.64
CA SER A 88 -7.79 9.53 8.34
C SER A 88 -8.36 10.49 7.29
N PRO A 89 -7.90 11.75 7.25
CA PRO A 89 -8.33 12.72 6.25
C PRO A 89 -8.10 12.26 4.81
N ASP A 90 -7.34 11.17 4.61
CA ASP A 90 -7.06 10.62 3.28
C ASP A 90 -7.97 9.42 2.98
N GLY A 91 -8.99 9.18 3.82
CA GLY A 91 -10.03 8.18 3.57
C GLY A 91 -9.65 6.76 3.97
N LEU A 92 -8.47 6.55 4.57
CA LEU A 92 -8.05 5.22 5.01
C LEU A 92 -8.40 4.97 6.47
N SER A 93 -8.10 3.75 6.94
CA SER A 93 -8.27 3.31 8.30
C SER A 93 -7.01 2.57 8.76
N GLU A 94 -6.81 2.45 10.08
CA GLU A 94 -5.58 1.87 10.62
C GLU A 94 -5.86 1.13 11.92
N TYR A 95 -5.13 0.03 12.16
CA TYR A 95 -5.36 -0.83 13.32
C TYR A 95 -4.02 -1.33 13.88
N TYR A 96 -3.98 -1.67 15.17
CA TYR A 96 -2.78 -2.21 15.81
C TYR A 96 -3.13 -3.30 16.81
N PHE A 97 -2.18 -4.23 16.99
CA PHE A 97 -2.24 -5.33 17.94
C PHE A 97 -0.80 -5.67 18.35
N LYS A 98 -0.57 -6.72 19.16
CA LYS A 98 0.79 -7.13 19.51
C LYS A 98 0.92 -8.64 19.57
N MET A 99 2.18 -9.11 19.55
CA MET A 99 2.53 -10.51 19.56
C MET A 99 3.64 -10.76 20.58
N SER A 100 3.96 -12.03 20.84
CA SER A 100 4.98 -12.38 21.81
C SER A 100 6.37 -11.93 21.34
N SER A 101 7.22 -11.54 22.29
CA SER A 101 8.57 -11.08 22.02
C SER A 101 9.46 -11.28 23.25
N ARG A 102 10.78 -11.08 23.07
CA ARG A 102 11.74 -11.20 24.16
C ARG A 102 12.67 -9.99 24.21
N ARG A 103 12.26 -8.88 23.58
CA ARG A 103 13.09 -7.67 23.47
C ARG A 103 12.29 -6.40 23.76
N MET A 104 10.95 -6.47 23.73
CA MET A 104 10.10 -5.30 23.89
C MET A 104 8.95 -5.58 24.85
N ARG A 105 8.34 -4.51 25.37
CA ARG A 105 7.20 -4.60 26.29
C ARG A 105 6.15 -3.55 25.98
N CYS A 106 6.28 -2.83 24.86
CA CYS A 106 5.35 -1.76 24.50
C CYS A 106 5.16 -1.65 22.99
N LYS A 107 5.70 -2.62 22.24
CA LYS A 107 5.62 -2.62 20.79
C LYS A 107 4.30 -3.24 20.33
N GLU A 108 3.81 -2.76 19.19
CA GLU A 108 2.60 -3.26 18.56
C GLU A 108 2.80 -3.32 17.06
N VAL A 109 2.19 -4.28 16.39
CA VAL A 109 2.29 -4.43 14.95
C VAL A 109 1.25 -3.55 14.28
N GLN A 110 1.60 -2.95 13.16
CA GLN A 110 0.67 -2.16 12.37
C GLN A 110 -0.11 -3.13 11.49
N VAL A 111 -1.43 -2.99 11.48
CA VAL A 111 -2.31 -3.88 10.73
C VAL A 111 -3.10 -3.06 9.71
N ILE A 112 -2.99 -3.46 8.44
CA ILE A 112 -3.67 -2.80 7.35
C ILE A 112 -4.14 -3.85 6.35
N PRO A 113 -5.44 -3.87 6.02
CA PRO A 113 -6.04 -4.83 5.12
C PRO A 113 -5.99 -4.31 3.68
N TRP A 114 -6.75 -4.96 2.79
CA TRP A 114 -6.98 -4.43 1.46
C TRP A 114 -8.49 -4.38 1.21
N VAL A 115 -8.94 -3.35 0.49
CA VAL A 115 -10.37 -3.05 0.34
C VAL A 115 -10.67 -2.71 -1.12
N LEU A 116 -11.94 -2.38 -1.41
CA LEU A 116 -12.44 -1.98 -2.72
C LEU A 116 -12.12 -3.00 -3.82
N ALA A 117 -12.46 -2.66 -5.06
CA ALA A 117 -12.43 -3.64 -6.15
C ALA A 117 -11.58 -3.19 -7.35
N ASP A 118 -10.85 -2.08 -7.24
CA ASP A 118 -9.97 -1.63 -8.30
C ASP A 118 -8.78 -0.87 -7.70
N SER A 119 -7.57 -1.42 -7.87
CA SER A 119 -6.38 -0.87 -7.25
C SER A 119 -5.77 0.30 -8.03
N ASN A 120 -6.46 0.78 -9.08
CA ASN A 120 -5.99 1.93 -9.85
C ASN A 120 -7.14 2.88 -10.16
N PHE A 121 -6.84 4.19 -10.26
CA PHE A 121 -7.82 5.21 -10.50
C PHE A 121 -7.13 6.54 -10.82
N VAL A 122 -7.88 7.52 -11.35
CA VAL A 122 -7.39 8.88 -11.57
C VAL A 122 -8.57 9.84 -11.62
N ARG A 123 -8.30 11.12 -11.32
CA ARG A 123 -9.32 12.16 -11.20
C ARG A 123 -9.41 13.05 -12.45
N SER A 124 -8.62 12.76 -13.48
CA SER A 124 -8.59 13.56 -14.70
C SER A 124 -9.83 13.27 -15.56
N PRO A 125 -10.28 14.26 -16.36
CA PRO A 125 -11.37 14.08 -17.31
C PRO A 125 -11.07 13.02 -18.37
N SER A 126 -9.83 12.52 -18.40
CA SER A 126 -9.42 11.47 -19.34
C SER A 126 -8.92 10.25 -18.57
N GLN A 127 -9.07 9.07 -19.17
CA GLN A 127 -8.68 7.79 -18.59
C GLN A 127 -7.96 6.92 -19.63
N ARG A 128 -7.49 7.53 -20.72
CA ARG A 128 -6.85 6.83 -21.82
C ARG A 128 -5.49 6.27 -21.41
N LEU A 129 -5.01 5.27 -22.16
CA LEU A 129 -3.76 4.58 -21.87
C LEU A 129 -3.02 4.26 -23.17
N ASP A 130 -1.70 4.04 -23.05
CA ASP A 130 -0.86 3.63 -24.15
C ASP A 130 0.19 2.63 -23.66
N PRO A 131 0.59 1.67 -24.50
CA PRO A 131 1.52 0.60 -24.15
C PRO A 131 2.96 1.09 -24.05
N SER A 132 3.21 2.38 -24.26
CA SER A 132 4.56 2.94 -24.25
C SER A 132 4.67 4.17 -23.36
N ARG A 133 3.62 4.48 -22.59
CA ARG A 133 3.59 5.66 -21.73
C ARG A 133 3.38 5.30 -20.25
N THR A 134 3.56 4.03 -19.89
CA THR A 134 3.43 3.60 -18.50
C THR A 134 4.80 3.29 -17.89
N VAL A 135 4.90 3.40 -16.56
CA VAL A 135 6.13 3.13 -15.83
C VAL A 135 5.79 2.50 -14.49
N PHE A 136 6.73 1.75 -13.90
CA PHE A 136 6.57 1.29 -12.54
C PHE A 136 7.27 2.30 -11.63
N VAL A 137 6.68 2.59 -10.48
CA VAL A 137 7.26 3.57 -9.58
C VAL A 137 7.06 3.12 -8.13
N GLY A 138 8.05 3.38 -7.28
CA GLY A 138 7.94 3.06 -5.87
C GLY A 138 7.53 4.31 -5.11
N ALA A 139 6.57 4.19 -4.19
CA ALA A 139 6.11 5.32 -3.40
C ALA A 139 5.69 4.86 -2.01
N LEU A 140 6.16 5.57 -0.98
CA LEU A 140 6.02 5.21 0.43
C LEU A 140 6.65 3.85 0.72
N HIS A 141 6.00 2.77 0.26
CA HIS A 141 6.49 1.40 0.39
C HIS A 141 5.99 0.53 -0.76
N GLY A 142 5.20 1.11 -1.67
CA GLY A 142 4.60 0.39 -2.79
C GLY A 142 3.08 0.59 -2.85
N MET A 143 2.50 1.41 -1.96
CA MET A 143 1.07 1.63 -1.93
C MET A 143 0.76 3.02 -1.37
N LEU A 144 -0.32 3.61 -1.87
CA LEU A 144 -0.86 4.90 -1.42
C LEU A 144 -2.34 4.98 -1.84
N ASN A 145 -2.96 6.14 -1.68
CA ASN A 145 -4.31 6.38 -2.19
C ASN A 145 -4.21 6.76 -3.67
N ALA A 146 -5.06 6.17 -4.52
CA ALA A 146 -4.93 6.35 -5.97
C ALA A 146 -5.37 7.74 -6.43
N GLU A 147 -6.36 8.35 -5.75
CA GLU A 147 -6.80 9.69 -6.14
C GLU A 147 -5.87 10.74 -5.54
N ALA A 148 -5.00 10.35 -4.61
CA ALA A 148 -4.03 11.26 -4.03
C ALA A 148 -2.84 11.39 -4.98
N LEU A 149 -2.47 10.31 -5.68
CA LEU A 149 -1.39 10.38 -6.65
C LEU A 149 -1.86 11.23 -7.84
N ALA A 150 -3.13 11.06 -8.23
CA ALA A 150 -3.71 11.88 -9.27
C ALA A 150 -3.74 13.36 -8.88
N ALA A 151 -3.93 13.65 -7.59
CA ALA A 151 -4.06 15.02 -7.11
C ALA A 151 -2.69 15.70 -6.99
N ILE A 152 -1.66 14.98 -6.52
CA ILE A 152 -0.36 15.61 -6.37
C ILE A 152 0.23 15.93 -7.73
N LEU A 153 -0.01 15.10 -8.76
CA LEU A 153 0.53 15.39 -10.07
C LEU A 153 -0.35 16.40 -10.82
N ASN A 154 -1.59 16.60 -10.35
CA ASN A 154 -2.45 17.65 -10.89
C ASN A 154 -1.95 19.02 -10.44
N ASP A 155 -1.22 19.09 -9.34
CA ASP A 155 -0.66 20.34 -8.84
C ASP A 155 0.86 20.44 -9.05
N LEU A 156 1.55 19.31 -9.16
CA LEU A 156 3.01 19.29 -9.28
C LEU A 156 3.47 19.37 -10.74
N PHE A 157 2.56 19.14 -11.70
CA PHE A 157 2.87 19.25 -13.11
C PHE A 157 1.68 19.78 -13.90
N GLY A 158 0.47 19.29 -13.60
CA GLY A 158 -0.74 19.79 -14.25
C GLY A 158 -1.80 18.72 -14.46
N GLY A 159 -1.44 17.43 -14.34
CA GLY A 159 -2.41 16.35 -14.49
C GLY A 159 -1.76 15.06 -15.00
N VAL A 160 -2.49 13.95 -14.82
CA VAL A 160 -2.11 12.62 -15.26
C VAL A 160 -3.37 11.85 -15.64
N VAL A 161 -3.29 10.91 -16.59
CA VAL A 161 -4.49 10.23 -17.08
C VAL A 161 -4.74 8.89 -16.38
N TYR A 162 -3.73 8.34 -15.68
CA TYR A 162 -3.93 7.13 -14.90
C TYR A 162 -2.89 7.00 -13.78
N ALA A 163 -3.33 6.54 -12.61
CA ALA A 163 -2.46 6.31 -11.48
C ALA A 163 -2.90 5.07 -10.71
N GLY A 164 -2.00 4.50 -9.90
CA GLY A 164 -2.30 3.37 -9.06
C GLY A 164 -1.06 2.96 -8.27
N ILE A 165 -1.27 2.49 -7.03
CA ILE A 165 -0.17 2.12 -6.14
C ILE A 165 -0.67 1.08 -5.13
N ASP A 166 -0.36 -0.20 -5.39
CA ASP A 166 -0.68 -1.33 -4.53
C ASP A 166 0.04 -2.55 -5.11
N THR A 167 0.08 -3.66 -4.37
CA THR A 167 0.79 -4.87 -4.78
C THR A 167 -0.07 -5.78 -5.66
N ASP A 168 0.60 -6.65 -6.42
CA ASP A 168 -0.06 -7.62 -7.29
C ASP A 168 -0.32 -8.94 -6.56
N LYS A 169 -1.56 -9.43 -6.62
CA LYS A 169 -1.90 -10.75 -6.08
C LYS A 169 -3.22 -11.23 -6.68
N HIS A 170 -3.34 -12.56 -6.84
CA HIS A 170 -4.52 -13.28 -7.34
C HIS A 170 -5.10 -12.68 -8.62
N LYS A 171 -5.89 -11.61 -8.51
CA LYS A 171 -6.51 -10.98 -9.65
C LYS A 171 -5.55 -10.04 -10.39
N TYR A 172 -4.29 -10.01 -9.94
CA TYR A 172 -3.23 -9.22 -10.54
C TYR A 172 -3.68 -7.79 -10.89
N PRO A 173 -4.28 -7.06 -9.93
CA PRO A 173 -4.92 -5.80 -10.21
C PRO A 173 -3.95 -4.66 -10.52
N ILE A 174 -2.67 -4.74 -10.12
CA ILE A 174 -1.76 -3.63 -10.37
C ILE A 174 -0.28 -4.02 -10.36
N GLY A 175 0.28 -4.35 -9.20
CA GLY A 175 1.71 -4.56 -9.01
C GLY A 175 2.47 -3.26 -8.86
N SER A 176 2.88 -2.96 -7.62
CA SER A 176 3.64 -1.77 -7.27
C SER A 176 2.93 -0.49 -7.73
N GLY A 177 3.67 0.63 -7.78
CA GLY A 177 3.12 1.86 -8.33
C GLY A 177 3.18 1.82 -9.84
N ARG A 178 2.14 2.36 -10.48
CA ARG A 178 2.05 2.44 -11.93
C ARG A 178 1.37 3.76 -12.30
N VAL A 179 1.86 4.40 -13.36
CA VAL A 179 1.35 5.70 -13.79
C VAL A 179 1.48 5.82 -15.30
N THR A 180 0.53 6.51 -15.95
CA THR A 180 0.51 6.63 -17.40
C THR A 180 0.08 8.03 -17.81
N PHE A 181 0.64 8.52 -18.92
CA PHE A 181 0.41 9.84 -19.48
C PHE A 181 0.10 9.75 -20.97
N ASN A 182 -0.19 10.89 -21.60
CA ASN A 182 -0.55 10.96 -23.01
C ASN A 182 0.57 11.54 -23.88
N ASN A 183 1.68 11.95 -23.26
CA ASN A 183 2.85 12.46 -23.98
C ASN A 183 4.13 12.10 -23.23
N GLN A 184 5.28 12.18 -23.90
CA GLN A 184 6.55 11.75 -23.33
C GLN A 184 7.16 12.77 -22.36
N ARG A 185 6.72 14.03 -22.38
CA ARG A 185 7.31 15.06 -21.54
C ARG A 185 6.80 14.93 -20.11
N SER A 186 5.48 14.77 -19.95
CA SER A 186 4.89 14.61 -18.63
C SER A 186 5.16 13.19 -18.11
N TYR A 187 5.50 12.28 -19.02
CA TYR A 187 5.82 10.89 -18.70
C TYR A 187 7.07 10.82 -17.82
N LEU A 188 8.25 11.16 -18.36
CA LEU A 188 9.46 10.96 -17.58
C LEU A 188 9.63 12.04 -16.51
N LYS A 189 9.05 13.23 -16.73
CA LYS A 189 9.23 14.34 -15.81
C LYS A 189 8.46 14.10 -14.52
N ALA A 190 7.32 13.42 -14.60
CA ALA A 190 6.52 13.18 -13.40
C ALA A 190 7.15 12.06 -12.58
N VAL A 191 7.54 10.96 -13.24
CA VAL A 191 8.11 9.83 -12.53
C VAL A 191 9.47 10.15 -11.93
N SER A 192 10.13 11.21 -12.41
CA SER A 192 11.50 11.48 -12.02
C SER A 192 11.75 12.92 -11.55
N ALA A 193 10.67 13.68 -11.31
CA ALA A 193 10.78 15.00 -10.71
C ALA A 193 9.69 15.19 -9.64
N ALA A 194 8.89 14.16 -9.39
CA ALA A 194 7.89 14.21 -8.33
C ALA A 194 8.49 13.85 -6.97
N PHE A 195 9.78 14.11 -6.79
CA PHE A 195 10.52 13.76 -5.57
C PHE A 195 10.15 14.67 -4.39
N VAL A 196 9.09 15.48 -4.54
CA VAL A 196 8.64 16.40 -3.51
C VAL A 196 8.20 15.65 -2.26
N GLU A 197 8.32 16.28 -1.09
CA GLU A 197 7.88 15.70 0.17
C GLU A 197 6.38 15.90 0.34
N ILE A 198 5.67 14.85 0.76
CA ILE A 198 4.23 14.86 0.88
C ILE A 198 3.82 14.16 2.18
N LYS A 199 2.72 14.60 2.78
CA LYS A 199 2.18 13.98 3.99
C LYS A 199 0.67 13.88 3.92
N THR A 200 0.14 12.92 4.69
CA THR A 200 -1.30 12.67 4.81
C THR A 200 -1.68 12.63 6.29
N THR A 201 -0.87 13.24 7.15
CA THR A 201 -0.98 13.20 8.60
C THR A 201 -0.91 11.79 9.17
N LYS A 202 -0.49 10.81 8.36
CA LYS A 202 -0.33 9.43 8.77
C LYS A 202 1.00 8.83 8.29
N PHE A 203 1.62 9.45 7.28
CA PHE A 203 2.90 8.99 6.74
C PHE A 203 3.54 10.13 5.95
N THR A 204 4.77 9.91 5.50
CA THR A 204 5.47 10.83 4.62
C THR A 204 5.92 10.06 3.38
N LYS A 205 5.68 10.61 2.18
CA LYS A 205 5.93 9.86 0.95
C LYS A 205 6.66 10.67 -0.12
N LYS A 206 7.25 9.93 -1.06
CA LYS A 206 7.94 10.40 -2.25
C LYS A 206 7.68 9.38 -3.37
N VAL A 207 8.26 9.57 -4.55
CA VAL A 207 8.15 8.60 -5.64
C VAL A 207 9.45 8.53 -6.44
N GLN A 208 9.72 7.38 -7.07
CA GLN A 208 10.94 7.17 -7.86
C GLN A 208 10.61 6.41 -9.15
N ILE A 209 11.20 6.83 -10.27
CA ILE A 209 11.08 6.14 -11.56
C ILE A 209 11.75 4.77 -11.51
N ASP A 210 11.14 3.78 -12.19
CA ASP A 210 11.69 2.43 -12.29
C ASP A 210 11.20 1.79 -13.60
N PRO A 211 12.10 1.53 -14.57
CA PRO A 211 11.74 0.98 -15.86
C PRO A 211 11.39 -0.51 -15.78
N TYR A 212 10.68 -1.00 -16.80
CA TYR A 212 10.32 -2.40 -16.92
C TYR A 212 11.54 -3.24 -17.30
N LEU A 213 11.39 -4.58 -17.27
CA LEU A 213 12.46 -5.51 -17.60
C LEU A 213 12.97 -5.27 -19.01
N MET A 1 0.74 27.22 -8.23
CA MET A 1 1.05 25.88 -8.76
C MET A 1 0.45 24.80 -7.86
N THR A 2 0.85 24.76 -6.59
CA THR A 2 0.35 23.75 -5.65
C THR A 2 -0.99 24.18 -5.06
N TRP A 3 -1.81 23.19 -4.64
CA TRP A 3 -3.11 23.43 -4.05
C TRP A 3 -3.50 22.25 -3.16
N SER A 4 -4.58 22.40 -2.38
CA SER A 4 -5.03 21.37 -1.46
C SER A 4 -6.53 21.44 -1.20
N GLY A 5 -7.09 20.36 -0.64
CA GLY A 5 -8.47 20.33 -0.20
C GLY A 5 -9.49 20.16 -1.33
N GLN A 6 -9.08 19.63 -2.48
CA GLN A 6 -9.97 19.48 -3.63
C GLN A 6 -9.94 18.06 -4.20
N LEU A 7 -9.63 17.07 -3.37
CA LEU A 7 -9.53 15.68 -3.81
C LEU A 7 -10.66 14.83 -3.24
N PRO A 8 -11.10 13.81 -3.99
CA PRO A 8 -12.22 12.93 -3.63
C PRO A 8 -11.78 11.85 -2.65
N PRO A 9 -12.75 11.25 -1.93
CA PRO A 9 -12.54 10.13 -1.03
C PRO A 9 -12.43 8.82 -1.82
N ARG A 10 -12.46 7.68 -1.12
CA ARG A 10 -12.41 6.36 -1.72
C ARG A 10 -13.53 5.48 -1.17
N ASN A 11 -14.47 5.12 -2.04
CA ASN A 11 -15.60 4.26 -1.71
C ASN A 11 -16.05 3.49 -2.95
N TYR A 12 -16.71 2.35 -2.75
CA TYR A 12 -17.24 1.54 -3.85
C TYR A 12 -18.43 0.71 -3.36
N LYS A 13 -19.24 0.20 -4.30
CA LYS A 13 -20.45 -0.55 -3.98
C LYS A 13 -20.13 -1.98 -3.56
N ASN A 14 -21.00 -2.56 -2.73
CA ASN A 14 -20.86 -3.91 -2.20
C ASN A 14 -19.43 -4.17 -1.68
N PRO A 15 -18.94 -3.34 -0.75
CA PRO A 15 -17.58 -3.39 -0.25
C PRO A 15 -17.32 -4.59 0.66
N ILE A 16 -16.05 -4.96 0.73
CA ILE A 16 -15.55 -6.03 1.57
C ILE A 16 -14.28 -5.54 2.24
N TYR A 17 -14.14 -5.87 3.53
CA TYR A 17 -13.10 -5.30 4.37
C TYR A 17 -12.25 -6.36 5.06
N SER A 18 -10.98 -6.00 5.30
CA SER A 18 -9.97 -6.84 5.92
C SER A 18 -9.74 -8.17 5.22
N CYS A 19 -10.14 -8.32 3.95
CA CYS A 19 -9.96 -9.57 3.24
C CYS A 19 -8.47 -9.93 3.12
N LYS A 20 -7.59 -8.94 3.32
CA LYS A 20 -6.15 -9.15 3.35
C LYS A 20 -5.52 -8.08 4.23
N VAL A 21 -4.33 -8.36 4.78
CA VAL A 21 -3.71 -7.48 5.78
C VAL A 21 -2.19 -7.47 5.68
N PHE A 22 -1.60 -6.42 6.26
CA PHE A 22 -0.16 -6.28 6.45
C PHE A 22 0.16 -6.50 7.92
N LEU A 23 1.33 -7.09 8.20
CA LEU A 23 1.80 -7.31 9.55
C LEU A 23 3.27 -6.91 9.64
N GLY A 24 3.55 -5.83 10.38
CA GLY A 24 4.91 -5.34 10.58
C GLY A 24 5.57 -6.02 11.76
N GLY A 25 6.80 -5.61 12.09
CA GLY A 25 7.54 -6.23 13.19
C GLY A 25 8.06 -7.60 12.77
N VAL A 26 7.82 -8.60 13.63
CA VAL A 26 8.24 -9.98 13.45
C VAL A 26 9.68 -10.13 12.94
N PRO A 27 10.66 -9.44 13.55
CA PRO A 27 12.05 -9.47 13.12
C PRO A 27 12.73 -10.79 13.49
N TRP A 28 12.07 -11.63 14.28
CA TRP A 28 12.60 -12.91 14.71
C TRP A 28 12.67 -13.88 13.53
N ASP A 29 13.41 -14.98 13.69
CA ASP A 29 13.56 -15.96 12.62
C ASP A 29 12.23 -16.65 12.34
N ILE A 30 11.72 -16.51 11.10
CA ILE A 30 10.45 -17.08 10.69
C ILE A 30 10.47 -17.43 9.20
N THR A 31 9.42 -18.12 8.75
CA THR A 31 9.25 -18.52 7.36
C THR A 31 7.77 -18.45 6.99
N GLU A 32 7.10 -17.37 7.42
CA GLU A 32 5.66 -17.17 7.26
C GLU A 32 4.85 -18.27 7.95
N ALA A 33 5.48 -19.11 8.77
CA ALA A 33 4.78 -20.14 9.52
C ALA A 33 4.03 -19.53 10.69
N GLY A 34 4.44 -18.34 11.13
CA GLY A 34 3.81 -17.66 12.25
C GLY A 34 2.41 -17.20 11.87
N LEU A 35 2.26 -16.61 10.68
CA LEU A 35 0.95 -16.11 10.26
C LEU A 35 0.04 -17.23 9.76
N VAL A 36 0.61 -18.30 9.17
CA VAL A 36 -0.20 -19.38 8.64
C VAL A 36 -0.78 -20.25 9.77
N ASN A 37 -0.19 -20.18 10.96
CA ASN A 37 -0.68 -20.96 12.09
C ASN A 37 -1.47 -20.12 13.10
N THR A 38 -1.32 -18.79 13.11
CA THR A 38 -1.97 -17.96 14.12
C THR A 38 -3.21 -17.25 13.58
N PHE A 39 -3.45 -17.34 12.25
CA PHE A 39 -4.60 -16.67 11.65
C PHE A 39 -5.47 -17.67 10.90
N ARG A 40 -5.11 -18.95 10.92
CA ARG A 40 -5.87 -19.97 10.24
C ARG A 40 -6.88 -20.58 11.20
N VAL A 41 -8.10 -20.77 10.71
CA VAL A 41 -9.23 -21.33 11.44
C VAL A 41 -9.82 -22.49 10.64
N PHE A 42 -8.95 -23.46 10.30
CA PHE A 42 -9.23 -24.61 9.45
C PHE A 42 -9.84 -24.26 8.09
N GLY A 43 -9.90 -22.97 7.76
CA GLY A 43 -10.34 -22.49 6.46
C GLY A 43 -9.15 -22.30 5.53
N SER A 44 -9.33 -21.49 4.48
CA SER A 44 -8.27 -21.18 3.54
C SER A 44 -7.19 -20.31 4.20
N LEU A 45 -5.96 -20.39 3.70
CA LEU A 45 -4.87 -19.54 4.15
C LEU A 45 -3.82 -19.50 3.04
N SER A 46 -3.40 -18.30 2.65
CA SER A 46 -2.34 -18.13 1.67
C SER A 46 -1.29 -17.18 2.24
N VAL A 47 -0.05 -17.66 2.34
CA VAL A 47 1.05 -16.85 2.83
C VAL A 47 1.47 -15.90 1.71
N GLU A 48 2.03 -14.75 2.05
CA GLU A 48 2.48 -13.81 1.04
C GLU A 48 3.85 -13.22 1.38
N TRP A 49 4.68 -13.14 0.35
CA TRP A 49 6.08 -12.74 0.39
C TRP A 49 6.40 -12.10 -0.96
N PRO A 50 7.41 -11.23 -1.07
CA PRO A 50 7.69 -10.51 -2.31
C PRO A 50 8.41 -11.43 -3.30
N GLY A 51 9.06 -10.84 -4.32
CA GLY A 51 9.72 -11.58 -5.39
C GLY A 51 10.83 -12.51 -4.90
N LYS A 52 11.13 -12.51 -3.60
CA LYS A 52 12.10 -13.42 -3.01
C LYS A 52 11.48 -14.81 -2.80
N ASP A 53 10.18 -14.94 -3.09
CA ASP A 53 9.45 -16.19 -2.96
C ASP A 53 9.97 -17.23 -3.96
N GLY A 54 9.63 -18.50 -3.72
CA GLY A 54 10.10 -19.61 -4.54
C GLY A 54 11.50 -20.08 -4.13
N LYS A 55 12.07 -19.43 -3.10
CA LYS A 55 13.38 -19.75 -2.55
C LYS A 55 13.33 -19.64 -1.03
N HIS A 56 14.34 -20.18 -0.35
CA HIS A 56 14.42 -20.12 1.09
C HIS A 56 14.69 -18.67 1.53
N PRO A 57 14.06 -18.20 2.61
CA PRO A 57 14.19 -16.81 3.07
C PRO A 57 15.60 -16.52 3.62
N ARG A 58 16.42 -17.55 3.81
CA ARG A 58 17.80 -17.44 4.28
C ARG A 58 17.92 -16.63 5.58
N CYS A 59 16.89 -16.69 6.42
CA CYS A 59 16.82 -15.98 7.69
C CYS A 59 17.18 -14.50 7.53
N PRO A 60 16.23 -13.66 7.09
CA PRO A 60 16.47 -12.26 6.80
C PRO A 60 16.73 -11.48 8.08
N PRO A 61 17.47 -10.36 7.99
CA PRO A 61 17.85 -9.53 9.12
C PRO A 61 16.67 -8.69 9.62
N LYS A 62 15.60 -8.59 8.83
CA LYS A 62 14.42 -7.79 9.18
C LYS A 62 13.14 -8.60 8.91
N GLY A 63 12.05 -8.19 9.54
CA GLY A 63 10.78 -8.90 9.48
C GLY A 63 9.83 -8.35 8.42
N TYR A 64 8.61 -8.01 8.86
CA TYR A 64 7.48 -7.63 8.04
C TYR A 64 7.02 -8.77 7.13
N VAL A 65 5.77 -9.20 7.26
CA VAL A 65 5.21 -10.35 6.54
C VAL A 65 3.80 -10.03 6.04
N TYR A 66 3.29 -10.79 5.06
CA TYR A 66 2.02 -10.46 4.43
C TYR A 66 1.05 -11.63 4.44
N LEU A 67 -0.25 -11.35 4.26
CA LEU A 67 -1.27 -12.39 4.39
C LEU A 67 -2.49 -12.13 3.50
N VAL A 68 -3.06 -13.21 2.96
CA VAL A 68 -4.29 -13.18 2.17
C VAL A 68 -5.11 -14.44 2.49
N PHE A 69 -6.42 -14.29 2.69
CA PHE A 69 -7.33 -15.40 2.93
C PHE A 69 -8.79 -14.98 2.73
N GLU A 70 -9.72 -15.92 2.95
CA GLU A 70 -11.15 -15.68 2.77
C GLU A 70 -11.92 -15.72 4.09
N LEU A 71 -11.21 -15.63 5.22
CA LEU A 71 -11.81 -15.72 6.54
C LEU A 71 -12.07 -14.32 7.10
N GLU A 72 -13.06 -13.62 6.55
CA GLU A 72 -13.40 -12.28 7.00
C GLU A 72 -13.89 -12.29 8.46
N LYS A 73 -14.32 -13.46 8.96
CA LYS A 73 -14.78 -13.54 10.35
C LYS A 73 -13.59 -13.64 11.30
N SER A 74 -12.50 -14.29 10.87
CA SER A 74 -11.34 -14.46 11.72
C SER A 74 -10.54 -13.16 11.75
N VAL A 75 -10.38 -12.50 10.61
CA VAL A 75 -9.62 -11.28 10.52
C VAL A 75 -10.29 -10.18 11.33
N ARG A 76 -11.63 -10.13 11.32
CA ARG A 76 -12.33 -9.11 12.08
C ARG A 76 -12.30 -9.45 13.56
N SER A 77 -12.05 -10.73 13.90
CA SER A 77 -11.89 -11.10 15.30
C SER A 77 -10.67 -10.39 15.90
N LEU A 78 -9.54 -10.36 15.19
CA LEU A 78 -8.36 -9.66 15.71
C LEU A 78 -8.24 -8.21 15.22
N LEU A 79 -9.04 -7.79 14.23
CA LEU A 79 -9.12 -6.38 13.88
C LEU A 79 -9.98 -5.66 14.92
N GLN A 80 -10.67 -6.43 15.77
CA GLN A 80 -11.47 -5.89 16.86
C GLN A 80 -10.89 -6.24 18.23
N ALA A 81 -10.01 -7.24 18.30
CA ALA A 81 -9.46 -7.69 19.57
C ALA A 81 -7.99 -7.29 19.75
N CYS A 82 -7.21 -7.26 18.66
CA CYS A 82 -5.87 -6.68 18.73
C CYS A 82 -6.00 -5.17 18.48
N SER A 83 -5.19 -4.34 19.13
CA SER A 83 -5.37 -2.89 19.05
C SER A 83 -4.17 -2.10 19.55
N HIS A 84 -4.12 -0.82 19.17
CA HIS A 84 -3.14 0.13 19.68
C HIS A 84 -3.63 1.57 19.45
N ASP A 85 -3.96 1.89 18.19
CA ASP A 85 -4.43 3.21 17.80
C ASP A 85 -5.22 3.07 16.50
N PRO A 86 -6.51 2.75 16.60
CA PRO A 86 -7.34 2.37 15.47
C PRO A 86 -7.66 3.52 14.50
N LEU A 87 -7.14 4.73 14.74
CA LEU A 87 -7.36 5.85 13.83
C LEU A 87 -6.23 6.87 13.87
N SER A 88 -6.25 7.79 12.90
CA SER A 88 -5.27 8.85 12.75
C SER A 88 -5.97 10.10 12.19
N PRO A 89 -5.27 11.23 12.05
CA PRO A 89 -5.78 12.40 11.34
C PRO A 89 -6.13 12.09 9.89
N ASP A 90 -5.70 10.91 9.41
CA ASP A 90 -5.97 10.39 8.08
C ASP A 90 -6.82 9.12 8.20
N GLY A 91 -7.27 8.57 7.06
CA GLY A 91 -8.08 7.36 7.01
C GLY A 91 -7.35 6.11 7.48
N LEU A 92 -6.17 6.27 8.09
CA LEU A 92 -5.35 5.17 8.58
C LEU A 92 -5.95 4.54 9.84
N SER A 93 -5.70 3.24 10.03
CA SER A 93 -6.04 2.51 11.24
C SER A 93 -4.89 1.57 11.58
N GLU A 94 -4.61 1.37 12.87
CA GLU A 94 -3.49 0.54 13.29
C GLU A 94 -3.82 -0.24 14.56
N TYR A 95 -3.25 -1.44 14.67
CA TYR A 95 -3.52 -2.35 15.78
C TYR A 95 -2.24 -3.10 16.11
N TYR A 96 -2.08 -3.57 17.36
CA TYR A 96 -0.91 -4.32 17.79
C TYR A 96 -1.29 -5.66 18.43
N PHE A 97 -0.39 -6.63 18.22
CA PHE A 97 -0.40 -7.96 18.82
C PHE A 97 1.05 -8.39 19.00
N LYS A 98 1.34 -9.67 19.25
CA LYS A 98 2.72 -10.17 19.23
C LYS A 98 2.79 -11.65 18.90
N MET A 99 3.99 -12.09 18.55
CA MET A 99 4.28 -13.47 18.16
C MET A 99 5.41 -14.02 19.02
N SER A 100 5.81 -15.28 18.78
CA SER A 100 6.91 -15.90 19.52
C SER A 100 7.77 -16.78 18.61
N SER A 101 9.08 -16.71 18.82
CA SER A 101 10.10 -17.49 18.12
C SER A 101 11.39 -17.39 18.91
N ARG A 102 12.52 -17.78 18.33
CA ARG A 102 13.82 -17.65 19.01
C ARG A 102 14.03 -16.18 19.37
N ARG A 103 14.53 -15.93 20.58
CA ARG A 103 14.59 -14.59 21.15
C ARG A 103 15.90 -13.86 20.84
N MET A 104 15.78 -12.55 20.68
CA MET A 104 16.90 -11.63 20.55
C MET A 104 16.47 -10.25 21.07
N ARG A 105 15.18 -9.94 20.92
CA ARG A 105 14.53 -8.71 21.36
C ARG A 105 13.07 -9.03 21.69
N CYS A 106 12.31 -8.05 22.15
CA CYS A 106 10.92 -8.24 22.55
C CYS A 106 10.07 -7.11 21.97
N LYS A 107 8.93 -7.44 21.37
CA LYS A 107 8.17 -6.46 20.62
C LYS A 107 6.70 -6.85 20.47
N GLU A 108 5.94 -5.93 19.90
CA GLU A 108 4.58 -6.15 19.43
C GLU A 108 4.57 -5.90 17.92
N VAL A 109 3.81 -6.70 17.18
CA VAL A 109 3.77 -6.64 15.73
C VAL A 109 2.77 -5.58 15.27
N GLN A 110 3.06 -4.92 14.16
CA GLN A 110 2.17 -3.93 13.58
C GLN A 110 1.09 -4.67 12.80
N VAL A 111 -0.12 -4.13 12.76
CA VAL A 111 -1.21 -4.72 12.00
C VAL A 111 -2.02 -3.62 11.32
N ILE A 112 -2.24 -3.76 10.00
CA ILE A 112 -3.01 -2.78 9.23
C ILE A 112 -3.86 -3.54 8.22
N PRO A 113 -5.18 -3.32 8.23
CA PRO A 113 -6.12 -3.97 7.34
C PRO A 113 -6.23 -3.26 5.99
N TRP A 114 -6.85 -3.93 5.03
CA TRP A 114 -7.21 -3.32 3.75
C TRP A 114 -8.42 -4.01 3.13
N VAL A 115 -9.03 -3.37 2.14
CA VAL A 115 -10.20 -3.89 1.46
C VAL A 115 -9.83 -4.91 0.38
N LEU A 116 -10.86 -5.59 -0.14
CA LEU A 116 -10.73 -6.58 -1.19
C LEU A 116 -10.44 -5.91 -2.53
N ALA A 117 -10.99 -4.70 -2.73
CA ALA A 117 -10.98 -4.03 -4.01
C ALA A 117 -9.59 -3.56 -4.43
N ASP A 118 -9.44 -3.35 -5.74
CA ASP A 118 -8.21 -2.89 -6.35
C ASP A 118 -7.93 -1.43 -6.00
N SER A 119 -6.68 -1.00 -6.12
CA SER A 119 -6.25 0.33 -5.70
C SER A 119 -5.58 1.13 -6.81
N ASN A 120 -5.49 0.59 -8.02
CA ASN A 120 -4.94 1.31 -9.17
C ASN A 120 -6.02 1.59 -10.19
N PHE A 121 -6.02 2.81 -10.76
CA PHE A 121 -7.07 3.26 -11.66
C PHE A 121 -6.68 4.58 -12.34
N VAL A 122 -7.40 4.95 -13.39
CA VAL A 122 -7.36 6.24 -14.05
C VAL A 122 -8.67 6.41 -14.83
N ARG A 123 -9.08 7.66 -15.03
CA ARG A 123 -10.33 8.00 -15.70
C ARG A 123 -10.09 8.36 -17.18
N SER A 124 -8.84 8.62 -17.54
CA SER A 124 -8.44 8.92 -18.90
C SER A 124 -8.36 7.64 -19.74
N PRO A 125 -8.27 7.76 -21.07
CA PRO A 125 -8.12 6.63 -21.97
C PRO A 125 -6.88 5.80 -21.62
N SER A 126 -6.86 4.55 -22.06
CA SER A 126 -5.79 3.60 -21.75
C SER A 126 -5.23 2.93 -23.00
N GLN A 127 -5.57 3.46 -24.19
CA GLN A 127 -5.14 2.91 -25.47
C GLN A 127 -3.79 3.48 -25.91
N ARG A 128 -3.09 4.18 -25.01
CA ARG A 128 -1.81 4.83 -25.32
C ARG A 128 -0.70 4.37 -24.37
N LEU A 129 -0.93 3.29 -23.62
CA LEU A 129 0.06 2.75 -22.69
C LEU A 129 1.24 2.18 -23.46
N ASP A 130 2.45 2.30 -22.89
CA ASP A 130 3.66 1.77 -23.50
C ASP A 130 4.72 1.54 -22.43
N PRO A 131 5.52 0.46 -22.51
CA PRO A 131 6.54 0.16 -21.53
C PRO A 131 7.62 1.23 -21.38
N SER A 132 7.78 2.09 -22.39
CA SER A 132 8.77 3.16 -22.37
C SER A 132 8.18 4.45 -21.81
N ARG A 133 6.96 4.38 -21.26
CA ARG A 133 6.27 5.52 -20.69
C ARG A 133 5.82 5.22 -19.27
N THR A 134 6.43 4.20 -18.64
CA THR A 134 6.04 3.72 -17.32
C THR A 134 7.20 3.91 -16.37
N VAL A 135 6.90 4.26 -15.12
CA VAL A 135 7.92 4.50 -14.11
C VAL A 135 7.32 4.34 -12.72
N PHE A 136 8.16 4.12 -11.70
CA PHE A 136 7.65 3.99 -10.35
C PHE A 136 8.10 5.17 -9.50
N VAL A 137 7.34 5.47 -8.45
CA VAL A 137 7.55 6.66 -7.65
C VAL A 137 7.38 6.38 -6.16
N GLY A 138 7.83 7.33 -5.35
CA GLY A 138 7.79 7.24 -3.90
C GLY A 138 7.80 8.62 -3.27
N ALA A 139 8.46 8.74 -2.11
CA ALA A 139 8.51 9.94 -1.29
C ALA A 139 7.15 10.31 -0.66
N LEU A 140 6.19 9.37 -0.64
CA LEU A 140 4.94 9.53 0.08
C LEU A 140 4.41 8.19 0.56
N HIS A 141 3.52 8.22 1.55
CA HIS A 141 2.85 7.04 2.09
C HIS A 141 1.46 7.43 2.55
N GLY A 142 0.48 6.57 2.34
CA GLY A 142 -0.90 6.87 2.71
C GLY A 142 -1.93 6.21 1.79
N MET A 143 -1.47 5.41 0.82
CA MET A 143 -2.31 4.62 -0.08
C MET A 143 -3.59 5.33 -0.50
N LEU A 144 -3.48 6.59 -0.91
CA LEU A 144 -4.63 7.40 -1.31
C LEU A 144 -5.19 6.94 -2.66
N ASN A 145 -6.34 7.51 -3.06
CA ASN A 145 -7.07 7.06 -4.24
C ASN A 145 -6.32 7.35 -5.54
N ALA A 146 -6.31 6.38 -6.46
CA ALA A 146 -5.66 6.54 -7.75
C ALA A 146 -6.41 7.55 -8.62
N GLU A 147 -7.70 7.74 -8.34
CA GLU A 147 -8.49 8.76 -9.03
C GLU A 147 -8.03 10.15 -8.58
N ALA A 148 -7.47 10.23 -7.37
CA ALA A 148 -6.94 11.49 -6.87
C ALA A 148 -5.57 11.76 -7.49
N LEU A 149 -4.83 10.73 -7.91
CA LEU A 149 -3.59 10.94 -8.64
C LEU A 149 -3.95 11.46 -10.05
N ALA A 150 -4.94 10.82 -10.68
CA ALA A 150 -5.39 11.23 -12.01
C ALA A 150 -5.82 12.70 -12.01
N ALA A 151 -6.35 13.19 -10.88
CA ALA A 151 -6.83 14.56 -10.80
C ALA A 151 -5.68 15.56 -10.65
N ILE A 152 -4.67 15.24 -9.83
CA ILE A 152 -3.56 16.17 -9.64
C ILE A 152 -2.63 16.15 -10.84
N LEU A 153 -2.65 15.07 -11.63
CA LEU A 153 -1.82 14.97 -12.82
C LEU A 153 -2.52 15.63 -14.01
N ASN A 154 -3.84 15.78 -13.94
CA ASN A 154 -4.58 16.43 -15.01
C ASN A 154 -4.74 17.94 -14.73
N ASP A 155 -4.44 18.38 -13.51
CA ASP A 155 -4.58 19.80 -13.16
C ASP A 155 -3.23 20.49 -12.93
N LEU A 156 -2.17 19.75 -12.58
CA LEU A 156 -0.88 20.35 -12.34
C LEU A 156 -0.15 20.63 -13.65
N PHE A 157 0.11 19.57 -14.43
CA PHE A 157 0.76 19.68 -15.74
C PHE A 157 0.48 18.43 -16.56
N GLY A 158 0.13 18.60 -17.84
CA GLY A 158 -0.12 17.48 -18.73
C GLY A 158 -1.34 16.66 -18.31
N GLY A 159 -1.23 15.34 -18.45
CA GLY A 159 -2.27 14.38 -18.10
C GLY A 159 -1.71 12.97 -18.11
N VAL A 160 -2.39 12.05 -17.42
CA VAL A 160 -1.93 10.67 -17.25
C VAL A 160 -2.95 9.68 -17.84
N VAL A 161 -2.51 8.44 -18.09
CA VAL A 161 -3.37 7.41 -18.67
C VAL A 161 -3.48 6.18 -17.76
N TYR A 162 -2.62 6.07 -16.74
CA TYR A 162 -2.76 5.05 -15.71
C TYR A 162 -2.04 5.53 -14.45
N ALA A 163 -2.65 5.39 -13.27
CA ALA A 163 -2.06 5.92 -12.05
C ALA A 163 -2.08 4.92 -10.89
N GLY A 164 -1.11 5.11 -9.99
CA GLY A 164 -0.98 4.39 -8.74
C GLY A 164 0.02 5.12 -7.85
N ILE A 165 -0.26 5.18 -6.55
CA ILE A 165 0.56 5.89 -5.59
C ILE A 165 0.48 5.17 -4.25
N ASP A 166 1.58 4.53 -3.87
CA ASP A 166 1.63 3.67 -2.70
C ASP A 166 0.67 2.49 -2.87
N THR A 167 0.01 2.41 -4.03
CA THR A 167 -0.94 1.36 -4.40
C THR A 167 -0.42 0.54 -5.58
N ASP A 168 -0.79 -0.74 -5.63
CA ASP A 168 -0.35 -1.64 -6.70
C ASP A 168 -1.51 -2.53 -7.17
N LYS A 169 -1.35 -3.19 -8.32
CA LYS A 169 -2.39 -3.96 -8.97
C LYS A 169 -2.57 -5.37 -8.37
N HIS A 170 -1.48 -6.02 -7.97
CA HIS A 170 -1.58 -7.38 -7.41
C HIS A 170 -0.41 -7.74 -6.49
N LYS A 171 0.66 -6.93 -6.44
CA LYS A 171 1.76 -7.14 -5.51
C LYS A 171 1.33 -6.57 -4.16
N TYR A 172 0.16 -7.05 -3.70
CA TYR A 172 -0.61 -6.50 -2.59
C TYR A 172 -1.10 -5.11 -2.98
N PRO A 173 -2.33 -4.72 -2.62
CA PRO A 173 -2.94 -3.48 -3.06
C PRO A 173 -2.14 -2.22 -2.72
N ILE A 174 -1.13 -2.31 -1.85
CA ILE A 174 -0.32 -1.16 -1.46
C ILE A 174 1.15 -1.52 -1.27
N GLY A 175 1.98 -0.48 -1.11
CA GLY A 175 3.39 -0.61 -0.81
C GLY A 175 4.30 0.16 -1.78
N SER A 176 3.74 0.78 -2.82
CA SER A 176 4.57 1.47 -3.81
C SER A 176 3.75 2.30 -4.81
N GLY A 177 4.37 3.26 -5.49
CA GLY A 177 3.69 4.05 -6.50
C GLY A 177 4.17 3.72 -7.91
N ARG A 178 3.28 3.81 -8.91
CA ARG A 178 3.63 3.57 -10.31
C ARG A 178 2.67 4.33 -11.22
N VAL A 179 3.17 4.85 -12.33
CA VAL A 179 2.36 5.67 -13.23
C VAL A 179 2.81 5.45 -14.68
N THR A 180 1.89 5.65 -15.63
CA THR A 180 2.17 5.52 -17.06
C THR A 180 1.54 6.68 -17.83
N PHE A 181 2.24 7.16 -18.86
CA PHE A 181 1.88 8.33 -19.64
C PHE A 181 1.76 8.01 -21.13
N ASN A 182 1.37 9.03 -21.91
CA ASN A 182 1.24 8.92 -23.35
C ASN A 182 2.17 9.90 -24.08
N ASN A 183 2.93 10.69 -23.31
CA ASN A 183 3.85 11.69 -23.84
C ASN A 183 5.08 11.75 -22.93
N GLN A 184 6.28 11.85 -23.52
CA GLN A 184 7.51 11.82 -22.78
C GLN A 184 7.72 13.11 -21.97
N ARG A 185 7.12 14.22 -22.42
CA ARG A 185 7.28 15.49 -21.73
C ARG A 185 6.51 15.50 -20.42
N SER A 186 5.25 15.04 -20.44
CA SER A 186 4.43 14.98 -19.25
C SER A 186 4.89 13.84 -18.33
N TYR A 187 5.56 12.84 -18.92
CA TYR A 187 6.07 11.68 -18.21
C TYR A 187 7.08 12.11 -17.16
N LEU A 188 8.28 12.55 -17.57
CA LEU A 188 9.31 12.79 -16.58
C LEU A 188 9.11 14.11 -15.84
N LYS A 189 8.41 15.08 -16.44
CA LYS A 189 8.27 16.39 -15.82
C LYS A 189 7.25 16.35 -14.70
N ALA A 190 6.31 15.40 -14.72
CA ALA A 190 5.36 15.30 -13.63
C ALA A 190 6.00 14.53 -12.47
N VAL A 191 6.65 13.41 -12.77
CA VAL A 191 7.20 12.55 -11.72
C VAL A 191 8.43 13.13 -11.04
N SER A 192 9.07 14.14 -11.64
CA SER A 192 10.34 14.64 -11.15
C SER A 192 10.37 16.14 -10.92
N ALA A 193 9.38 16.87 -11.43
CA ALA A 193 9.31 18.31 -11.25
C ALA A 193 8.00 18.74 -10.59
N ALA A 194 7.17 17.78 -10.17
CA ALA A 194 5.99 18.12 -9.37
C ALA A 194 6.41 18.38 -7.92
N PHE A 195 7.07 19.52 -7.68
CA PHE A 195 7.53 19.92 -6.35
C PHE A 195 6.39 20.45 -5.49
N VAL A 196 5.16 20.06 -5.80
CA VAL A 196 3.96 20.51 -5.09
C VAL A 196 3.90 19.95 -3.67
N GLU A 197 3.01 20.52 -2.86
CA GLU A 197 2.77 20.13 -1.48
C GLU A 197 1.28 19.88 -1.29
N ILE A 198 0.77 18.85 -1.97
CA ILE A 198 -0.65 18.52 -2.03
C ILE A 198 -1.13 18.03 -0.68
N LYS A 199 -2.41 18.23 -0.38
CA LYS A 199 -3.05 17.68 0.81
C LYS A 199 -4.46 17.22 0.51
N THR A 200 -4.79 16.05 1.05
CA THR A 200 -6.13 15.46 1.05
C THR A 200 -6.25 14.63 2.32
N THR A 201 -7.42 14.65 2.96
CA THR A 201 -7.62 13.98 4.24
C THR A 201 -6.49 14.30 5.22
N LYS A 202 -5.86 15.46 5.05
CA LYS A 202 -4.77 15.95 5.89
C LYS A 202 -3.60 14.97 5.99
N PHE A 203 -3.30 14.24 4.91
CA PHE A 203 -2.22 13.25 4.93
C PHE A 203 -0.95 13.78 4.28
N THR A 204 -1.07 14.86 3.50
CA THR A 204 -0.01 15.46 2.69
C THR A 204 0.58 14.51 1.66
N LYS A 205 0.87 15.04 0.46
CA LYS A 205 1.42 14.25 -0.64
C LYS A 205 2.52 14.99 -1.40
N LYS A 206 3.52 14.22 -1.81
CA LYS A 206 4.64 14.65 -2.65
C LYS A 206 4.95 13.49 -3.60
N VAL A 207 5.85 13.68 -4.56
CA VAL A 207 6.23 12.60 -5.48
C VAL A 207 7.69 12.72 -5.89
N GLN A 208 8.34 11.58 -6.10
CA GLN A 208 9.71 11.52 -6.61
C GLN A 208 9.87 10.33 -7.55
N ILE A 209 10.56 10.55 -8.68
CA ILE A 209 10.78 9.55 -9.70
C ILE A 209 11.80 8.49 -9.28
N ASP A 210 11.59 7.26 -9.77
CA ASP A 210 12.53 6.17 -9.70
C ASP A 210 12.48 5.45 -11.06
N PRO A 211 13.51 5.64 -11.90
CA PRO A 211 13.55 5.15 -13.27
C PRO A 211 13.26 3.66 -13.42
N TYR A 212 12.66 3.31 -14.56
CA TYR A 212 12.29 1.93 -14.88
C TYR A 212 13.53 1.13 -15.29
N LEU A 213 13.54 -0.17 -14.97
CA LEU A 213 14.63 -1.07 -15.30
C LEU A 213 14.13 -2.51 -15.44
#